data_2LN3
#
_entry.id   2LN3
#
_entity_poly.entity_id   1
_entity_poly.type   'polypeptide(L)'
_entity_poly.pdbx_seq_one_letter_code
;MGLTRTITSQNKEELLEIALKFISQGLDLEVEFDSTDDKEIEEFERDMEDLAKKTGVQIQKQWQGNKLRIRLKGSLEHHH
HHH
;
_entity_poly.pdbx_strand_id   A
#
# COMPACT_ATOMS: atom_id res chain seq x y z
N MET A 1 4.05 -5.14 15.44
CA MET A 1 5.48 -4.75 15.47
C MET A 1 6.11 -4.94 14.09
N GLY A 2 7.12 -4.14 13.76
CA GLY A 2 7.82 -4.23 12.48
C GLY A 2 8.31 -2.86 12.03
N LEU A 3 9.35 -2.87 11.19
CA LEU A 3 9.92 -1.63 10.63
C LEU A 3 9.21 -1.34 9.30
N THR A 4 8.36 -0.30 9.30
CA THR A 4 7.63 0.14 8.10
C THR A 4 8.62 0.74 7.08
N ARG A 5 9.27 -0.16 6.33
CA ARG A 5 10.26 0.19 5.30
C ARG A 5 9.59 0.93 4.12
N THR A 6 10.43 1.67 3.37
CA THR A 6 9.98 2.50 2.25
C THR A 6 10.62 1.95 0.96
N ILE A 7 9.80 1.27 0.16
CA ILE A 7 10.24 0.67 -1.12
C ILE A 7 9.85 1.61 -2.27
N THR A 8 10.85 2.19 -2.94
CA THR A 8 10.61 3.09 -4.09
C THR A 8 10.96 2.32 -5.37
N SER A 9 9.94 1.95 -6.15
CA SER A 9 10.10 1.16 -7.37
C SER A 9 9.27 1.77 -8.50
N GLN A 10 9.79 1.62 -9.72
CA GLN A 10 9.15 2.10 -10.95
C GLN A 10 8.21 1.01 -11.52
N ASN A 11 8.15 -0.14 -10.83
CA ASN A 11 7.23 -1.24 -11.14
C ASN A 11 6.24 -1.39 -9.97
N LYS A 12 4.95 -1.12 -10.23
CA LYS A 12 3.90 -1.23 -9.19
C LYS A 12 3.53 -2.69 -8.89
N GLU A 13 3.76 -3.60 -9.84
CA GLU A 13 3.31 -5.02 -9.73
C GLU A 13 4.00 -5.74 -8.56
N GLU A 14 5.34 -5.63 -8.52
CA GLU A 14 6.15 -6.17 -7.42
C GLU A 14 5.69 -5.58 -6.07
N LEU A 15 5.30 -4.29 -6.09
CA LEU A 15 4.86 -3.56 -4.88
C LEU A 15 3.55 -4.16 -4.35
N LEU A 16 2.71 -4.70 -5.27
CA LEU A 16 1.41 -5.30 -4.92
C LEU A 16 1.62 -6.66 -4.20
N GLU A 17 2.55 -7.46 -4.75
CA GLU A 17 2.89 -8.80 -4.21
C GLU A 17 3.58 -8.69 -2.82
N ILE A 18 4.58 -7.79 -2.72
CA ILE A 18 5.31 -7.50 -1.46
C ILE A 18 4.35 -6.92 -0.41
N ALA A 19 3.36 -6.13 -0.90
CA ALA A 19 2.29 -5.57 -0.07
C ALA A 19 1.52 -6.70 0.64
N LEU A 20 0.95 -7.59 -0.19
CA LEU A 20 0.15 -8.74 0.28
C LEU A 20 0.96 -9.60 1.28
N LYS A 21 2.28 -9.75 1.01
CA LYS A 21 3.21 -10.46 1.90
C LYS A 21 3.20 -9.84 3.31
N PHE A 22 3.35 -8.51 3.40
CA PHE A 22 3.47 -7.79 4.69
C PHE A 22 2.13 -7.79 5.43
N ILE A 23 1.05 -7.50 4.72
CA ILE A 23 -0.28 -7.31 5.33
C ILE A 23 -0.81 -8.67 5.84
N SER A 24 -0.53 -9.75 5.07
CA SER A 24 -0.90 -11.15 5.44
C SER A 24 -0.24 -11.56 6.78
N GLN A 25 1.00 -11.10 7.00
CA GLN A 25 1.73 -11.32 8.26
C GLN A 25 1.17 -10.41 9.39
N GLY A 26 0.58 -9.26 9.01
CA GLY A 26 0.06 -8.27 9.97
C GLY A 26 1.05 -7.15 10.22
N LEU A 27 1.78 -6.79 9.15
CA LEU A 27 2.85 -5.77 9.17
C LEU A 27 2.41 -4.54 8.38
N ASP A 28 2.93 -3.38 8.78
CA ASP A 28 2.74 -2.12 8.04
C ASP A 28 3.88 -1.99 7.01
N LEU A 29 3.54 -1.54 5.80
CA LEU A 29 4.51 -1.40 4.70
C LEU A 29 4.29 -0.03 4.04
N GLU A 30 5.37 0.60 3.58
CA GLU A 30 5.28 1.85 2.82
C GLU A 30 5.95 1.64 1.46
N VAL A 31 5.21 1.90 0.40
CA VAL A 31 5.70 1.81 -0.99
C VAL A 31 5.42 3.13 -1.72
N GLU A 32 6.27 3.46 -2.69
CA GLU A 32 6.12 4.63 -3.55
C GLU A 32 6.37 4.19 -4.99
N PHE A 33 5.37 4.42 -5.85
CA PHE A 33 5.45 4.11 -7.26
C PHE A 33 6.10 5.30 -8.00
N ASP A 34 7.33 5.08 -8.49
CA ASP A 34 8.11 6.10 -9.20
C ASP A 34 7.76 6.08 -10.70
N SER A 35 6.65 6.75 -11.04
CA SER A 35 6.18 6.93 -12.43
C SER A 35 5.15 8.05 -12.49
N THR A 36 5.06 8.69 -13.65
CA THR A 36 4.10 9.76 -13.94
C THR A 36 3.10 9.29 -15.02
N ASP A 37 2.96 7.97 -15.21
CA ASP A 37 2.01 7.40 -16.18
C ASP A 37 0.69 7.08 -15.46
N ASP A 38 -0.37 7.86 -15.77
CA ASP A 38 -1.70 7.74 -15.14
C ASP A 38 -2.25 6.30 -15.13
N LYS A 39 -2.08 5.58 -16.26
CA LYS A 39 -2.64 4.23 -16.44
C LYS A 39 -2.03 3.20 -15.46
N GLU A 40 -0.71 3.27 -15.30
CA GLU A 40 0.04 2.41 -14.36
C GLU A 40 -0.31 2.77 -12.90
N ILE A 41 -0.47 4.10 -12.64
CA ILE A 41 -0.87 4.63 -11.32
C ILE A 41 -2.29 4.15 -10.96
N GLU A 42 -3.20 4.08 -11.97
CA GLU A 42 -4.58 3.59 -11.78
C GLU A 42 -4.57 2.18 -11.17
N GLU A 43 -3.75 1.30 -11.79
CA GLU A 43 -3.60 -0.11 -11.38
C GLU A 43 -3.00 -0.22 -9.97
N PHE A 44 -2.03 0.68 -9.67
CA PHE A 44 -1.37 0.74 -8.36
C PHE A 44 -2.40 1.08 -7.27
N GLU A 45 -3.18 2.14 -7.50
CA GLU A 45 -4.22 2.61 -6.58
C GLU A 45 -5.26 1.53 -6.32
N ARG A 46 -5.97 1.11 -7.39
CA ARG A 46 -7.14 0.22 -7.28
C ARG A 46 -6.77 -1.13 -6.63
N ASP A 47 -5.57 -1.66 -6.94
CA ASP A 47 -5.10 -2.92 -6.35
C ASP A 47 -4.70 -2.76 -4.86
N MET A 48 -4.09 -1.61 -4.48
CA MET A 48 -3.74 -1.33 -3.07
C MET A 48 -5.01 -1.11 -2.21
N GLU A 49 -5.98 -0.41 -2.79
CA GLU A 49 -7.31 -0.20 -2.20
C GLU A 49 -8.03 -1.54 -2.07
N ASP A 50 -7.93 -2.37 -3.13
CA ASP A 50 -8.60 -3.69 -3.19
C ASP A 50 -8.01 -4.61 -2.12
N LEU A 51 -6.69 -4.54 -1.96
CA LEU A 51 -5.96 -5.26 -0.91
C LEU A 51 -6.48 -4.86 0.47
N ALA A 52 -6.55 -3.54 0.70
CA ALA A 52 -7.02 -2.94 1.97
C ALA A 52 -8.44 -3.41 2.32
N LYS A 53 -9.32 -3.45 1.30
CA LYS A 53 -10.71 -3.93 1.43
C LYS A 53 -10.74 -5.41 1.89
N LYS A 54 -10.08 -6.29 1.11
CA LYS A 54 -10.05 -7.75 1.35
C LYS A 54 -9.43 -8.10 2.72
N THR A 55 -8.48 -7.28 3.18
CA THR A 55 -7.78 -7.51 4.46
C THR A 55 -8.42 -6.71 5.62
N GLY A 56 -9.32 -5.75 5.29
CA GLY A 56 -10.00 -4.93 6.30
C GLY A 56 -9.11 -3.85 6.92
N VAL A 57 -8.04 -3.45 6.21
CA VAL A 57 -7.11 -2.40 6.68
C VAL A 57 -7.36 -1.10 5.88
N GLN A 58 -6.67 0.00 6.27
CA GLN A 58 -6.74 1.29 5.53
C GLN A 58 -5.40 1.59 4.85
N ILE A 59 -5.40 2.62 3.97
CA ILE A 59 -4.18 3.08 3.27
C ILE A 59 -3.95 4.58 3.53
N GLN A 60 -2.80 5.08 3.10
CA GLN A 60 -2.44 6.51 3.16
C GLN A 60 -1.82 6.90 1.81
N LYS A 61 -2.60 7.57 0.94
CA LYS A 61 -2.11 8.09 -0.35
C LYS A 61 -1.48 9.47 -0.13
N GLN A 62 -0.25 9.65 -0.61
CA GLN A 62 0.47 10.91 -0.58
C GLN A 62 1.20 11.09 -1.92
N TRP A 63 0.89 12.18 -2.64
CA TRP A 63 1.57 12.51 -3.89
C TRP A 63 2.85 13.32 -3.59
N GLN A 64 4.00 12.69 -3.84
CA GLN A 64 5.33 13.24 -3.61
C GLN A 64 5.84 13.72 -4.97
N GLY A 65 5.69 15.03 -5.23
CA GLY A 65 5.98 15.61 -6.54
C GLY A 65 4.93 15.23 -7.57
N ASN A 66 5.00 13.97 -8.02
CA ASN A 66 4.01 13.35 -8.92
C ASN A 66 4.18 11.82 -8.87
N LYS A 67 4.73 11.34 -7.74
CA LYS A 67 5.03 9.93 -7.48
C LYS A 67 4.19 9.49 -6.28
N LEU A 68 3.33 8.50 -6.50
CA LEU A 68 2.28 8.15 -5.53
C LEU A 68 2.84 7.18 -4.47
N ARG A 69 3.02 7.71 -3.26
CA ARG A 69 3.42 6.94 -2.08
C ARG A 69 2.17 6.48 -1.31
N ILE A 70 1.95 5.15 -1.25
CA ILE A 70 0.84 4.57 -0.48
C ILE A 70 1.43 3.78 0.71
N ARG A 71 1.10 4.24 1.94
CA ARG A 71 1.46 3.53 3.18
C ARG A 71 0.26 2.66 3.60
N LEU A 72 0.52 1.36 3.69
CA LEU A 72 -0.47 0.33 4.05
C LEU A 72 -0.31 0.01 5.54
N LYS A 73 -1.42 -0.03 6.29
CA LYS A 73 -1.40 -0.32 7.74
C LYS A 73 -2.01 -1.70 8.05
N GLY A 74 -1.16 -2.71 7.86
CA GLY A 74 -1.50 -4.12 8.14
C GLY A 74 -2.00 -4.34 9.56
N SER A 75 -1.33 -3.67 10.51
CA SER A 75 -1.77 -3.64 11.92
C SER A 75 -2.37 -2.25 12.23
N LEU A 76 -3.69 -2.13 11.96
CA LEU A 76 -4.46 -0.88 12.19
C LEU A 76 -4.63 -0.67 13.72
N GLU A 77 -5.53 -1.46 14.35
CA GLU A 77 -5.68 -1.53 15.82
C GLU A 77 -6.18 -2.94 16.24
N HIS A 78 -7.46 -3.08 16.64
CA HIS A 78 -7.95 -4.32 17.30
C HIS A 78 -9.27 -4.85 16.69
N HIS A 79 -9.96 -4.07 15.83
CA HIS A 79 -11.31 -4.44 15.36
C HIS A 79 -11.25 -5.71 14.48
N HIS A 80 -11.92 -6.79 14.92
CA HIS A 80 -11.94 -8.09 14.21
C HIS A 80 -13.19 -8.18 13.32
N HIS A 81 -13.96 -7.08 13.26
CA HIS A 81 -15.10 -6.92 12.33
C HIS A 81 -14.57 -7.04 10.90
N HIS A 82 -15.22 -7.94 10.11
CA HIS A 82 -14.80 -8.31 8.73
C HIS A 82 -14.32 -7.11 7.91
N HIS A 83 -15.10 -6.03 7.95
CA HIS A 83 -14.74 -4.74 7.35
C HIS A 83 -15.17 -3.61 8.33
N MET A 1 10.02 -7.04 14.73
CA MET A 1 10.76 -6.74 13.47
C MET A 1 9.82 -6.03 12.47
N GLY A 2 8.81 -5.31 13.02
CA GLY A 2 7.80 -4.65 12.21
C GLY A 2 8.22 -3.25 11.75
N LEU A 3 9.24 -3.21 10.88
CA LEU A 3 9.74 -1.95 10.29
C LEU A 3 8.91 -1.57 9.05
N THR A 4 8.33 -0.35 9.09
CA THR A 4 7.57 0.24 7.98
C THR A 4 8.56 0.89 6.99
N ARG A 5 9.30 0.00 6.28
CA ARG A 5 10.31 0.39 5.29
C ARG A 5 9.67 1.04 4.05
N THR A 6 10.51 1.70 3.23
CA THR A 6 10.09 2.36 2.00
C THR A 6 10.59 1.56 0.79
N ILE A 7 9.65 1.09 -0.04
CA ILE A 7 9.96 0.33 -1.26
C ILE A 7 9.71 1.22 -2.50
N THR A 8 10.78 1.75 -3.09
CA THR A 8 10.70 2.64 -4.25
C THR A 8 10.92 1.80 -5.52
N SER A 9 9.82 1.54 -6.26
CA SER A 9 9.84 0.67 -7.45
C SER A 9 9.00 1.29 -8.57
N GLN A 10 9.48 1.10 -9.81
CA GLN A 10 8.78 1.51 -11.04
C GLN A 10 7.86 0.37 -11.54
N ASN A 11 7.90 -0.79 -10.87
CA ASN A 11 7.02 -1.93 -11.16
C ASN A 11 5.97 -2.04 -10.04
N LYS A 12 4.70 -1.72 -10.37
CA LYS A 12 3.60 -1.73 -9.39
C LYS A 12 3.08 -3.15 -9.09
N GLU A 13 3.37 -4.13 -9.98
CA GLU A 13 3.01 -5.55 -9.76
C GLU A 13 3.68 -6.08 -8.47
N GLU A 14 5.03 -5.96 -8.41
CA GLU A 14 5.83 -6.43 -7.27
C GLU A 14 5.48 -5.66 -5.99
N LEU A 15 5.03 -4.40 -6.14
CA LEU A 15 4.59 -3.57 -5.01
C LEU A 15 3.34 -4.17 -4.35
N LEU A 16 2.44 -4.78 -5.17
CA LEU A 16 1.20 -5.42 -4.68
C LEU A 16 1.51 -6.74 -3.95
N GLU A 17 2.44 -7.51 -4.54
CA GLU A 17 2.87 -8.81 -4.00
C GLU A 17 3.56 -8.66 -2.61
N ILE A 18 4.59 -7.80 -2.56
CA ILE A 18 5.39 -7.55 -1.33
C ILE A 18 4.54 -6.79 -0.29
N ALA A 19 3.54 -6.02 -0.77
CA ALA A 19 2.51 -5.41 0.09
C ALA A 19 1.75 -6.49 0.88
N LEU A 20 1.10 -7.41 0.13
CA LEU A 20 0.31 -8.52 0.68
C LEU A 20 1.16 -9.40 1.62
N LYS A 21 2.47 -9.49 1.30
CA LYS A 21 3.45 -10.23 2.13
C LYS A 21 3.57 -9.62 3.54
N PHE A 22 3.67 -8.28 3.61
CA PHE A 22 3.79 -7.55 4.90
C PHE A 22 2.46 -7.55 5.65
N ILE A 23 1.34 -7.40 4.91
CA ILE A 23 -0.01 -7.32 5.52
C ILE A 23 -0.41 -8.72 6.07
N SER A 24 0.05 -9.79 5.37
CA SER A 24 -0.18 -11.20 5.79
C SER A 24 0.58 -11.54 7.10
N GLN A 25 1.64 -10.76 7.40
CA GLN A 25 2.39 -10.84 8.66
C GLN A 25 1.80 -9.91 9.74
N GLY A 26 0.89 -9.01 9.29
CA GLY A 26 0.33 -7.96 10.15
C GLY A 26 1.35 -6.88 10.43
N LEU A 27 2.02 -6.41 9.36
CA LEU A 27 3.05 -5.35 9.41
C LEU A 27 2.62 -4.17 8.55
N ASP A 28 2.83 -2.96 9.07
CA ASP A 28 2.71 -1.72 8.29
C ASP A 28 3.89 -1.62 7.32
N LEU A 29 3.60 -1.17 6.09
CA LEU A 29 4.59 -1.06 5.01
C LEU A 29 4.30 0.22 4.24
N GLU A 30 5.33 0.93 3.77
CA GLU A 30 5.12 2.12 2.93
C GLU A 30 5.85 1.92 1.60
N VAL A 31 5.08 1.92 0.52
CA VAL A 31 5.62 1.78 -0.85
C VAL A 31 5.55 3.14 -1.54
N GLU A 32 6.54 3.43 -2.38
CA GLU A 32 6.54 4.60 -3.26
C GLU A 32 6.60 4.11 -4.71
N PHE A 33 5.52 4.37 -5.46
CA PHE A 33 5.46 4.03 -6.87
C PHE A 33 6.13 5.15 -7.67
N ASP A 34 7.34 4.85 -8.14
CA ASP A 34 8.17 5.81 -8.87
C ASP A 34 7.76 5.85 -10.36
N SER A 35 6.68 6.59 -10.63
CA SER A 35 6.14 6.81 -11.99
C SER A 35 5.09 7.92 -11.95
N THR A 36 5.10 8.76 -13.00
CA THR A 36 4.10 9.80 -13.23
C THR A 36 3.12 9.39 -14.35
N ASP A 37 3.12 8.10 -14.74
CA ASP A 37 2.27 7.60 -15.82
C ASP A 37 0.85 7.38 -15.28
N ASP A 38 -0.10 8.18 -15.81
CA ASP A 38 -1.53 8.18 -15.42
C ASP A 38 -2.14 6.76 -15.33
N LYS A 39 -1.85 5.92 -16.34
CA LYS A 39 -2.45 4.59 -16.51
C LYS A 39 -2.00 3.65 -15.37
N GLU A 40 -0.68 3.61 -15.16
CA GLU A 40 -0.05 2.77 -14.14
C GLU A 40 -0.45 3.17 -12.72
N ILE A 41 -0.63 4.48 -12.50
CA ILE A 41 -1.09 5.04 -11.22
C ILE A 41 -2.55 4.62 -10.93
N GLU A 42 -3.43 4.63 -11.97
CA GLU A 42 -4.84 4.20 -11.83
C GLU A 42 -4.92 2.73 -11.38
N GLU A 43 -4.10 1.87 -12.02
CA GLU A 43 -4.01 0.44 -11.70
C GLU A 43 -3.48 0.22 -10.27
N PHE A 44 -2.49 1.04 -9.88
CA PHE A 44 -1.82 0.91 -8.57
C PHE A 44 -2.80 1.28 -7.44
N GLU A 45 -3.58 2.35 -7.67
CA GLU A 45 -4.62 2.82 -6.74
C GLU A 45 -5.68 1.74 -6.52
N ARG A 46 -6.31 1.30 -7.64
CA ARG A 46 -7.45 0.36 -7.59
C ARG A 46 -7.06 -0.92 -6.83
N ASP A 47 -5.85 -1.45 -7.13
CA ASP A 47 -5.34 -2.70 -6.53
C ASP A 47 -4.87 -2.54 -5.06
N MET A 48 -4.34 -1.36 -4.67
CA MET A 48 -3.94 -1.10 -3.26
C MET A 48 -5.18 -0.93 -2.36
N GLU A 49 -6.21 -0.26 -2.91
CA GLU A 49 -7.52 -0.11 -2.26
C GLU A 49 -8.22 -1.48 -2.18
N ASP A 50 -8.20 -2.22 -3.30
CA ASP A 50 -8.80 -3.57 -3.45
C ASP A 50 -8.17 -4.54 -2.44
N LEU A 51 -6.84 -4.48 -2.35
CA LEU A 51 -6.04 -5.24 -1.37
C LEU A 51 -6.47 -4.88 0.05
N ALA A 52 -6.64 -3.57 0.32
CA ALA A 52 -7.06 -3.06 1.63
C ALA A 52 -8.43 -3.60 2.06
N LYS A 53 -9.40 -3.62 1.12
CA LYS A 53 -10.73 -4.22 1.38
C LYS A 53 -10.59 -5.73 1.70
N LYS A 54 -9.88 -6.46 0.82
CA LYS A 54 -9.70 -7.93 0.93
C LYS A 54 -8.97 -8.34 2.22
N THR A 55 -8.05 -7.48 2.70
CA THR A 55 -7.25 -7.76 3.90
C THR A 55 -7.83 -7.08 5.15
N GLY A 56 -8.87 -6.23 4.97
CA GLY A 56 -9.56 -5.56 6.10
C GLY A 56 -8.76 -4.41 6.72
N VAL A 57 -7.89 -3.77 5.91
CA VAL A 57 -7.12 -2.58 6.31
C VAL A 57 -7.52 -1.37 5.44
N GLN A 58 -6.87 -0.21 5.70
CA GLN A 58 -7.01 1.00 4.85
C GLN A 58 -5.63 1.58 4.53
N ILE A 59 -5.57 2.40 3.46
CA ILE A 59 -4.31 2.95 2.93
C ILE A 59 -4.26 4.48 3.12
N GLN A 60 -3.11 5.09 2.77
CA GLN A 60 -2.93 6.55 2.78
C GLN A 60 -2.08 6.95 1.57
N LYS A 61 -2.75 7.48 0.53
CA LYS A 61 -2.10 7.94 -0.70
C LYS A 61 -1.43 9.32 -0.46
N GLN A 62 -0.11 9.36 -0.63
CA GLN A 62 0.69 10.60 -0.51
C GLN A 62 1.48 10.81 -1.81
N TRP A 63 1.08 11.82 -2.58
CA TRP A 63 1.83 12.23 -3.78
C TRP A 63 3.11 12.95 -3.37
N GLN A 64 4.23 12.21 -3.39
CA GLN A 64 5.57 12.74 -3.06
C GLN A 64 6.33 12.99 -4.37
N GLY A 65 6.37 14.27 -4.80
CA GLY A 65 7.04 14.67 -6.05
C GLY A 65 6.38 14.09 -7.30
N ASN A 66 5.02 14.16 -7.33
CA ASN A 66 4.16 13.57 -8.40
C ASN A 66 4.27 12.03 -8.47
N LYS A 67 4.82 11.40 -7.40
CA LYS A 67 4.98 9.93 -7.33
C LYS A 67 4.02 9.42 -6.26
N LEU A 68 3.25 8.37 -6.59
CA LEU A 68 2.17 7.91 -5.72
C LEU A 68 2.74 6.98 -4.63
N ARG A 69 3.13 7.61 -3.51
CA ARG A 69 3.66 6.92 -2.33
C ARG A 69 2.49 6.56 -1.40
N ILE A 70 2.14 5.27 -1.34
CA ILE A 70 0.98 4.79 -0.57
C ILE A 70 1.49 4.08 0.69
N ARG A 71 0.99 4.52 1.85
CA ARG A 71 1.30 3.89 3.13
C ARG A 71 0.17 2.89 3.46
N LEU A 72 0.59 1.66 3.68
CA LEU A 72 -0.26 0.53 4.02
C LEU A 72 -0.12 0.26 5.53
N LYS A 73 -1.22 -0.13 6.18
CA LYS A 73 -1.18 -0.65 7.57
C LYS A 73 -1.49 -2.16 7.54
N GLY A 74 -0.85 -2.91 8.44
CA GLY A 74 -1.09 -4.35 8.57
C GLY A 74 -2.24 -4.63 9.53
N SER A 75 -2.38 -3.74 10.52
CA SER A 75 -3.45 -3.78 11.51
C SER A 75 -4.23 -2.45 11.47
N LEU A 76 -5.52 -2.52 11.12
CA LEU A 76 -6.41 -1.35 11.15
C LEU A 76 -6.95 -1.18 12.58
N GLU A 77 -6.76 0.03 13.10
CA GLU A 77 -7.29 0.48 14.41
C GLU A 77 -8.84 0.38 14.42
N HIS A 78 -9.41 -0.32 15.42
CA HIS A 78 -10.88 -0.50 15.51
C HIS A 78 -11.43 0.12 16.80
N HIS A 79 -11.76 1.42 16.73
CA HIS A 79 -12.59 2.09 17.74
C HIS A 79 -14.03 1.60 17.56
N HIS A 80 -14.67 1.16 18.65
CA HIS A 80 -16.02 0.57 18.61
C HIS A 80 -17.08 1.64 18.21
N HIS A 81 -17.42 1.66 16.91
CA HIS A 81 -18.32 2.65 16.31
C HIS A 81 -19.09 2.01 15.13
N HIS A 82 -20.31 1.54 15.41
CA HIS A 82 -21.20 0.95 14.40
C HIS A 82 -22.67 1.21 14.80
N HIS A 83 -23.36 2.02 14.01
CA HIS A 83 -24.80 2.30 14.20
C HIS A 83 -25.64 1.25 13.42
N MET A 1 15.67 3.06 12.55
CA MET A 1 15.25 2.89 11.14
C MET A 1 13.72 2.91 11.06
N GLY A 2 13.19 3.17 9.85
CA GLY A 2 11.75 3.08 9.60
C GLY A 2 11.31 1.63 9.55
N LEU A 3 10.66 1.17 10.64
CA LEU A 3 10.09 -0.20 10.73
C LEU A 3 9.09 -0.39 9.57
N THR A 4 8.28 0.65 9.34
CA THR A 4 7.51 0.81 8.11
C THR A 4 8.48 1.32 7.01
N ARG A 5 9.15 0.37 6.30
CA ARG A 5 10.13 0.71 5.25
C ARG A 5 9.44 1.28 4.00
N THR A 6 10.25 1.80 3.06
CA THR A 6 9.75 2.43 1.82
C THR A 6 10.35 1.68 0.61
N ILE A 7 9.46 1.05 -0.18
CA ILE A 7 9.84 0.35 -1.41
C ILE A 7 9.42 1.18 -2.63
N THR A 8 10.41 1.73 -3.36
CA THR A 8 10.16 2.60 -4.52
C THR A 8 10.45 1.79 -5.79
N SER A 9 9.39 1.36 -6.49
CA SER A 9 9.49 0.48 -7.66
C SER A 9 8.60 1.00 -8.79
N GLN A 10 9.03 0.76 -10.03
CA GLN A 10 8.29 1.15 -11.25
C GLN A 10 7.34 0.00 -11.68
N ASN A 11 7.29 -1.09 -10.88
CA ASN A 11 6.35 -2.21 -11.07
C ASN A 11 5.40 -2.26 -9.85
N LYS A 12 4.12 -1.90 -10.07
CA LYS A 12 3.09 -1.86 -9.00
C LYS A 12 2.67 -3.28 -8.56
N GLU A 13 2.87 -4.29 -9.44
CA GLU A 13 2.44 -5.68 -9.19
C GLU A 13 3.23 -6.30 -8.01
N GLU A 14 4.57 -6.19 -8.07
CA GLU A 14 5.45 -6.72 -7.00
C GLU A 14 5.22 -5.94 -5.69
N LEU A 15 4.82 -4.65 -5.81
CA LEU A 15 4.48 -3.81 -4.65
C LEU A 15 3.25 -4.39 -3.92
N LEU A 16 2.33 -5.01 -4.68
CA LEU A 16 1.13 -5.69 -4.15
C LEU A 16 1.50 -6.99 -3.42
N GLU A 17 2.41 -7.77 -4.05
CA GLU A 17 2.87 -9.08 -3.52
C GLU A 17 3.62 -8.90 -2.18
N ILE A 18 4.59 -7.97 -2.15
CA ILE A 18 5.40 -7.69 -0.95
C ILE A 18 4.52 -7.00 0.13
N ALA A 19 3.50 -6.24 -0.32
CA ALA A 19 2.48 -5.67 0.57
C ALA A 19 1.74 -6.78 1.33
N LEU A 20 1.20 -7.74 0.56
CA LEU A 20 0.36 -8.84 1.08
C LEU A 20 1.11 -9.64 2.16
N LYS A 21 2.40 -9.90 1.92
CA LYS A 21 3.23 -10.69 2.86
C LYS A 21 3.47 -9.89 4.15
N PHE A 22 3.54 -8.52 4.06
CA PHE A 22 3.73 -7.65 5.25
C PHE A 22 2.45 -7.64 6.09
N ILE A 23 1.29 -7.50 5.43
CA ILE A 23 -0.02 -7.45 6.12
C ILE A 23 -0.31 -8.81 6.78
N SER A 24 0.16 -9.89 6.13
CA SER A 24 0.09 -11.27 6.65
C SER A 24 0.95 -11.46 7.92
N GLN A 25 2.01 -10.64 8.05
CA GLN A 25 2.89 -10.65 9.24
C GLN A 25 2.39 -9.62 10.29
N GLY A 26 1.32 -8.86 9.93
CA GLY A 26 0.72 -7.85 10.80
C GLY A 26 1.48 -6.53 10.83
N LEU A 27 2.32 -6.33 9.81
CA LEU A 27 3.27 -5.21 9.71
C LEU A 27 2.75 -4.12 8.76
N ASP A 28 3.13 -2.86 9.04
CA ASP A 28 2.92 -1.73 8.12
C ASP A 28 4.03 -1.75 7.04
N LEU A 29 3.69 -1.24 5.85
CA LEU A 29 4.61 -1.15 4.72
C LEU A 29 4.25 0.08 3.87
N GLU A 30 5.21 1.02 3.73
CA GLU A 30 5.07 2.15 2.82
C GLU A 30 5.68 1.76 1.46
N VAL A 31 4.92 1.92 0.39
CA VAL A 31 5.35 1.67 -1.00
C VAL A 31 5.08 2.91 -1.85
N GLU A 32 5.92 3.12 -2.85
CA GLU A 32 5.82 4.22 -3.79
C GLU A 32 5.99 3.68 -5.20
N PHE A 33 5.02 4.00 -6.05
CA PHE A 33 5.08 3.73 -7.47
C PHE A 33 5.88 4.85 -8.14
N ASP A 34 7.12 4.54 -8.53
CA ASP A 34 8.03 5.48 -9.17
C ASP A 34 7.66 5.63 -10.67
N SER A 35 6.71 6.55 -10.93
CA SER A 35 6.25 6.89 -12.28
C SER A 35 5.38 8.15 -12.27
N THR A 36 5.37 8.85 -13.40
CA THR A 36 4.50 10.00 -13.66
C THR A 36 3.50 9.67 -14.80
N ASP A 37 3.39 8.35 -15.15
CA ASP A 37 2.46 7.89 -16.18
C ASP A 37 1.07 7.74 -15.54
N ASP A 38 0.15 8.67 -15.90
CA ASP A 38 -1.21 8.77 -15.32
C ASP A 38 -1.96 7.42 -15.29
N LYS A 39 -1.81 6.62 -16.37
CA LYS A 39 -2.53 5.34 -16.52
C LYS A 39 -2.06 4.34 -15.45
N GLU A 40 -0.72 4.17 -15.35
CA GLU A 40 -0.10 3.19 -14.44
C GLU A 40 -0.24 3.62 -12.97
N ILE A 41 -0.31 4.96 -12.75
CA ILE A 41 -0.61 5.56 -11.44
C ILE A 41 -2.03 5.14 -10.99
N GLU A 42 -3.00 5.22 -11.92
CA GLU A 42 -4.40 4.82 -11.66
C GLU A 42 -4.50 3.32 -11.38
N GLU A 43 -3.63 2.53 -12.03
CA GLU A 43 -3.48 1.10 -11.75
C GLU A 43 -3.05 0.89 -10.28
N PHE A 44 -1.99 1.59 -9.84
CA PHE A 44 -1.47 1.47 -8.45
C PHE A 44 -2.55 1.89 -7.41
N GLU A 45 -3.37 2.90 -7.77
CA GLU A 45 -4.53 3.35 -6.98
C GLU A 45 -5.52 2.19 -6.71
N ARG A 46 -6.12 1.69 -7.80
CA ARG A 46 -7.23 0.72 -7.76
C ARG A 46 -6.79 -0.63 -7.18
N ASP A 47 -5.55 -1.04 -7.52
CA ASP A 47 -4.90 -2.26 -6.99
C ASP A 47 -4.70 -2.20 -5.47
N MET A 48 -4.19 -1.06 -4.95
CA MET A 48 -3.93 -0.89 -3.48
C MET A 48 -5.24 -0.77 -2.68
N GLU A 49 -6.27 -0.16 -3.28
CA GLU A 49 -7.63 -0.08 -2.69
C GLU A 49 -8.26 -1.47 -2.58
N ASP A 50 -8.20 -2.22 -3.70
CA ASP A 50 -8.73 -3.59 -3.82
C ASP A 50 -8.06 -4.53 -2.81
N LEU A 51 -6.71 -4.44 -2.76
CA LEU A 51 -5.88 -5.23 -1.84
C LEU A 51 -6.23 -4.93 -0.38
N ALA A 52 -6.43 -3.62 -0.06
CA ALA A 52 -6.78 -3.16 1.30
C ALA A 52 -8.12 -3.78 1.77
N LYS A 53 -9.10 -3.83 0.86
CA LYS A 53 -10.41 -4.48 1.10
C LYS A 53 -10.20 -5.98 1.42
N LYS A 54 -9.45 -6.65 0.52
CA LYS A 54 -9.18 -8.10 0.60
C LYS A 54 -8.34 -8.50 1.82
N THR A 55 -7.59 -7.53 2.39
CA THR A 55 -6.76 -7.74 3.59
C THR A 55 -7.48 -7.25 4.87
N GLY A 56 -8.53 -6.41 4.71
CA GLY A 56 -9.25 -5.83 5.86
C GLY A 56 -8.50 -4.68 6.53
N VAL A 57 -7.65 -3.99 5.76
CA VAL A 57 -6.87 -2.82 6.24
C VAL A 57 -7.30 -1.54 5.48
N GLN A 58 -6.72 -0.40 5.89
CA GLN A 58 -6.91 0.90 5.19
C GLN A 58 -5.61 1.33 4.52
N ILE A 59 -5.73 2.29 3.61
CA ILE A 59 -4.59 2.85 2.85
C ILE A 59 -4.31 4.28 3.29
N GLN A 60 -3.17 4.82 2.86
CA GLN A 60 -2.82 6.23 3.06
C GLN A 60 -2.11 6.72 1.79
N LYS A 61 -2.87 7.43 0.93
CA LYS A 61 -2.35 7.96 -0.33
C LYS A 61 -1.66 9.30 -0.06
N GLN A 62 -0.37 9.36 -0.37
CA GLN A 62 0.46 10.55 -0.23
C GLN A 62 1.23 10.76 -1.54
N TRP A 63 0.82 11.79 -2.30
CA TRP A 63 1.60 12.25 -3.45
C TRP A 63 2.89 12.88 -2.92
N GLN A 64 4.01 12.27 -3.26
CA GLN A 64 5.33 12.68 -2.81
C GLN A 64 5.97 13.44 -3.99
N GLY A 65 5.62 14.74 -4.09
CA GLY A 65 5.99 15.59 -5.23
C GLY A 65 5.12 15.29 -6.45
N ASN A 66 5.50 14.23 -7.19
CA ASN A 66 4.83 13.80 -8.45
C ASN A 66 4.84 12.26 -8.59
N LYS A 67 5.31 11.57 -7.53
CA LYS A 67 5.34 10.10 -7.49
C LYS A 67 4.31 9.65 -6.45
N LEU A 68 3.46 8.68 -6.83
CA LEU A 68 2.33 8.26 -5.99
C LEU A 68 2.81 7.25 -4.94
N ARG A 69 2.76 7.64 -3.67
CA ARG A 69 3.26 6.85 -2.54
C ARG A 69 2.10 6.47 -1.62
N ILE A 70 1.74 5.18 -1.59
CA ILE A 70 0.63 4.67 -0.77
C ILE A 70 1.21 3.81 0.36
N ARG A 71 0.93 4.19 1.61
CA ARG A 71 1.30 3.41 2.80
C ARG A 71 0.12 2.52 3.20
N LEU A 72 0.42 1.25 3.46
CA LEU A 72 -0.54 0.27 3.94
C LEU A 72 -0.23 0.01 5.42
N LYS A 73 -1.27 -0.06 6.24
CA LYS A 73 -1.16 -0.39 7.68
C LYS A 73 -1.56 -1.83 7.91
N GLY A 74 -0.93 -2.49 8.91
CA GLY A 74 -1.18 -3.90 9.18
C GLY A 74 -2.52 -4.10 9.86
N SER A 75 -2.82 -3.22 10.84
CA SER A 75 -4.08 -3.23 11.58
C SER A 75 -4.25 -1.92 12.39
N LEU A 76 -5.41 -1.26 12.21
CA LEU A 76 -5.92 -0.26 13.18
C LEU A 76 -6.83 -1.01 14.16
N GLU A 77 -7.68 -1.89 13.60
CA GLU A 77 -8.73 -2.63 14.34
C GLU A 77 -8.19 -3.84 15.13
N HIS A 78 -6.91 -3.75 15.57
CA HIS A 78 -6.41 -4.55 16.71
C HIS A 78 -6.99 -3.99 18.03
N HIS A 79 -7.63 -2.79 17.93
CA HIS A 79 -8.43 -2.19 19.01
C HIS A 79 -9.72 -3.00 19.20
N HIS A 80 -9.98 -3.46 20.44
CA HIS A 80 -11.20 -4.21 20.81
C HIS A 80 -12.20 -3.32 21.56
N HIS A 81 -11.86 -2.01 21.70
CA HIS A 81 -12.69 -1.03 22.41
C HIS A 81 -12.37 0.40 21.92
N HIS A 82 -13.42 1.24 21.87
CA HIS A 82 -13.31 2.71 21.75
C HIS A 82 -14.70 3.33 22.00
N HIS A 83 -14.76 4.68 21.98
CA HIS A 83 -16.02 5.42 22.18
C HIS A 83 -16.03 6.66 21.24
N MET A 1 5.56 -0.23 14.81
CA MET A 1 7.00 -0.51 14.99
C MET A 1 7.79 0.10 13.81
N GLY A 2 9.07 0.46 14.07
CA GLY A 2 9.94 1.04 13.05
C GLY A 2 10.58 -0.02 12.15
N LEU A 3 9.75 -0.61 11.28
CA LEU A 3 10.21 -1.58 10.25
C LEU A 3 9.56 -1.26 8.90
N THR A 4 8.75 -0.17 8.87
CA THR A 4 7.94 0.25 7.71
C THR A 4 8.86 0.82 6.61
N ARG A 5 9.50 -0.11 5.87
CA ARG A 5 10.49 0.19 4.83
C ARG A 5 9.84 0.85 3.60
N THR A 6 10.65 1.54 2.80
CA THR A 6 10.20 2.29 1.62
C THR A 6 10.64 1.53 0.36
N ILE A 7 9.65 1.19 -0.49
CA ILE A 7 9.89 0.49 -1.76
C ILE A 7 9.40 1.37 -2.92
N THR A 8 10.35 1.85 -3.75
CA THR A 8 10.04 2.67 -4.94
C THR A 8 10.19 1.82 -6.21
N SER A 9 9.07 1.45 -6.84
CA SER A 9 9.05 0.62 -8.06
C SER A 9 8.03 1.16 -9.07
N GLN A 10 8.23 0.83 -10.36
CA GLN A 10 7.26 1.10 -11.45
C GLN A 10 6.61 -0.21 -11.93
N ASN A 11 6.66 -1.24 -11.07
CA ASN A 11 5.92 -2.51 -11.26
C ASN A 11 5.03 -2.69 -10.01
N LYS A 12 3.74 -2.35 -10.16
CA LYS A 12 2.79 -2.38 -9.03
C LYS A 12 2.43 -3.81 -8.63
N GLU A 13 2.67 -4.79 -9.54
CA GLU A 13 2.34 -6.19 -9.31
C GLU A 13 3.17 -6.75 -8.13
N GLU A 14 4.51 -6.60 -8.22
CA GLU A 14 5.43 -7.04 -7.16
C GLU A 14 5.15 -6.27 -5.86
N LEU A 15 4.72 -4.98 -5.99
CA LEU A 15 4.36 -4.13 -4.84
C LEU A 15 3.14 -4.71 -4.10
N LEU A 16 2.23 -5.34 -4.85
CA LEU A 16 1.02 -6.00 -4.28
C LEU A 16 1.39 -7.28 -3.52
N GLU A 17 2.34 -8.04 -4.09
CA GLU A 17 2.81 -9.31 -3.54
C GLU A 17 3.61 -9.10 -2.24
N ILE A 18 4.53 -8.10 -2.25
CA ILE A 18 5.33 -7.72 -1.08
C ILE A 18 4.41 -7.12 0.01
N ALA A 19 3.42 -6.35 -0.44
CA ALA A 19 2.39 -5.77 0.44
C ALA A 19 1.66 -6.88 1.20
N LEU A 20 1.09 -7.81 0.42
CA LEU A 20 0.29 -8.93 0.93
C LEU A 20 1.04 -9.75 2.00
N LYS A 21 2.37 -9.96 1.80
CA LYS A 21 3.19 -10.75 2.76
C LYS A 21 3.39 -9.96 4.07
N PHE A 22 3.49 -8.60 3.99
CA PHE A 22 3.65 -7.73 5.18
C PHE A 22 2.34 -7.71 5.97
N ILE A 23 1.23 -7.47 5.26
CA ILE A 23 -0.10 -7.28 5.86
C ILE A 23 -0.63 -8.62 6.44
N SER A 24 -0.22 -9.74 5.80
CA SER A 24 -0.46 -11.12 6.28
C SER A 24 0.04 -11.31 7.72
N GLN A 25 1.21 -10.73 7.99
CA GLN A 25 1.88 -10.83 9.30
C GLN A 25 1.53 -9.62 10.21
N GLY A 26 0.74 -8.67 9.68
CA GLY A 26 0.30 -7.47 10.43
C GLY A 26 1.35 -6.36 10.45
N LEU A 27 2.40 -6.52 9.62
CA LEU A 27 3.50 -5.55 9.49
C LEU A 27 3.06 -4.38 8.59
N ASP A 28 3.49 -3.17 8.94
CA ASP A 28 3.27 -1.98 8.11
C ASP A 28 4.34 -1.91 7.01
N LEU A 29 3.94 -1.48 5.81
CA LEU A 29 4.82 -1.33 4.64
C LEU A 29 4.51 0.00 3.95
N GLU A 30 5.55 0.71 3.49
CA GLU A 30 5.36 1.96 2.73
C GLU A 30 5.94 1.75 1.32
N VAL A 31 5.10 1.97 0.30
CA VAL A 31 5.48 1.86 -1.12
C VAL A 31 5.17 3.19 -1.83
N GLU A 32 6.16 3.73 -2.55
CA GLU A 32 5.99 4.93 -3.39
C GLU A 32 6.21 4.52 -4.85
N PHE A 33 5.17 4.62 -5.66
CA PHE A 33 5.22 4.31 -7.09
C PHE A 33 5.85 5.52 -7.80
N ASP A 34 7.17 5.46 -8.02
CA ASP A 34 7.95 6.60 -8.53
C ASP A 34 7.87 6.62 -10.07
N SER A 35 6.75 7.15 -10.57
CA SER A 35 6.44 7.23 -12.00
C SER A 35 5.63 8.50 -12.31
N THR A 36 5.76 9.00 -13.55
CA THR A 36 4.99 10.14 -14.05
C THR A 36 3.92 9.69 -15.10
N ASP A 37 3.77 8.35 -15.26
CA ASP A 37 2.80 7.77 -16.20
C ASP A 37 1.47 7.54 -15.45
N ASP A 38 0.46 8.36 -15.80
CA ASP A 38 -0.87 8.37 -15.15
C ASP A 38 -1.51 6.97 -15.11
N LYS A 39 -1.41 6.24 -16.25
CA LYS A 39 -2.05 4.92 -16.43
C LYS A 39 -1.55 3.92 -15.37
N GLU A 40 -0.22 3.85 -15.22
CA GLU A 40 0.48 2.95 -14.28
C GLU A 40 0.17 3.32 -12.82
N ILE A 41 0.08 4.64 -12.55
CA ILE A 41 -0.29 5.15 -11.22
C ILE A 41 -1.74 4.73 -10.86
N GLU A 42 -2.65 4.84 -11.86
CA GLU A 42 -4.09 4.50 -11.70
C GLU A 42 -4.26 3.01 -11.36
N GLU A 43 -3.50 2.17 -12.08
CA GLU A 43 -3.44 0.72 -11.84
C GLU A 43 -2.96 0.43 -10.41
N PHE A 44 -1.89 1.12 -9.99
CA PHE A 44 -1.32 1.02 -8.63
C PHE A 44 -2.37 1.38 -7.55
N GLU A 45 -3.17 2.42 -7.82
CA GLU A 45 -4.21 2.92 -6.92
C GLU A 45 -5.31 1.87 -6.69
N ARG A 46 -6.03 1.50 -7.78
CA ARG A 46 -7.19 0.57 -7.68
C ARG A 46 -6.79 -0.79 -7.10
N ASP A 47 -5.59 -1.27 -7.47
CA ASP A 47 -5.02 -2.52 -6.93
C ASP A 47 -4.68 -2.45 -5.43
N MET A 48 -4.07 -1.34 -4.97
CA MET A 48 -3.74 -1.17 -3.52
C MET A 48 -5.00 -1.01 -2.66
N GLU A 49 -6.02 -0.34 -3.23
CA GLU A 49 -7.35 -0.19 -2.60
C GLU A 49 -8.10 -1.53 -2.54
N ASP A 50 -7.99 -2.30 -3.64
CA ASP A 50 -8.56 -3.65 -3.76
C ASP A 50 -7.97 -4.57 -2.68
N LEU A 51 -6.63 -4.57 -2.63
CA LEU A 51 -5.83 -5.38 -1.68
C LEU A 51 -6.12 -4.99 -0.22
N ALA A 52 -6.25 -3.68 0.05
CA ALA A 52 -6.53 -3.14 1.39
C ALA A 52 -7.86 -3.68 1.94
N LYS A 53 -8.90 -3.58 1.11
CA LYS A 53 -10.25 -4.06 1.44
C LYS A 53 -10.22 -5.60 1.67
N LYS A 54 -9.54 -6.32 0.76
CA LYS A 54 -9.38 -7.79 0.83
C LYS A 54 -8.70 -8.25 2.15
N THR A 55 -7.72 -7.47 2.62
CA THR A 55 -6.95 -7.79 3.83
C THR A 55 -7.55 -7.11 5.08
N GLY A 56 -8.63 -6.32 4.90
CA GLY A 56 -9.35 -5.70 6.02
C GLY A 56 -8.64 -4.49 6.62
N VAL A 57 -7.63 -3.96 5.90
CA VAL A 57 -6.82 -2.80 6.35
C VAL A 57 -7.17 -1.55 5.51
N GLN A 58 -6.54 -0.42 5.85
CA GLN A 58 -6.72 0.87 5.14
C GLN A 58 -5.40 1.23 4.41
N ILE A 59 -5.48 2.18 3.47
CA ILE A 59 -4.29 2.77 2.82
C ILE A 59 -4.11 4.24 3.26
N GLN A 60 -2.97 4.84 2.87
CA GLN A 60 -2.74 6.29 3.00
C GLN A 60 -2.03 6.79 1.73
N LYS A 61 -2.81 7.38 0.83
CA LYS A 61 -2.28 8.01 -0.40
C LYS A 61 -1.70 9.38 -0.07
N GLN A 62 -0.44 9.60 -0.45
CA GLN A 62 0.26 10.87 -0.29
C GLN A 62 0.96 11.20 -1.61
N TRP A 63 0.35 12.10 -2.38
CA TRP A 63 0.98 12.71 -3.54
C TRP A 63 2.14 13.60 -3.04
N GLN A 64 3.37 13.11 -3.23
CA GLN A 64 4.59 13.78 -2.77
C GLN A 64 5.24 14.47 -3.98
N GLY A 65 4.82 15.73 -4.23
CA GLY A 65 5.26 16.51 -5.38
C GLY A 65 4.50 16.15 -6.66
N ASN A 66 4.67 14.89 -7.10
CA ASN A 66 4.05 14.36 -8.31
C ASN A 66 3.84 12.84 -8.16
N LYS A 67 4.88 12.16 -7.60
CA LYS A 67 4.87 10.69 -7.38
C LYS A 67 3.87 10.33 -6.26
N LEU A 68 3.22 9.16 -6.38
CA LEU A 68 2.24 8.69 -5.39
C LEU A 68 2.91 7.74 -4.39
N ARG A 69 2.70 8.02 -3.10
CA ARG A 69 3.18 7.21 -2.00
C ARG A 69 1.98 6.64 -1.24
N ILE A 70 1.74 5.33 -1.34
CA ILE A 70 0.68 4.65 -0.58
C ILE A 70 1.32 3.90 0.60
N ARG A 71 0.98 4.32 1.81
CA ARG A 71 1.41 3.67 3.04
C ARG A 71 0.33 2.66 3.46
N LEU A 72 0.75 1.42 3.65
CA LEU A 72 -0.10 0.29 4.02
C LEU A 72 0.11 -0.02 5.51
N LYS A 73 -0.99 -0.16 6.23
CA LYS A 73 -1.00 -0.41 7.68
C LYS A 73 -1.52 -1.83 7.99
N GLY A 74 -1.23 -2.33 9.21
CA GLY A 74 -1.60 -3.69 9.61
C GLY A 74 -2.80 -3.71 10.56
N SER A 75 -2.54 -3.61 11.87
CA SER A 75 -3.56 -3.72 12.92
C SER A 75 -3.83 -2.34 13.57
N LEU A 76 -5.07 -1.83 13.40
CA LEU A 76 -5.48 -0.50 13.90
C LEU A 76 -6.47 -0.65 15.06
N GLU A 77 -7.11 -1.81 15.11
CA GLU A 77 -8.23 -2.12 16.00
C GLU A 77 -8.09 -3.57 16.51
N HIS A 78 -9.14 -4.06 17.19
CA HIS A 78 -9.26 -5.47 17.59
C HIS A 78 -9.52 -6.37 16.35
N HIS A 79 -8.47 -6.53 15.53
CA HIS A 79 -8.56 -7.23 14.23
C HIS A 79 -8.69 -8.73 14.49
N HIS A 80 -9.92 -9.24 14.36
CA HIS A 80 -10.28 -10.63 14.65
C HIS A 80 -9.58 -11.60 13.68
N HIS A 81 -8.46 -12.17 14.14
CA HIS A 81 -7.70 -13.20 13.40
C HIS A 81 -7.66 -14.50 14.24
N HIS A 82 -8.70 -15.31 14.05
CA HIS A 82 -8.82 -16.67 14.63
C HIS A 82 -8.78 -17.72 13.47
N HIS A 83 -8.65 -17.18 12.24
CA HIS A 83 -8.57 -17.91 10.97
C HIS A 83 -7.32 -17.40 10.22
N MET A 1 15.65 -0.93 7.35
CA MET A 1 15.91 -1.69 8.59
C MET A 1 14.93 -1.25 9.69
N GLY A 2 14.72 -2.14 10.68
CA GLY A 2 13.80 -1.89 11.77
C GLY A 2 12.37 -2.28 11.40
N LEU A 3 11.57 -1.29 10.98
CA LEU A 3 10.15 -1.48 10.64
C LEU A 3 9.65 -0.33 9.75
N THR A 4 8.60 -0.60 8.95
CA THR A 4 8.01 0.37 8.00
C THR A 4 9.05 0.88 6.99
N ARG A 5 9.56 -0.04 6.18
CA ARG A 5 10.44 0.28 5.05
C ARG A 5 9.65 0.95 3.91
N THR A 6 10.38 1.69 3.05
CA THR A 6 9.79 2.48 1.95
C THR A 6 10.33 1.92 0.63
N ILE A 7 9.51 1.14 -0.07
CA ILE A 7 9.93 0.39 -1.26
C ILE A 7 9.58 1.21 -2.51
N THR A 8 10.61 1.74 -3.18
CA THR A 8 10.44 2.62 -4.34
C THR A 8 10.60 1.79 -5.61
N SER A 9 9.49 1.51 -6.30
CA SER A 9 9.46 0.69 -7.52
C SER A 9 8.52 1.32 -8.54
N GLN A 10 8.70 0.93 -9.81
CA GLN A 10 7.85 1.36 -10.93
C GLN A 10 6.93 0.19 -11.38
N ASN A 11 7.01 -0.96 -10.66
CA ASN A 11 6.22 -2.16 -10.98
C ASN A 11 5.14 -2.34 -9.88
N LYS A 12 3.88 -2.02 -10.22
CA LYS A 12 2.77 -1.97 -9.24
C LYS A 12 2.39 -3.38 -8.75
N GLU A 13 2.57 -4.38 -9.62
CA GLU A 13 2.18 -5.78 -9.34
C GLU A 13 3.17 -6.40 -8.36
N GLU A 14 4.46 -6.10 -8.58
CA GLU A 14 5.56 -6.48 -7.68
C GLU A 14 5.27 -5.92 -6.27
N LEU A 15 4.87 -4.63 -6.25
CA LEU A 15 4.53 -3.92 -5.01
C LEU A 15 3.29 -4.52 -4.32
N LEU A 16 2.43 -5.23 -5.09
CA LEU A 16 1.25 -5.92 -4.53
C LEU A 16 1.67 -7.20 -3.80
N GLU A 17 2.59 -7.96 -4.41
CA GLU A 17 3.08 -9.24 -3.87
C GLU A 17 3.86 -9.02 -2.58
N ILE A 18 4.76 -8.02 -2.61
CA ILE A 18 5.58 -7.65 -1.46
C ILE A 18 4.68 -7.01 -0.36
N ALA A 19 3.67 -6.23 -0.78
CA ALA A 19 2.66 -5.68 0.14
C ALA A 19 1.95 -6.79 0.92
N LEU A 20 1.40 -7.74 0.14
CA LEU A 20 0.55 -8.83 0.63
C LEU A 20 1.24 -9.65 1.75
N LYS A 21 2.56 -9.86 1.59
CA LYS A 21 3.36 -10.64 2.57
C LYS A 21 3.49 -9.87 3.91
N PHE A 22 3.65 -8.53 3.84
CA PHE A 22 3.81 -7.69 5.06
C PHE A 22 2.46 -7.55 5.79
N ILE A 23 1.39 -7.33 5.01
CA ILE A 23 0.03 -7.15 5.57
C ILE A 23 -0.43 -8.47 6.23
N SER A 24 -0.08 -9.61 5.59
CA SER A 24 -0.38 -10.96 6.10
C SER A 24 0.27 -11.21 7.49
N GLN A 25 1.46 -10.62 7.70
CA GLN A 25 2.21 -10.77 8.97
C GLN A 25 1.78 -9.73 10.03
N GLY A 26 0.83 -8.84 9.66
CA GLY A 26 0.37 -7.78 10.56
C GLY A 26 1.36 -6.62 10.68
N LEU A 27 2.24 -6.49 9.68
CA LEU A 27 3.27 -5.45 9.64
C LEU A 27 2.81 -4.25 8.80
N ASP A 28 3.05 -3.04 9.32
CA ASP A 28 2.88 -1.79 8.56
C ASP A 28 4.07 -1.61 7.60
N LEU A 29 3.76 -1.08 6.41
CA LEU A 29 4.67 -0.99 5.28
C LEU A 29 4.43 0.34 4.57
N GLU A 30 5.41 0.78 3.78
CA GLU A 30 5.23 1.90 2.85
C GLU A 30 5.85 1.54 1.50
N VAL A 31 5.11 1.82 0.43
CA VAL A 31 5.55 1.58 -0.95
C VAL A 31 5.32 2.87 -1.76
N GLU A 32 6.40 3.41 -2.32
CA GLU A 32 6.35 4.63 -3.13
C GLU A 32 6.47 4.24 -4.60
N PHE A 33 5.45 4.59 -5.39
CA PHE A 33 5.38 4.23 -6.79
C PHE A 33 5.95 5.37 -7.64
N ASP A 34 7.15 5.15 -8.16
CA ASP A 34 7.85 6.12 -8.99
C ASP A 34 7.42 5.98 -10.46
N SER A 35 6.39 6.75 -10.85
CA SER A 35 5.94 6.85 -12.24
C SER A 35 5.14 8.14 -12.44
N THR A 36 5.31 8.76 -13.62
CA THR A 36 4.52 9.93 -14.05
C THR A 36 3.39 9.50 -15.01
N ASP A 37 3.25 8.18 -15.24
CA ASP A 37 2.31 7.62 -16.21
C ASP A 37 0.96 7.38 -15.51
N ASP A 38 -0.07 8.14 -15.92
CA ASP A 38 -1.43 8.09 -15.34
C ASP A 38 -1.99 6.66 -15.23
N LYS A 39 -1.80 5.83 -16.30
CA LYS A 39 -2.30 4.43 -16.31
C LYS A 39 -1.68 3.64 -15.15
N GLU A 40 -0.34 3.75 -14.99
CA GLU A 40 0.41 2.99 -13.99
C GLU A 40 0.04 3.43 -12.56
N ILE A 41 -0.14 4.76 -12.37
CA ILE A 41 -0.51 5.35 -11.08
C ILE A 41 -1.91 4.89 -10.63
N GLU A 42 -2.88 4.93 -11.57
CA GLU A 42 -4.28 4.58 -11.29
C GLU A 42 -4.45 3.06 -11.13
N GLU A 43 -3.57 2.29 -11.80
CA GLU A 43 -3.44 0.85 -11.56
C GLU A 43 -2.94 0.59 -10.12
N PHE A 44 -1.93 1.37 -9.68
CA PHE A 44 -1.35 1.23 -8.34
C PHE A 44 -2.41 1.53 -7.25
N GLU A 45 -3.22 2.58 -7.49
CA GLU A 45 -4.33 2.96 -6.59
C GLU A 45 -5.32 1.81 -6.44
N ARG A 46 -5.98 1.44 -7.55
CA ARG A 46 -7.12 0.51 -7.56
C ARG A 46 -6.75 -0.86 -6.99
N ASP A 47 -5.58 -1.36 -7.39
CA ASP A 47 -5.04 -2.62 -6.88
C ASP A 47 -4.72 -2.55 -5.35
N MET A 48 -4.17 -1.42 -4.87
CA MET A 48 -3.91 -1.23 -3.40
C MET A 48 -5.22 -1.05 -2.60
N GLU A 49 -6.24 -0.43 -3.23
CA GLU A 49 -7.58 -0.24 -2.63
C GLU A 49 -8.29 -1.58 -2.44
N ASP A 50 -8.26 -2.39 -3.50
CA ASP A 50 -8.88 -3.73 -3.50
C ASP A 50 -8.07 -4.71 -2.61
N LEU A 51 -6.75 -4.49 -2.53
CA LEU A 51 -5.87 -5.22 -1.59
C LEU A 51 -6.31 -4.90 -0.15
N ALA A 52 -6.51 -3.59 0.12
CA ALA A 52 -6.92 -3.09 1.43
C ALA A 52 -8.32 -3.60 1.83
N LYS A 53 -9.22 -3.69 0.81
CA LYS A 53 -10.57 -4.23 0.99
C LYS A 53 -10.51 -5.70 1.44
N LYS A 54 -9.79 -6.52 0.65
CA LYS A 54 -9.71 -7.98 0.86
C LYS A 54 -8.97 -8.34 2.17
N THR A 55 -8.03 -7.47 2.60
CA THR A 55 -7.29 -7.67 3.85
C THR A 55 -7.97 -6.94 5.03
N GLY A 56 -8.95 -6.06 4.72
CA GLY A 56 -9.67 -5.29 5.73
C GLY A 56 -8.83 -4.22 6.41
N VAL A 57 -7.79 -3.75 5.70
CA VAL A 57 -6.92 -2.66 6.16
C VAL A 57 -7.23 -1.38 5.36
N GLN A 58 -6.59 -0.26 5.71
CA GLN A 58 -6.69 1.00 4.93
C GLN A 58 -5.37 1.28 4.20
N ILE A 59 -5.42 2.20 3.23
CA ILE A 59 -4.23 2.72 2.56
C ILE A 59 -4.14 4.24 2.80
N GLN A 60 -2.94 4.80 2.71
CA GLN A 60 -2.70 6.25 2.91
C GLN A 60 -2.03 6.78 1.64
N LYS A 61 -2.82 7.43 0.76
CA LYS A 61 -2.30 8.02 -0.48
C LYS A 61 -1.65 9.37 -0.16
N GLN A 62 -0.34 9.46 -0.40
CA GLN A 62 0.47 10.64 -0.15
C GLN A 62 1.21 10.99 -1.45
N TRP A 63 0.85 12.10 -2.08
CA TRP A 63 1.50 12.54 -3.31
C TRP A 63 2.85 13.20 -2.99
N GLN A 64 3.94 12.52 -3.36
CA GLN A 64 5.30 13.01 -3.19
C GLN A 64 5.71 13.60 -4.55
N GLY A 65 5.30 14.85 -4.78
CA GLY A 65 5.32 15.45 -6.11
C GLY A 65 4.23 14.82 -6.98
N ASN A 66 4.59 14.46 -8.23
CA ASN A 66 3.67 13.75 -9.16
C ASN A 66 3.92 12.22 -9.09
N LYS A 67 4.48 11.76 -7.96
CA LYS A 67 4.76 10.34 -7.69
C LYS A 67 3.85 9.90 -6.55
N LEU A 68 3.17 8.77 -6.69
CA LEU A 68 2.16 8.32 -5.72
C LEU A 68 2.79 7.39 -4.67
N ARG A 69 3.07 7.95 -3.49
CA ARG A 69 3.59 7.24 -2.33
C ARG A 69 2.41 6.77 -1.45
N ILE A 70 2.13 5.45 -1.42
CA ILE A 70 1.02 4.89 -0.61
C ILE A 70 1.59 4.06 0.53
N ARG A 71 1.19 4.39 1.77
CA ARG A 71 1.60 3.65 2.97
C ARG A 71 0.50 2.64 3.34
N LEU A 72 0.91 1.36 3.41
CA LEU A 72 0.00 0.21 3.60
C LEU A 72 0.09 -0.30 5.03
N LYS A 73 -1.00 -0.23 5.78
CA LYS A 73 -1.00 -0.50 7.23
C LYS A 73 -1.63 -1.86 7.54
N GLY A 74 -0.78 -2.83 7.84
CA GLY A 74 -1.22 -4.17 8.30
C GLY A 74 -1.62 -4.20 9.78
N SER A 75 -2.21 -3.10 10.28
CA SER A 75 -2.47 -2.92 11.71
C SER A 75 -3.60 -1.90 11.93
N LEU A 76 -4.86 -2.37 12.01
CA LEU A 76 -6.03 -1.54 12.40
C LEU A 76 -6.79 -2.25 13.53
N GLU A 77 -7.15 -1.47 14.59
CA GLU A 77 -8.00 -1.96 15.69
C GLU A 77 -9.41 -2.30 15.17
N HIS A 78 -9.83 -1.55 14.15
CA HIS A 78 -11.09 -1.75 13.44
C HIS A 78 -10.78 -2.24 12.03
N HIS A 79 -10.65 -3.55 11.90
CA HIS A 79 -10.55 -4.24 10.60
C HIS A 79 -11.85 -4.02 9.80
N HIS A 80 -11.85 -3.05 8.87
CA HIS A 80 -13.06 -2.69 8.12
C HIS A 80 -12.75 -2.51 6.64
N HIS A 81 -13.82 -2.66 5.84
CA HIS A 81 -13.81 -2.52 4.38
C HIS A 81 -15.23 -2.17 3.90
N HIS A 82 -16.03 -1.57 4.81
CA HIS A 82 -17.42 -1.18 4.55
C HIS A 82 -17.51 -0.04 3.52
N HIS A 83 -18.35 -0.24 2.49
CA HIS A 83 -18.68 0.77 1.48
C HIS A 83 -20.21 0.71 1.21
N MET A 1 15.62 -2.53 10.80
CA MET A 1 15.08 -2.13 12.12
C MET A 1 13.63 -1.64 11.95
N GLY A 2 12.77 -2.00 12.92
CA GLY A 2 11.39 -1.53 12.97
C GLY A 2 10.43 -2.47 12.28
N LEU A 3 9.28 -1.93 11.84
CA LEU A 3 8.20 -2.69 11.16
C LEU A 3 7.98 -2.16 9.73
N THR A 4 8.18 -0.83 9.57
CA THR A 4 7.95 -0.11 8.31
C THR A 4 9.26 -0.06 7.47
N ARG A 5 9.12 0.40 6.22
CA ARG A 5 10.20 0.53 5.22
C ARG A 5 9.59 1.23 4.00
N THR A 6 10.39 1.95 3.20
CA THR A 6 9.89 2.67 2.02
C THR A 6 10.51 2.07 0.74
N ILE A 7 9.67 1.39 -0.05
CA ILE A 7 10.09 0.71 -1.29
C ILE A 7 9.71 1.60 -2.50
N THR A 8 10.71 2.11 -3.21
CA THR A 8 10.50 2.95 -4.42
C THR A 8 10.80 2.08 -5.66
N SER A 9 9.75 1.69 -6.39
CA SER A 9 9.87 0.77 -7.54
C SER A 9 9.00 1.24 -8.72
N GLN A 10 9.51 1.04 -9.95
CA GLN A 10 8.84 1.46 -11.21
C GLN A 10 7.74 0.46 -11.64
N ASN A 11 7.75 -0.75 -11.06
CA ASN A 11 6.74 -1.79 -11.34
C ASN A 11 5.88 -2.05 -10.09
N LYS A 12 4.59 -1.66 -10.19
CA LYS A 12 3.63 -1.77 -9.08
C LYS A 12 3.19 -3.21 -8.81
N GLU A 13 3.43 -4.11 -9.80
CA GLU A 13 3.03 -5.53 -9.73
C GLU A 13 3.71 -6.20 -8.52
N GLU A 14 5.07 -6.11 -8.48
CA GLU A 14 5.88 -6.64 -7.37
C GLU A 14 5.52 -5.96 -6.04
N LEU A 15 5.10 -4.67 -6.12
CA LEU A 15 4.71 -3.88 -4.93
C LEU A 15 3.43 -4.46 -4.30
N LEU A 16 2.56 -5.07 -5.14
CA LEU A 16 1.31 -5.73 -4.68
C LEU A 16 1.62 -7.08 -4.03
N GLU A 17 2.55 -7.82 -4.67
CA GLU A 17 3.00 -9.15 -4.23
C GLU A 17 3.70 -9.09 -2.86
N ILE A 18 4.56 -8.07 -2.69
CA ILE A 18 5.29 -7.82 -1.45
C ILE A 18 4.34 -7.20 -0.39
N ALA A 19 3.36 -6.40 -0.87
CA ALA A 19 2.32 -5.80 0.00
C ALA A 19 1.53 -6.85 0.77
N LEU A 20 0.88 -7.79 0.02
CA LEU A 20 0.04 -8.86 0.58
C LEU A 20 0.78 -9.67 1.65
N LYS A 21 2.08 -9.90 1.41
CA LYS A 21 2.97 -10.62 2.33
C LYS A 21 3.07 -9.90 3.69
N PHE A 22 3.28 -8.57 3.65
CA PHE A 22 3.46 -7.75 4.87
C PHE A 22 2.14 -7.61 5.64
N ILE A 23 1.03 -7.51 4.91
CA ILE A 23 -0.31 -7.39 5.52
C ILE A 23 -0.68 -8.72 6.22
N SER A 24 -0.32 -9.85 5.57
CA SER A 24 -0.49 -11.21 6.13
C SER A 24 0.33 -11.41 7.42
N GLN A 25 1.43 -10.64 7.56
CA GLN A 25 2.29 -10.62 8.76
C GLN A 25 1.77 -9.60 9.79
N GLY A 26 0.97 -8.62 9.34
CA GLY A 26 0.48 -7.52 10.18
C GLY A 26 1.46 -6.36 10.24
N LEU A 27 2.46 -6.37 9.35
CA LEU A 27 3.48 -5.33 9.24
C LEU A 27 2.94 -4.13 8.44
N ASP A 28 3.29 -2.92 8.91
CA ASP A 28 3.08 -1.68 8.17
C ASP A 28 4.17 -1.58 7.07
N LEU A 29 3.77 -1.26 5.85
CA LEU A 29 4.66 -1.22 4.68
C LEU A 29 4.35 0.03 3.86
N GLU A 30 5.33 0.91 3.70
CA GLU A 30 5.17 2.13 2.90
C GLU A 30 5.83 1.91 1.53
N VAL A 31 5.05 2.01 0.45
CA VAL A 31 5.54 1.84 -0.93
C VAL A 31 5.24 3.10 -1.76
N GLU A 32 6.29 3.64 -2.40
CA GLU A 32 6.16 4.74 -3.36
C GLU A 32 6.37 4.18 -4.77
N PHE A 33 5.39 4.42 -5.64
CA PHE A 33 5.44 4.01 -7.04
C PHE A 33 6.27 5.03 -7.82
N ASP A 34 7.48 4.60 -8.23
CA ASP A 34 8.41 5.43 -9.01
C ASP A 34 8.01 5.43 -10.50
N SER A 35 7.03 6.27 -10.84
CA SER A 35 6.53 6.44 -12.22
C SER A 35 5.91 7.82 -12.40
N THR A 36 5.71 8.19 -13.67
CA THR A 36 5.05 9.43 -14.11
C THR A 36 3.93 9.13 -15.14
N ASP A 37 3.52 7.85 -15.21
CA ASP A 37 2.42 7.41 -16.09
C ASP A 37 1.13 7.32 -15.26
N ASP A 38 0.18 8.22 -15.55
CA ASP A 38 -1.12 8.33 -14.83
C ASP A 38 -1.88 7.01 -14.80
N LYS A 39 -1.84 6.25 -15.91
CA LYS A 39 -2.60 4.99 -16.06
C LYS A 39 -2.09 3.92 -15.07
N GLU A 40 -0.75 3.78 -14.99
CA GLU A 40 -0.09 2.85 -14.07
C GLU A 40 -0.36 3.24 -12.59
N ILE A 41 -0.42 4.57 -12.35
CA ILE A 41 -0.74 5.14 -11.02
C ILE A 41 -2.18 4.76 -10.60
N GLU A 42 -3.13 4.85 -11.57
CA GLU A 42 -4.56 4.51 -11.33
C GLU A 42 -4.69 3.05 -10.90
N GLU A 43 -3.89 2.18 -11.53
CA GLU A 43 -3.81 0.75 -11.20
C GLU A 43 -3.23 0.54 -9.80
N PHE A 44 -2.17 1.30 -9.47
CA PHE A 44 -1.48 1.22 -8.17
C PHE A 44 -2.48 1.54 -7.03
N GLU A 45 -3.34 2.54 -7.28
CA GLU A 45 -4.44 2.93 -6.36
C GLU A 45 -5.44 1.79 -6.16
N ARG A 46 -6.13 1.40 -7.25
CA ARG A 46 -7.30 0.51 -7.18
C ARG A 46 -6.90 -0.90 -6.70
N ASP A 47 -5.71 -1.37 -7.10
CA ASP A 47 -5.15 -2.66 -6.63
C ASP A 47 -4.75 -2.62 -5.14
N MET A 48 -4.11 -1.52 -4.67
CA MET A 48 -3.81 -1.35 -3.22
C MET A 48 -5.10 -1.24 -2.38
N GLU A 49 -6.15 -0.61 -2.97
CA GLU A 49 -7.48 -0.50 -2.34
C GLU A 49 -8.21 -1.85 -2.37
N ASP A 50 -8.07 -2.58 -3.49
CA ASP A 50 -8.66 -3.92 -3.68
C ASP A 50 -8.15 -4.85 -2.58
N LEU A 51 -6.82 -4.85 -2.46
CA LEU A 51 -6.08 -5.58 -1.44
C LEU A 51 -6.53 -5.16 -0.03
N ALA A 52 -6.55 -3.83 0.22
CA ALA A 52 -6.86 -3.25 1.54
C ALA A 52 -8.25 -3.68 2.07
N LYS A 53 -9.28 -3.54 1.21
CA LYS A 53 -10.66 -3.95 1.56
C LYS A 53 -10.71 -5.45 1.89
N LYS A 54 -10.15 -6.26 0.98
CA LYS A 54 -10.15 -7.74 1.08
C LYS A 54 -9.30 -8.25 2.27
N THR A 55 -8.35 -7.44 2.75
CA THR A 55 -7.50 -7.80 3.91
C THR A 55 -8.00 -7.13 5.21
N GLY A 56 -9.00 -6.23 5.09
CA GLY A 56 -9.64 -5.58 6.25
C GLY A 56 -8.84 -4.41 6.82
N VAL A 57 -7.94 -3.85 6.00
CA VAL A 57 -7.10 -2.70 6.39
C VAL A 57 -7.42 -1.47 5.52
N GLN A 58 -6.75 -0.35 5.79
CA GLN A 58 -6.87 0.89 4.99
C GLN A 58 -5.51 1.28 4.42
N ILE A 59 -5.50 2.28 3.53
CA ILE A 59 -4.27 2.82 2.93
C ILE A 59 -4.17 4.33 3.18
N GLN A 60 -3.01 4.91 2.84
CA GLN A 60 -2.76 6.34 2.98
C GLN A 60 -2.06 6.85 1.70
N LYS A 61 -2.84 7.50 0.81
CA LYS A 61 -2.28 8.05 -0.44
C LYS A 61 -1.65 9.42 -0.17
N GLN A 62 -0.33 9.50 -0.35
CA GLN A 62 0.46 10.72 -0.19
C GLN A 62 1.16 11.02 -1.52
N TRP A 63 0.86 12.17 -2.11
CA TRP A 63 1.47 12.61 -3.38
C TRP A 63 2.69 13.50 -3.10
N GLN A 64 3.74 13.31 -3.91
CA GLN A 64 4.89 14.22 -3.99
C GLN A 64 5.18 14.40 -5.48
N GLY A 65 4.64 15.50 -6.05
CA GLY A 65 4.62 15.70 -7.51
C GLY A 65 3.76 14.64 -8.19
N ASN A 66 4.27 14.02 -9.26
CA ASN A 66 3.60 12.92 -9.99
C ASN A 66 4.04 11.54 -9.46
N LYS A 67 4.57 11.50 -8.22
CA LYS A 67 4.94 10.26 -7.52
C LYS A 67 3.90 9.99 -6.45
N LEU A 68 3.20 8.86 -6.55
CA LEU A 68 2.20 8.45 -5.56
C LEU A 68 2.81 7.44 -4.59
N ARG A 69 2.88 7.83 -3.32
CA ARG A 69 3.31 6.99 -2.21
C ARG A 69 2.07 6.50 -1.45
N ILE A 70 1.77 5.20 -1.55
CA ILE A 70 0.65 4.59 -0.80
C ILE A 70 1.24 3.81 0.38
N ARG A 71 0.89 4.23 1.59
CA ARG A 71 1.32 3.57 2.81
C ARG A 71 0.23 2.59 3.27
N LEU A 72 0.65 1.36 3.48
CA LEU A 72 -0.22 0.22 3.82
C LEU A 72 -0.04 -0.09 5.30
N LYS A 73 -1.13 -0.34 6.00
CA LYS A 73 -1.09 -0.77 7.41
C LYS A 73 -1.55 -2.22 7.52
N GLY A 74 -0.99 -2.98 8.48
CA GLY A 74 -1.36 -4.37 8.70
C GLY A 74 -2.67 -4.51 9.49
N SER A 75 -3.07 -3.42 10.17
CA SER A 75 -4.30 -3.34 10.96
C SER A 75 -4.54 -1.89 11.43
N LEU A 76 -5.64 -1.70 12.19
CA LEU A 76 -5.95 -0.47 12.94
C LEU A 76 -6.36 -0.86 14.37
N GLU A 77 -6.84 0.12 15.16
CA GLU A 77 -7.44 -0.14 16.48
C GLU A 77 -8.85 -0.70 16.29
N HIS A 78 -9.42 -1.25 17.37
CA HIS A 78 -10.79 -1.77 17.37
C HIS A 78 -11.78 -0.59 17.30
N HIS A 79 -12.02 -0.10 16.07
CA HIS A 79 -12.94 1.02 15.79
C HIS A 79 -14.35 0.50 15.46
N HIS A 80 -14.48 -0.84 15.39
CA HIS A 80 -15.70 -1.50 14.89
C HIS A 80 -16.84 -1.42 15.93
N HIS A 81 -17.76 -0.48 15.68
CA HIS A 81 -19.04 -0.35 16.39
C HIS A 81 -20.18 -0.58 15.38
N HIS A 82 -21.42 -0.75 15.87
CA HIS A 82 -22.61 -0.95 15.00
C HIS A 82 -23.88 -0.48 15.73
N HIS A 83 -24.88 -0.05 14.95
CA HIS A 83 -26.16 0.46 15.47
C HIS A 83 -27.22 0.31 14.35
N MET A 1 11.41 -3.85 15.38
CA MET A 1 12.10 -4.61 14.31
C MET A 1 11.29 -4.60 13.01
N GLY A 2 9.95 -4.52 13.11
CA GLY A 2 9.07 -4.44 11.94
C GLY A 2 8.96 -3.01 11.43
N LEU A 3 10.08 -2.48 10.87
CA LEU A 3 10.17 -1.10 10.36
C LEU A 3 9.29 -0.91 9.12
N THR A 4 8.61 0.23 9.03
CA THR A 4 7.82 0.60 7.86
C THR A 4 8.79 1.14 6.77
N ARG A 5 9.42 0.19 6.05
CA ARG A 5 10.36 0.48 4.96
C ARG A 5 9.62 1.11 3.76
N THR A 6 10.37 1.86 2.93
CA THR A 6 9.81 2.65 1.82
C THR A 6 10.35 2.10 0.50
N ILE A 7 9.50 1.40 -0.25
CA ILE A 7 9.89 0.63 -1.44
C ILE A 7 9.57 1.40 -2.72
N THR A 8 10.61 1.75 -3.50
CA THR A 8 10.46 2.51 -4.75
C THR A 8 10.52 1.55 -5.94
N SER A 9 9.38 1.32 -6.60
CA SER A 9 9.29 0.44 -7.78
C SER A 9 8.41 1.06 -8.86
N GLN A 10 8.77 0.80 -10.12
CA GLN A 10 8.03 1.27 -11.31
C GLN A 10 6.93 0.28 -11.72
N ASN A 11 6.90 -0.90 -11.08
CA ASN A 11 5.91 -1.95 -11.36
C ASN A 11 5.01 -2.12 -10.12
N LYS A 12 3.70 -1.85 -10.29
CA LYS A 12 2.70 -1.91 -9.21
C LYS A 12 2.44 -3.35 -8.70
N GLU A 13 2.64 -4.36 -9.56
CA GLU A 13 2.36 -5.79 -9.23
C GLU A 13 3.32 -6.34 -8.18
N GLU A 14 4.63 -6.10 -8.37
CA GLU A 14 5.67 -6.57 -7.42
C GLU A 14 5.50 -5.87 -6.06
N LEU A 15 5.00 -4.62 -6.11
CA LEU A 15 4.62 -3.86 -4.91
C LEU A 15 3.46 -4.54 -4.16
N LEU A 16 2.54 -5.21 -4.91
CA LEU A 16 1.37 -5.94 -4.33
C LEU A 16 1.81 -7.25 -3.67
N GLU A 17 2.82 -7.90 -4.27
CA GLU A 17 3.39 -9.16 -3.76
C GLU A 17 4.08 -8.94 -2.41
N ILE A 18 4.92 -7.88 -2.34
CA ILE A 18 5.61 -7.50 -1.11
C ILE A 18 4.62 -6.89 -0.10
N ALA A 19 3.60 -6.19 -0.62
CA ALA A 19 2.50 -5.62 0.19
C ALA A 19 1.83 -6.71 1.04
N LEU A 20 1.29 -7.72 0.33
CA LEU A 20 0.52 -8.82 0.92
C LEU A 20 1.42 -9.67 1.86
N LYS A 21 2.73 -9.70 1.57
CA LYS A 21 3.75 -10.33 2.45
C LYS A 21 3.71 -9.68 3.85
N PHE A 22 3.70 -8.33 3.89
CA PHE A 22 3.71 -7.56 5.17
C PHE A 22 2.31 -7.53 5.82
N ILE A 23 1.25 -7.45 5.00
CA ILE A 23 -0.15 -7.34 5.49
C ILE A 23 -0.59 -8.66 6.15
N SER A 24 -0.17 -9.80 5.57
CA SER A 24 -0.42 -11.14 6.14
C SER A 24 0.28 -11.34 7.51
N GLN A 25 1.33 -10.53 7.76
CA GLN A 25 2.06 -10.54 9.05
C GLN A 25 1.53 -9.44 10.00
N GLY A 26 0.64 -8.57 9.48
CA GLY A 26 0.07 -7.46 10.25
C GLY A 26 1.02 -6.29 10.42
N LEU A 27 2.07 -6.27 9.57
CA LEU A 27 3.13 -5.26 9.60
C LEU A 27 2.75 -4.08 8.68
N ASP A 28 3.07 -2.86 9.13
CA ASP A 28 2.91 -1.65 8.32
C ASP A 28 4.02 -1.58 7.26
N LEU A 29 3.64 -1.16 6.05
CA LEU A 29 4.54 -1.07 4.91
C LEU A 29 4.29 0.23 4.17
N GLU A 30 5.35 0.86 3.62
CA GLU A 30 5.21 2.04 2.78
C GLU A 30 5.82 1.74 1.41
N VAL A 31 5.03 1.90 0.36
CA VAL A 31 5.45 1.65 -1.03
C VAL A 31 5.22 2.93 -1.85
N GLU A 32 6.29 3.48 -2.42
CA GLU A 32 6.24 4.65 -3.26
C GLU A 32 6.40 4.21 -4.72
N PHE A 33 5.35 4.48 -5.51
CA PHE A 33 5.29 4.11 -6.91
C PHE A 33 6.09 5.14 -7.73
N ASP A 34 7.23 4.70 -8.26
CA ASP A 34 8.13 5.54 -9.06
C ASP A 34 7.57 5.63 -10.49
N SER A 35 6.69 6.60 -10.70
CA SER A 35 6.09 6.91 -12.01
C SER A 35 5.46 8.30 -12.01
N THR A 36 5.23 8.79 -13.22
CA THR A 36 4.57 10.08 -13.50
C THR A 36 3.53 9.91 -14.63
N ASP A 37 3.20 8.63 -14.93
CA ASP A 37 2.22 8.26 -15.97
C ASP A 37 0.91 7.86 -15.31
N ASP A 38 -0.16 8.57 -15.67
CA ASP A 38 -1.50 8.42 -15.05
C ASP A 38 -2.06 6.99 -15.16
N LYS A 39 -1.80 6.32 -16.30
CA LYS A 39 -2.32 4.95 -16.56
C LYS A 39 -1.73 3.96 -15.55
N GLU A 40 -0.39 4.04 -15.37
CA GLU A 40 0.36 3.23 -14.39
C GLU A 40 -0.13 3.50 -12.95
N ILE A 41 -0.35 4.79 -12.64
CA ILE A 41 -0.77 5.27 -11.32
C ILE A 41 -2.18 4.74 -10.95
N GLU A 42 -3.12 4.77 -11.92
CA GLU A 42 -4.51 4.31 -11.71
C GLU A 42 -4.52 2.83 -11.33
N GLU A 43 -3.65 2.05 -11.99
CA GLU A 43 -3.45 0.63 -11.70
C GLU A 43 -2.94 0.42 -10.27
N PHE A 44 -1.96 1.23 -9.87
CA PHE A 44 -1.36 1.16 -8.52
C PHE A 44 -2.43 1.43 -7.45
N GLU A 45 -3.30 2.44 -7.72
CA GLU A 45 -4.39 2.83 -6.83
C GLU A 45 -5.41 1.69 -6.66
N ARG A 46 -6.07 1.30 -7.76
CA ARG A 46 -7.18 0.32 -7.75
C ARG A 46 -6.76 -1.04 -7.12
N ASP A 47 -5.55 -1.49 -7.44
CA ASP A 47 -4.96 -2.72 -6.92
C ASP A 47 -4.64 -2.64 -5.41
N MET A 48 -4.07 -1.50 -4.95
CA MET A 48 -3.78 -1.28 -3.50
C MET A 48 -5.07 -1.15 -2.67
N GLU A 49 -6.10 -0.51 -3.26
CA GLU A 49 -7.43 -0.35 -2.65
C GLU A 49 -8.12 -1.71 -2.52
N ASP A 50 -8.07 -2.49 -3.62
CA ASP A 50 -8.61 -3.87 -3.71
C ASP A 50 -8.03 -4.73 -2.59
N LEU A 51 -6.69 -4.75 -2.54
CA LEU A 51 -5.91 -5.56 -1.59
C LEU A 51 -6.28 -5.16 -0.15
N ALA A 52 -6.16 -3.85 0.15
CA ALA A 52 -6.38 -3.30 1.50
C ALA A 52 -7.76 -3.64 2.06
N LYS A 53 -8.80 -3.28 1.30
CA LYS A 53 -10.22 -3.48 1.69
C LYS A 53 -10.49 -4.97 2.01
N LYS A 54 -10.08 -5.84 1.09
CA LYS A 54 -10.31 -7.29 1.16
C LYS A 54 -9.46 -7.99 2.25
N THR A 55 -8.34 -7.35 2.67
CA THR A 55 -7.51 -7.86 3.78
C THR A 55 -7.94 -7.27 5.13
N GLY A 56 -8.85 -6.27 5.08
CA GLY A 56 -9.38 -5.62 6.29
C GLY A 56 -8.50 -4.51 6.85
N VAL A 57 -7.60 -3.96 6.01
CA VAL A 57 -6.79 -2.78 6.34
C VAL A 57 -7.18 -1.61 5.39
N GLN A 58 -6.60 -0.42 5.59
CA GLN A 58 -6.76 0.71 4.66
C GLN A 58 -5.40 1.11 4.08
N ILE A 59 -5.43 2.04 3.12
CA ILE A 59 -4.23 2.64 2.53
C ILE A 59 -4.12 4.13 2.94
N GLN A 60 -2.99 4.74 2.57
CA GLN A 60 -2.74 6.17 2.76
C GLN A 60 -2.03 6.68 1.50
N LYS A 61 -2.81 7.32 0.59
CA LYS A 61 -2.26 7.91 -0.64
C LYS A 61 -1.61 9.25 -0.31
N GLN A 62 -0.31 9.36 -0.56
CA GLN A 62 0.49 10.56 -0.29
C GLN A 62 1.26 10.92 -1.57
N TRP A 63 0.75 11.91 -2.30
CA TRP A 63 1.42 12.45 -3.48
C TRP A 63 2.66 13.24 -3.06
N GLN A 64 3.84 12.71 -3.38
CA GLN A 64 5.12 13.25 -2.93
C GLN A 64 5.96 13.53 -4.18
N GLY A 65 5.73 14.69 -4.80
CA GLY A 65 6.41 15.07 -6.05
C GLY A 65 6.03 14.18 -7.23
N ASN A 66 4.70 13.97 -7.39
CA ASN A 66 4.08 13.12 -8.45
C ASN A 66 4.22 11.61 -8.16
N LYS A 67 5.28 11.21 -7.43
CA LYS A 67 5.46 9.83 -6.94
C LYS A 67 4.34 9.52 -5.93
N LEU A 68 3.47 8.56 -6.26
CA LEU A 68 2.35 8.22 -5.39
C LEU A 68 2.83 7.24 -4.31
N ARG A 69 3.16 7.80 -3.15
CA ARG A 69 3.59 7.04 -1.98
C ARG A 69 2.34 6.58 -1.20
N ILE A 70 2.02 5.29 -1.29
CA ILE A 70 0.90 4.68 -0.57
C ILE A 70 1.44 3.87 0.61
N ARG A 71 1.07 4.27 1.83
CA ARG A 71 1.40 3.52 3.03
C ARG A 71 0.20 2.62 3.41
N LEU A 72 0.49 1.34 3.57
CA LEU A 72 -0.49 0.31 3.95
C LEU A 72 -0.44 0.16 5.48
N LYS A 73 -1.57 0.35 6.15
CA LYS A 73 -1.63 0.26 7.61
C LYS A 73 -1.92 -1.19 8.05
N GLY A 74 -0.83 -1.92 8.28
CA GLY A 74 -0.89 -3.27 8.87
C GLY A 74 -1.65 -3.27 10.20
N SER A 75 -1.41 -2.20 10.98
CA SER A 75 -2.17 -1.87 12.18
C SER A 75 -3.18 -0.74 11.81
N LEU A 76 -4.45 -1.12 11.59
CA LEU A 76 -5.52 -0.16 11.27
C LEU A 76 -6.00 0.47 12.59
N GLU A 77 -6.49 -0.38 13.49
CA GLU A 77 -7.17 0.04 14.71
C GLU A 77 -7.11 -1.02 15.81
N HIS A 78 -7.41 -0.60 17.04
CA HIS A 78 -7.56 -1.49 18.20
C HIS A 78 -8.88 -2.31 18.07
N HIS A 79 -8.89 -3.53 18.65
CA HIS A 79 -10.06 -4.42 18.55
C HIS A 79 -11.19 -3.97 19.49
N HIS A 80 -12.15 -3.21 18.93
CA HIS A 80 -13.42 -2.88 19.57
C HIS A 80 -14.43 -4.04 19.33
N HIS A 81 -15.73 -3.80 19.62
CA HIS A 81 -16.82 -4.74 19.25
C HIS A 81 -16.96 -4.79 17.72
N HIS A 82 -17.41 -5.95 17.19
CA HIS A 82 -17.60 -6.17 15.73
C HIS A 82 -18.85 -5.41 15.22
N HIS A 83 -18.73 -4.08 15.15
CA HIS A 83 -19.82 -3.16 14.85
C HIS A 83 -19.22 -1.90 14.18
N MET A 1 12.10 -5.51 8.50
CA MET A 1 13.04 -5.56 9.63
C MET A 1 12.67 -4.49 10.69
N GLY A 2 11.58 -4.78 11.44
CA GLY A 2 11.11 -3.91 12.52
C GLY A 2 10.37 -2.67 11.99
N LEU A 3 11.14 -1.67 11.55
CA LEU A 3 10.62 -0.38 11.04
C LEU A 3 9.82 -0.53 9.74
N THR A 4 8.97 0.47 9.45
CA THR A 4 8.25 0.58 8.18
C THR A 4 9.22 1.09 7.09
N ARG A 5 9.71 0.16 6.25
CA ARG A 5 10.53 0.51 5.08
C ARG A 5 9.65 1.09 3.95
N THR A 6 10.27 1.88 3.05
CA THR A 6 9.59 2.54 1.93
C THR A 6 10.20 2.04 0.62
N ILE A 7 9.39 1.29 -0.15
CA ILE A 7 9.83 0.61 -1.38
C ILE A 7 9.44 1.45 -2.60
N THR A 8 10.45 1.97 -3.33
CA THR A 8 10.23 2.79 -4.53
C THR A 8 10.43 1.89 -5.75
N SER A 9 9.32 1.56 -6.44
CA SER A 9 9.33 0.57 -7.53
C SER A 9 8.59 1.08 -8.78
N GLN A 10 9.02 0.54 -9.93
CA GLN A 10 8.53 0.92 -11.26
C GLN A 10 7.36 0.02 -11.70
N ASN A 11 7.14 -1.07 -10.93
CA ASN A 11 6.05 -2.04 -11.17
C ASN A 11 5.12 -2.09 -9.96
N LYS A 12 3.82 -1.79 -10.20
CA LYS A 12 2.79 -1.79 -9.15
C LYS A 12 2.41 -3.22 -8.71
N GLU A 13 2.62 -4.20 -9.60
CA GLU A 13 2.23 -5.62 -9.36
C GLU A 13 3.09 -6.27 -8.26
N GLU A 14 4.43 -6.13 -8.37
CA GLU A 14 5.37 -6.66 -7.37
C GLU A 14 5.16 -5.97 -6.02
N LEU A 15 4.72 -4.70 -6.07
CA LEU A 15 4.37 -3.93 -4.87
C LEU A 15 3.14 -4.55 -4.16
N LEU A 16 2.22 -5.16 -4.94
CA LEU A 16 1.02 -5.84 -4.39
C LEU A 16 1.42 -7.15 -3.69
N GLU A 17 2.34 -7.88 -4.32
CA GLU A 17 2.84 -9.18 -3.84
C GLU A 17 3.65 -9.01 -2.53
N ILE A 18 4.53 -8.00 -2.50
CA ILE A 18 5.34 -7.66 -1.29
C ILE A 18 4.43 -7.12 -0.18
N ALA A 19 3.44 -6.30 -0.58
CA ALA A 19 2.45 -5.74 0.34
C ALA A 19 1.70 -6.85 1.09
N LEU A 20 1.06 -7.74 0.30
CA LEU A 20 0.26 -8.87 0.81
C LEU A 20 1.07 -9.74 1.81
N LYS A 21 2.39 -9.88 1.53
CA LYS A 21 3.32 -10.60 2.40
C LYS A 21 3.42 -9.93 3.79
N PHE A 22 3.61 -8.61 3.80
CA PHE A 22 3.80 -7.82 5.05
C PHE A 22 2.48 -7.76 5.85
N ILE A 23 1.37 -7.54 5.14
CA ILE A 23 0.04 -7.37 5.76
C ILE A 23 -0.43 -8.72 6.36
N SER A 24 -0.08 -9.82 5.68
CA SER A 24 -0.33 -11.19 6.15
C SER A 24 0.44 -11.50 7.45
N GLN A 25 1.64 -10.90 7.61
CA GLN A 25 2.48 -11.05 8.82
C GLN A 25 2.09 -10.00 9.90
N GLY A 26 1.11 -9.13 9.58
CA GLY A 26 0.66 -8.09 10.51
C GLY A 26 1.62 -6.92 10.62
N LEU A 27 2.57 -6.86 9.68
CA LEU A 27 3.59 -5.79 9.59
C LEU A 27 2.99 -4.51 8.99
N ASP A 28 3.77 -3.43 9.05
CA ASP A 28 3.42 -2.15 8.43
C ASP A 28 4.47 -1.86 7.34
N LEU A 29 3.99 -1.48 6.15
CA LEU A 29 4.84 -1.32 4.95
C LEU A 29 4.42 -0.05 4.20
N GLU A 30 5.40 0.71 3.70
CA GLU A 30 5.15 1.86 2.84
C GLU A 30 5.73 1.57 1.46
N VAL A 31 4.96 1.86 0.41
CA VAL A 31 5.37 1.65 -0.99
C VAL A 31 5.07 2.93 -1.82
N GLU A 32 6.12 3.49 -2.41
CA GLU A 32 6.03 4.66 -3.31
C GLU A 32 6.22 4.18 -4.75
N PHE A 33 5.25 4.46 -5.60
CA PHE A 33 5.32 4.11 -7.01
C PHE A 33 6.21 5.12 -7.75
N ASP A 34 7.42 4.68 -8.11
CA ASP A 34 8.41 5.49 -8.81
C ASP A 34 8.09 5.49 -10.32
N SER A 35 7.09 6.31 -10.69
CA SER A 35 6.66 6.54 -12.07
C SER A 35 5.75 7.78 -12.14
N THR A 36 5.90 8.55 -13.22
CA THR A 36 5.04 9.73 -13.50
C THR A 36 3.92 9.36 -14.51
N ASP A 37 3.80 8.06 -14.85
CA ASP A 37 2.86 7.58 -15.87
C ASP A 37 1.49 7.41 -15.22
N ASP A 38 0.58 8.33 -15.56
CA ASP A 38 -0.78 8.41 -14.99
C ASP A 38 -1.50 7.05 -14.99
N LYS A 39 -1.46 6.35 -16.13
CA LYS A 39 -2.17 5.09 -16.32
C LYS A 39 -1.68 4.00 -15.35
N GLU A 40 -0.35 3.90 -15.21
CA GLU A 40 0.29 2.94 -14.28
C GLU A 40 -0.07 3.28 -12.81
N ILE A 41 -0.11 4.60 -12.50
CA ILE A 41 -0.44 5.11 -11.16
C ILE A 41 -1.89 4.78 -10.79
N GLU A 42 -2.82 4.89 -11.78
CA GLU A 42 -4.26 4.61 -11.57
C GLU A 42 -4.46 3.16 -11.11
N GLU A 43 -3.74 2.24 -11.78
CA GLU A 43 -3.76 0.82 -11.46
C GLU A 43 -3.15 0.56 -10.09
N PHE A 44 -2.07 1.30 -9.75
CA PHE A 44 -1.41 1.19 -8.43
C PHE A 44 -2.41 1.54 -7.31
N GLU A 45 -3.22 2.59 -7.55
CA GLU A 45 -4.26 3.03 -6.62
C GLU A 45 -5.31 1.95 -6.40
N ARG A 46 -6.05 1.59 -7.47
CA ARG A 46 -7.22 0.72 -7.37
C ARG A 46 -6.84 -0.69 -6.90
N ASP A 47 -5.68 -1.20 -7.34
CA ASP A 47 -5.15 -2.49 -6.89
C ASP A 47 -4.80 -2.47 -5.38
N MET A 48 -4.16 -1.38 -4.89
CA MET A 48 -3.85 -1.23 -3.44
C MET A 48 -5.13 -1.09 -2.59
N GLU A 49 -6.16 -0.42 -3.16
CA GLU A 49 -7.46 -0.25 -2.51
C GLU A 49 -8.18 -1.60 -2.37
N ASP A 50 -8.25 -2.36 -3.48
CA ASP A 50 -8.92 -3.68 -3.54
C ASP A 50 -8.18 -4.71 -2.67
N LEU A 51 -6.84 -4.60 -2.63
CA LEU A 51 -6.00 -5.40 -1.72
C LEU A 51 -6.33 -5.07 -0.26
N ALA A 52 -6.50 -3.76 0.03
CA ALA A 52 -6.88 -3.27 1.35
C ALA A 52 -8.31 -3.70 1.76
N LYS A 53 -9.19 -3.89 0.77
CA LYS A 53 -10.53 -4.45 1.01
C LYS A 53 -10.41 -5.89 1.52
N LYS A 54 -9.67 -6.72 0.75
CA LYS A 54 -9.48 -8.17 1.04
C LYS A 54 -8.90 -8.37 2.45
N THR A 55 -7.87 -7.58 2.76
CA THR A 55 -7.14 -7.67 4.02
C THR A 55 -7.84 -6.88 5.16
N GLY A 56 -8.82 -6.03 4.81
CA GLY A 56 -9.59 -5.26 5.81
C GLY A 56 -8.84 -4.07 6.39
N VAL A 57 -7.80 -3.61 5.69
CA VAL A 57 -6.90 -2.56 6.20
C VAL A 57 -7.18 -1.20 5.55
N GLN A 58 -6.45 -0.18 6.05
CA GLN A 58 -6.53 1.19 5.55
C GLN A 58 -5.27 1.52 4.71
N ILE A 59 -5.43 2.41 3.72
CA ILE A 59 -4.32 2.92 2.89
C ILE A 59 -4.04 4.39 3.24
N GLN A 60 -2.89 4.92 2.79
CA GLN A 60 -2.56 6.34 2.96
C GLN A 60 -1.90 6.85 1.67
N LYS A 61 -2.69 7.56 0.84
CA LYS A 61 -2.20 8.12 -0.44
C LYS A 61 -1.63 9.52 -0.22
N GLN A 62 -0.44 9.77 -0.79
CA GLN A 62 0.18 11.10 -0.83
C GLN A 62 0.71 11.37 -2.23
N TRP A 63 0.18 12.40 -2.89
CA TRP A 63 0.70 12.89 -4.18
C TRP A 63 1.78 13.94 -3.90
N GLN A 64 3.01 13.67 -4.38
CA GLN A 64 4.17 14.53 -4.11
C GLN A 64 5.07 14.49 -5.34
N GLY A 65 5.07 15.59 -6.11
CA GLY A 65 5.84 15.70 -7.36
C GLY A 65 5.37 14.70 -8.40
N ASN A 66 4.04 14.42 -8.38
CA ASN A 66 3.33 13.45 -9.26
C ASN A 66 3.58 11.98 -8.81
N LYS A 67 4.68 11.75 -8.06
CA LYS A 67 4.98 10.44 -7.49
C LYS A 67 4.03 10.13 -6.33
N LEU A 68 3.28 9.03 -6.47
CA LEU A 68 2.28 8.62 -5.48
C LEU A 68 2.87 7.62 -4.47
N ARG A 69 2.80 8.00 -3.20
CA ARG A 69 3.26 7.19 -2.08
C ARG A 69 2.03 6.66 -1.32
N ILE A 70 1.78 5.35 -1.38
CA ILE A 70 0.68 4.71 -0.64
C ILE A 70 1.28 3.88 0.50
N ARG A 71 0.96 4.25 1.75
CA ARG A 71 1.39 3.49 2.93
C ARG A 71 0.27 2.53 3.34
N LEU A 72 0.66 1.27 3.56
CA LEU A 72 -0.24 0.17 3.90
C LEU A 72 0.05 -0.28 5.33
N LYS A 73 -1.02 -0.53 6.08
CA LYS A 73 -0.92 -1.00 7.48
C LYS A 73 -1.55 -2.39 7.59
N GLY A 74 -1.13 -3.18 8.59
CA GLY A 74 -1.54 -4.58 8.72
C GLY A 74 -2.56 -4.81 9.82
N SER A 75 -2.08 -4.96 11.06
CA SER A 75 -2.91 -5.37 12.21
C SER A 75 -3.38 -4.13 13.00
N LEU A 76 -4.53 -3.55 12.57
CA LEU A 76 -5.11 -2.33 13.17
C LEU A 76 -6.49 -2.62 13.78
N GLU A 77 -6.80 -1.91 14.89
CA GLU A 77 -8.11 -1.99 15.55
C GLU A 77 -9.02 -0.87 15.03
N HIS A 78 -9.93 -1.25 14.14
CA HIS A 78 -11.04 -0.42 13.65
C HIS A 78 -12.18 -1.39 13.30
N HIS A 79 -12.78 -1.94 14.37
CA HIS A 79 -13.70 -3.11 14.31
C HIS A 79 -14.93 -2.85 13.40
N HIS A 80 -14.76 -3.21 12.13
CA HIS A 80 -15.79 -3.10 11.08
C HIS A 80 -15.71 -4.34 10.17
N HIS A 81 -16.61 -4.39 9.18
CA HIS A 81 -16.76 -5.54 8.26
C HIS A 81 -16.82 -5.02 6.82
N HIS A 82 -15.83 -5.41 5.99
CA HIS A 82 -15.82 -5.14 4.54
C HIS A 82 -16.76 -6.11 3.80
N HIS A 83 -16.91 -5.92 2.46
CA HIS A 83 -17.92 -6.63 1.64
C HIS A 83 -17.88 -8.18 1.82
N MET A 1 12.06 3.85 9.39
CA MET A 1 12.66 4.22 10.69
C MET A 1 11.97 3.42 11.80
N GLY A 2 10.63 3.48 11.82
CA GLY A 2 9.82 2.56 12.63
C GLY A 2 9.60 1.22 11.92
N LEU A 3 8.39 0.65 12.06
CA LEU A 3 8.05 -0.66 11.45
C LEU A 3 7.68 -0.53 9.96
N THR A 4 7.37 0.70 9.52
CA THR A 4 6.93 0.97 8.14
C THR A 4 8.14 1.29 7.22
N ARG A 5 8.76 0.23 6.66
CA ARG A 5 9.86 0.37 5.68
C ARG A 5 9.35 0.94 4.33
N THR A 6 10.26 1.52 3.53
CA THR A 6 9.89 2.24 2.28
C THR A 6 10.53 1.56 1.06
N ILE A 7 9.70 1.06 0.14
CA ILE A 7 10.15 0.45 -1.11
C ILE A 7 9.77 1.38 -2.28
N THR A 8 10.80 1.95 -2.94
CA THR A 8 10.64 2.88 -4.05
C THR A 8 11.01 2.17 -5.35
N SER A 9 10.00 1.84 -6.18
CA SER A 9 10.21 1.10 -7.44
C SER A 9 9.39 1.71 -8.58
N GLN A 10 9.95 1.60 -9.80
CA GLN A 10 9.29 2.05 -11.05
C GLN A 10 8.34 0.97 -11.60
N ASN A 11 8.37 -0.21 -10.94
CA ASN A 11 7.48 -1.34 -11.24
C ASN A 11 6.48 -1.49 -10.08
N LYS A 12 5.17 -1.25 -10.35
CA LYS A 12 4.13 -1.34 -9.31
C LYS A 12 3.72 -2.79 -9.04
N GLU A 13 3.97 -3.70 -10.01
CA GLU A 13 3.54 -5.11 -9.91
C GLU A 13 4.18 -5.79 -8.69
N GLU A 14 5.52 -5.68 -8.60
CA GLU A 14 6.29 -6.20 -7.45
C GLU A 14 5.83 -5.53 -6.13
N LEU A 15 5.42 -4.24 -6.20
CA LEU A 15 4.97 -3.48 -5.02
C LEU A 15 3.65 -4.06 -4.48
N LEU A 16 2.82 -4.64 -5.40
CA LEU A 16 1.52 -5.24 -5.05
C LEU A 16 1.75 -6.61 -4.37
N GLU A 17 2.73 -7.36 -4.92
CA GLU A 17 3.15 -8.69 -4.39
C GLU A 17 3.75 -8.58 -2.97
N ILE A 18 4.65 -7.59 -2.78
CA ILE A 18 5.32 -7.35 -1.49
C ILE A 18 4.32 -6.76 -0.48
N ALA A 19 3.30 -6.04 -1.01
CA ALA A 19 2.18 -5.53 -0.18
C ALA A 19 1.46 -6.69 0.51
N LEU A 20 0.93 -7.60 -0.32
CA LEU A 20 0.10 -8.74 0.10
C LEU A 20 0.81 -9.60 1.17
N LYS A 21 2.11 -9.89 0.96
CA LYS A 21 2.91 -10.72 1.88
C LYS A 21 3.10 -10.02 3.25
N PHE A 22 3.22 -8.66 3.24
CA PHE A 22 3.41 -7.87 4.49
C PHE A 22 2.10 -7.76 5.27
N ILE A 23 1.00 -7.52 4.56
CA ILE A 23 -0.33 -7.34 5.17
C ILE A 23 -0.83 -8.68 5.74
N SER A 24 -0.48 -9.80 5.05
CA SER A 24 -0.77 -11.17 5.50
C SER A 24 0.00 -11.51 6.80
N GLN A 25 1.22 -10.96 6.95
CA GLN A 25 2.02 -11.08 8.19
C GLN A 25 1.57 -10.06 9.27
N GLY A 26 0.63 -9.16 8.89
CA GLY A 26 0.09 -8.14 9.80
C GLY A 26 1.08 -7.02 10.09
N LEU A 27 1.95 -6.75 9.10
CA LEU A 27 3.04 -5.77 9.21
C LEU A 27 2.69 -4.46 8.48
N ASP A 28 3.55 -3.45 8.68
CA ASP A 28 3.42 -2.12 8.08
C ASP A 28 4.42 -2.00 6.92
N LEU A 29 3.95 -1.54 5.74
CA LEU A 29 4.79 -1.39 4.54
C LEU A 29 4.39 -0.12 3.78
N GLU A 30 5.33 0.82 3.64
CA GLU A 30 5.19 1.98 2.74
C GLU A 30 5.83 1.64 1.40
N VAL A 31 5.12 1.93 0.32
CA VAL A 31 5.62 1.75 -1.06
C VAL A 31 5.33 3.03 -1.86
N GLU A 32 6.40 3.63 -2.44
CA GLU A 32 6.28 4.77 -3.36
C GLU A 32 6.56 4.28 -4.78
N PHE A 33 5.59 4.55 -5.66
CA PHE A 33 5.67 4.19 -7.07
C PHE A 33 6.33 5.34 -7.85
N ASP A 34 7.58 5.10 -8.29
CA ASP A 34 8.38 6.07 -9.04
C ASP A 34 8.03 5.99 -10.54
N SER A 35 6.90 6.63 -10.90
CA SER A 35 6.39 6.66 -12.28
C SER A 35 5.53 7.89 -12.51
N THR A 36 5.29 8.21 -13.79
CA THR A 36 4.44 9.32 -14.24
C THR A 36 3.41 8.83 -15.28
N ASP A 37 3.27 7.49 -15.44
CA ASP A 37 2.29 6.89 -16.35
C ASP A 37 0.97 6.73 -15.59
N ASP A 38 -0.03 7.52 -16.01
CA ASP A 38 -1.38 7.57 -15.41
C ASP A 38 -1.99 6.17 -15.19
N LYS A 39 -1.95 5.33 -16.25
CA LYS A 39 -2.58 3.99 -16.24
C LYS A 39 -1.99 3.10 -15.13
N GLU A 40 -0.64 3.09 -15.01
CA GLU A 40 0.09 2.27 -14.04
C GLU A 40 -0.22 2.72 -12.60
N ILE A 41 -0.29 4.06 -12.40
CA ILE A 41 -0.60 4.66 -11.10
C ILE A 41 -2.01 4.28 -10.62
N GLU A 42 -2.99 4.33 -11.55
CA GLU A 42 -4.40 4.02 -11.25
C GLU A 42 -4.59 2.54 -10.89
N GLU A 43 -3.88 1.66 -11.62
CA GLU A 43 -3.86 0.21 -11.34
C GLU A 43 -3.24 -0.08 -9.96
N PHE A 44 -2.19 0.70 -9.62
CA PHE A 44 -1.49 0.62 -8.32
C PHE A 44 -2.44 1.02 -7.18
N GLU A 45 -3.23 2.11 -7.42
CA GLU A 45 -4.22 2.63 -6.46
C GLU A 45 -5.29 1.59 -6.14
N ARG A 46 -6.07 1.22 -7.17
CA ARG A 46 -7.28 0.38 -7.00
C ARG A 46 -6.92 -1.03 -6.51
N ASP A 47 -5.72 -1.53 -6.86
CA ASP A 47 -5.21 -2.80 -6.33
C ASP A 47 -4.94 -2.70 -4.80
N MET A 48 -4.23 -1.61 -4.37
CA MET A 48 -3.95 -1.36 -2.93
C MET A 48 -5.25 -1.12 -2.13
N GLU A 49 -6.21 -0.42 -2.78
CA GLU A 49 -7.54 -0.14 -2.21
C GLU A 49 -8.35 -1.44 -2.05
N ASP A 50 -8.27 -2.30 -3.07
CA ASP A 50 -9.00 -3.58 -3.10
C ASP A 50 -8.48 -4.46 -1.97
N LEU A 51 -7.13 -4.52 -1.84
CA LEU A 51 -6.44 -5.24 -0.76
C LEU A 51 -6.85 -4.70 0.62
N ALA A 52 -7.04 -3.37 0.72
CA ALA A 52 -7.49 -2.70 1.95
C ALA A 52 -8.85 -3.26 2.43
N LYS A 53 -9.82 -3.37 1.50
CA LYS A 53 -11.13 -3.98 1.83
C LYS A 53 -11.00 -5.50 2.13
N LYS A 54 -10.24 -6.24 1.29
CA LYS A 54 -10.02 -7.72 1.42
C LYS A 54 -9.60 -8.12 2.84
N THR A 55 -8.60 -7.39 3.36
CA THR A 55 -8.02 -7.66 4.68
C THR A 55 -8.66 -6.79 5.77
N GLY A 56 -9.50 -5.79 5.37
CA GLY A 56 -10.13 -4.88 6.32
C GLY A 56 -9.17 -3.88 6.94
N VAL A 57 -8.08 -3.54 6.21
CA VAL A 57 -7.10 -2.53 6.62
C VAL A 57 -7.39 -1.21 5.88
N GLN A 58 -6.62 -0.16 6.20
CA GLN A 58 -6.71 1.14 5.52
C GLN A 58 -5.38 1.46 4.80
N ILE A 59 -5.44 2.34 3.79
CA ILE A 59 -4.24 2.83 3.07
C ILE A 59 -4.04 4.33 3.33
N GLN A 60 -2.88 4.86 2.91
CA GLN A 60 -2.56 6.29 3.04
C GLN A 60 -1.95 6.79 1.71
N LYS A 61 -2.76 7.47 0.88
CA LYS A 61 -2.28 8.06 -0.38
C LYS A 61 -1.69 9.44 -0.11
N GLN A 62 -0.42 9.63 -0.48
CA GLN A 62 0.27 10.91 -0.40
C GLN A 62 0.95 11.17 -1.74
N TRP A 63 0.57 12.25 -2.41
CA TRP A 63 1.16 12.65 -3.69
C TRP A 63 2.33 13.61 -3.42
N GLN A 64 3.53 13.19 -3.84
CA GLN A 64 4.76 13.97 -3.70
C GLN A 64 5.09 14.53 -5.09
N GLY A 65 4.44 15.65 -5.44
CA GLY A 65 4.59 16.27 -6.77
C GLY A 65 3.85 15.51 -7.87
N ASN A 66 4.49 14.43 -8.36
CA ASN A 66 3.97 13.58 -9.46
C ASN A 66 4.18 12.08 -9.12
N LYS A 67 4.62 11.78 -7.89
CA LYS A 67 4.94 10.41 -7.44
C LYS A 67 3.93 10.00 -6.37
N LEU A 68 3.31 8.83 -6.52
CA LEU A 68 2.31 8.35 -5.56
C LEU A 68 2.95 7.42 -4.53
N ARG A 69 2.90 7.85 -3.28
CA ARG A 69 3.31 7.06 -2.10
C ARG A 69 2.04 6.53 -1.41
N ILE A 70 1.85 5.20 -1.41
CA ILE A 70 0.76 4.55 -0.65
C ILE A 70 1.38 3.79 0.53
N ARG A 71 1.05 4.21 1.75
CA ARG A 71 1.49 3.56 2.98
C ARG A 71 0.40 2.59 3.45
N LEU A 72 0.80 1.34 3.67
CA LEU A 72 -0.10 0.22 3.99
C LEU A 72 0.15 -0.20 5.43
N LYS A 73 -0.93 -0.54 6.15
CA LYS A 73 -0.87 -0.94 7.57
C LYS A 73 -1.56 -2.29 7.79
N GLY A 74 -1.23 -2.93 8.93
CA GLY A 74 -1.78 -4.24 9.29
C GLY A 74 -3.21 -4.19 9.82
N SER A 75 -3.62 -3.02 10.38
CA SER A 75 -4.98 -2.82 10.93
C SER A 75 -5.21 -1.35 11.35
N LEU A 76 -6.49 -1.00 11.60
CA LEU A 76 -6.91 0.21 12.32
C LEU A 76 -8.15 -0.10 13.16
N GLU A 77 -8.31 0.66 14.25
CA GLU A 77 -9.53 0.66 15.09
C GLU A 77 -10.62 1.50 14.40
N HIS A 78 -10.18 2.47 13.56
CA HIS A 78 -11.08 3.43 12.87
C HIS A 78 -11.83 2.80 11.68
N HIS A 79 -11.55 1.52 11.40
CA HIS A 79 -12.33 0.71 10.44
C HIS A 79 -13.32 -0.13 11.27
N HIS A 80 -14.59 0.33 11.32
CA HIS A 80 -15.63 -0.20 12.24
C HIS A 80 -15.93 -1.69 11.98
N HIS A 81 -15.83 -2.50 13.05
CA HIS A 81 -16.12 -3.94 13.00
C HIS A 81 -17.65 -4.13 12.96
N HIS A 82 -18.18 -4.32 11.73
CA HIS A 82 -19.63 -4.36 11.49
C HIS A 82 -20.24 -5.71 11.92
N HIS A 83 -21.48 -5.66 12.42
CA HIS A 83 -22.26 -6.85 12.84
C HIS A 83 -23.72 -6.68 12.37
N MET A 1 13.22 -2.90 15.61
CA MET A 1 12.90 -3.91 14.57
C MET A 1 11.60 -3.53 13.87
N GLY A 2 11.24 -4.28 12.81
CA GLY A 2 10.02 -4.03 12.02
C GLY A 2 10.03 -2.65 11.36
N LEU A 3 11.11 -2.37 10.62
CA LEU A 3 11.33 -1.05 9.99
C LEU A 3 10.40 -0.89 8.78
N THR A 4 9.57 0.17 8.82
CA THR A 4 8.67 0.53 7.71
C THR A 4 9.49 1.17 6.58
N ARG A 5 10.06 0.31 5.73
CA ARG A 5 10.86 0.73 4.57
C ARG A 5 9.97 1.33 3.47
N THR A 6 10.60 2.09 2.57
CA THR A 6 9.94 2.70 1.41
C THR A 6 10.48 2.02 0.14
N ILE A 7 9.65 1.15 -0.46
CA ILE A 7 10.04 0.35 -1.62
C ILE A 7 9.67 1.15 -2.88
N THR A 8 10.69 1.68 -3.55
CA THR A 8 10.51 2.54 -4.73
C THR A 8 10.74 1.68 -5.98
N SER A 9 9.65 1.32 -6.68
CA SER A 9 9.70 0.46 -7.88
C SER A 9 8.81 1.02 -8.98
N GLN A 10 9.22 0.77 -10.23
CA GLN A 10 8.48 1.16 -11.45
C GLN A 10 7.42 0.11 -11.79
N ASN A 11 7.38 -1.01 -11.06
CA ASN A 11 6.41 -2.10 -11.26
C ASN A 11 5.49 -2.17 -10.03
N LYS A 12 4.18 -1.86 -10.21
CA LYS A 12 3.19 -1.83 -9.12
C LYS A 12 2.70 -3.25 -8.71
N GLU A 13 2.85 -4.24 -9.61
CA GLU A 13 2.41 -5.63 -9.35
C GLU A 13 3.19 -6.26 -8.18
N GLU A 14 4.52 -6.18 -8.28
CA GLU A 14 5.44 -6.71 -7.24
C GLU A 14 5.28 -5.96 -5.91
N LEU A 15 4.86 -4.67 -5.98
CA LEU A 15 4.56 -3.86 -4.78
C LEU A 15 3.38 -4.48 -3.99
N LEU A 16 2.41 -5.08 -4.74
CA LEU A 16 1.25 -5.79 -4.14
C LEU A 16 1.72 -7.06 -3.44
N GLU A 17 2.54 -7.84 -4.18
CA GLU A 17 3.04 -9.15 -3.74
C GLU A 17 3.86 -9.04 -2.43
N ILE A 18 4.83 -8.10 -2.41
CA ILE A 18 5.71 -7.86 -1.25
C ILE A 18 4.88 -7.32 -0.07
N ALA A 19 3.99 -6.36 -0.35
CA ALA A 19 3.17 -5.70 0.69
C ALA A 19 2.28 -6.69 1.44
N LEU A 20 1.72 -7.65 0.67
CA LEU A 20 0.81 -8.69 1.17
C LEU A 20 1.42 -9.49 2.33
N LYS A 21 2.75 -9.73 2.23
CA LYS A 21 3.50 -10.50 3.25
C LYS A 21 3.56 -9.72 4.58
N PHE A 22 3.64 -8.36 4.48
CA PHE A 22 3.68 -7.45 5.64
C PHE A 22 2.31 -7.41 6.31
N ILE A 23 1.24 -7.35 5.49
CA ILE A 23 -0.15 -7.29 5.98
C ILE A 23 -0.47 -8.60 6.71
N SER A 24 0.00 -9.72 6.14
CA SER A 24 -0.13 -11.08 6.68
C SER A 24 0.48 -11.21 8.10
N GLN A 25 1.58 -10.46 8.33
CA GLN A 25 2.30 -10.42 9.63
C GLN A 25 1.71 -9.36 10.58
N GLY A 26 0.96 -8.39 10.03
CA GLY A 26 0.46 -7.24 10.80
C GLY A 26 1.46 -6.07 10.81
N LEU A 27 2.53 -6.21 10.02
CA LEU A 27 3.55 -5.18 9.81
C LEU A 27 3.02 -4.17 8.78
N ASP A 28 3.30 -2.88 8.98
CA ASP A 28 2.99 -1.84 7.99
C ASP A 28 4.19 -1.66 7.04
N LEU A 29 3.90 -1.17 5.84
CA LEU A 29 4.89 -1.03 4.77
C LEU A 29 4.58 0.25 3.99
N GLU A 30 5.62 0.91 3.47
CA GLU A 30 5.44 2.07 2.61
C GLU A 30 6.02 1.70 1.22
N VAL A 31 5.17 1.75 0.19
CA VAL A 31 5.58 1.46 -1.20
C VAL A 31 5.29 2.70 -2.06
N GLU A 32 6.35 3.22 -2.71
CA GLU A 32 6.25 4.37 -3.62
C GLU A 32 6.37 3.85 -5.05
N PHE A 33 5.30 4.07 -5.82
CA PHE A 33 5.29 3.76 -7.23
C PHE A 33 6.03 4.88 -7.97
N ASP A 34 7.24 4.57 -8.43
CA ASP A 34 8.13 5.52 -9.08
C ASP A 34 7.67 5.73 -10.54
N SER A 35 6.78 6.71 -10.70
CA SER A 35 6.20 7.09 -12.00
C SER A 35 5.47 8.43 -11.84
N THR A 36 5.35 9.15 -12.97
CA THR A 36 4.56 10.39 -13.07
C THR A 36 3.41 10.22 -14.09
N ASP A 37 3.23 8.98 -14.58
CA ASP A 37 2.25 8.64 -15.62
C ASP A 37 0.93 8.26 -14.96
N ASP A 38 -0.12 9.08 -15.19
CA ASP A 38 -1.45 8.93 -14.54
C ASP A 38 -2.02 7.51 -14.67
N LYS A 39 -1.93 6.93 -15.87
CA LYS A 39 -2.59 5.65 -16.23
C LYS A 39 -2.15 4.48 -15.33
N GLU A 40 -0.84 4.22 -15.30
CA GLU A 40 -0.25 3.12 -14.48
C GLU A 40 -0.32 3.44 -12.97
N ILE A 41 -0.29 4.75 -12.63
CA ILE A 41 -0.55 5.22 -11.26
C ILE A 41 -1.99 4.87 -10.82
N GLU A 42 -2.96 5.03 -11.74
CA GLU A 42 -4.38 4.73 -11.49
C GLU A 42 -4.56 3.24 -11.23
N GLU A 43 -3.83 2.41 -11.99
CA GLU A 43 -3.75 0.95 -11.77
C GLU A 43 -3.31 0.66 -10.32
N PHE A 44 -2.21 1.32 -9.88
CA PHE A 44 -1.66 1.15 -8.51
C PHE A 44 -2.67 1.56 -7.42
N GLU A 45 -3.50 2.60 -7.71
CA GLU A 45 -4.58 3.06 -6.82
C GLU A 45 -5.58 1.94 -6.54
N ARG A 46 -6.20 1.41 -7.63
CA ARG A 46 -7.27 0.39 -7.51
C ARG A 46 -6.72 -0.94 -7.02
N ASP A 47 -5.51 -1.31 -7.47
CA ASP A 47 -4.83 -2.55 -7.02
C ASP A 47 -4.62 -2.56 -5.49
N MET A 48 -4.24 -1.38 -4.93
CA MET A 48 -4.08 -1.20 -3.46
C MET A 48 -5.44 -1.10 -2.75
N GLU A 49 -6.46 -0.54 -3.44
CA GLU A 49 -7.84 -0.45 -2.91
C GLU A 49 -8.45 -1.85 -2.77
N ASP A 50 -8.51 -2.60 -3.88
CA ASP A 50 -8.98 -4.01 -3.93
C ASP A 50 -8.25 -4.87 -2.89
N LEU A 51 -6.92 -4.68 -2.80
CA LEU A 51 -6.07 -5.38 -1.80
C LEU A 51 -6.56 -5.07 -0.38
N ALA A 52 -6.72 -3.76 -0.08
CA ALA A 52 -7.14 -3.25 1.24
C ALA A 52 -8.55 -3.74 1.63
N LYS A 53 -9.44 -3.87 0.63
CA LYS A 53 -10.80 -4.39 0.83
C LYS A 53 -10.75 -5.86 1.28
N LYS A 54 -10.06 -6.69 0.48
CA LYS A 54 -9.95 -8.14 0.70
C LYS A 54 -9.12 -8.49 1.97
N THR A 55 -8.30 -7.53 2.44
CA THR A 55 -7.53 -7.67 3.70
C THR A 55 -8.22 -6.93 4.87
N GLY A 56 -9.21 -6.06 4.55
CA GLY A 56 -9.95 -5.30 5.57
C GLY A 56 -9.13 -4.19 6.25
N VAL A 57 -8.09 -3.71 5.55
CA VAL A 57 -7.17 -2.67 6.07
C VAL A 57 -7.37 -1.34 5.32
N GLN A 58 -6.67 -0.28 5.77
CA GLN A 58 -6.75 1.06 5.14
C GLN A 58 -5.43 1.37 4.40
N ILE A 59 -5.51 2.21 3.34
CA ILE A 59 -4.34 2.69 2.58
C ILE A 59 -4.13 4.20 2.86
N GLN A 60 -2.91 4.68 2.59
CA GLN A 60 -2.55 6.10 2.79
C GLN A 60 -1.83 6.62 1.53
N LYS A 61 -2.57 7.33 0.66
CA LYS A 61 -2.02 7.90 -0.60
C LYS A 61 -1.32 9.23 -0.28
N GLN A 62 -0.01 9.24 -0.50
CA GLN A 62 0.85 10.42 -0.36
C GLN A 62 1.42 10.77 -1.73
N TRP A 63 0.81 11.75 -2.39
CA TRP A 63 1.33 12.32 -3.65
C TRP A 63 2.58 13.15 -3.33
N GLN A 64 3.75 12.55 -3.51
CA GLN A 64 5.03 13.17 -3.16
C GLN A 64 5.66 13.70 -4.45
N GLY A 65 5.39 14.98 -4.74
CA GLY A 65 5.75 15.62 -6.00
C GLY A 65 4.78 15.24 -7.12
N ASN A 66 4.93 14.01 -7.61
CA ASN A 66 4.09 13.40 -8.66
C ASN A 66 4.28 11.85 -8.58
N LYS A 67 4.73 11.38 -7.40
CA LYS A 67 4.96 9.95 -7.11
C LYS A 67 3.83 9.49 -6.20
N LEU A 68 3.15 8.39 -6.55
CA LEU A 68 2.08 7.86 -5.70
C LEU A 68 2.68 6.90 -4.67
N ARG A 69 2.97 7.44 -3.50
CA ARG A 69 3.49 6.69 -2.37
C ARG A 69 2.30 6.24 -1.50
N ILE A 70 1.97 4.94 -1.54
CA ILE A 70 0.86 4.37 -0.76
C ILE A 70 1.43 3.55 0.40
N ARG A 71 1.13 3.99 1.63
CA ARG A 71 1.54 3.30 2.84
C ARG A 71 0.39 2.42 3.31
N LEU A 72 0.68 1.12 3.41
CA LEU A 72 -0.25 0.08 3.83
C LEU A 72 0.01 -0.31 5.28
N LYS A 73 -1.02 -0.84 5.91
CA LYS A 73 -0.98 -1.35 7.29
C LYS A 73 -1.75 -2.68 7.38
N GLY A 74 -1.47 -3.46 8.43
CA GLY A 74 -2.22 -4.69 8.71
C GLY A 74 -3.10 -4.45 9.94
N SER A 75 -2.52 -4.68 11.12
CA SER A 75 -3.14 -4.38 12.41
C SER A 75 -2.82 -2.91 12.78
N LEU A 76 -3.78 -2.00 12.50
CA LEU A 76 -3.64 -0.55 12.74
C LEU A 76 -3.93 -0.23 14.22
N GLU A 77 -5.02 -0.79 14.72
CA GLU A 77 -5.50 -0.60 16.10
C GLU A 77 -5.78 -1.97 16.76
N HIS A 78 -6.56 -1.97 17.86
CA HIS A 78 -6.81 -3.15 18.71
C HIS A 78 -7.35 -4.37 17.90
N HIS A 79 -6.66 -5.52 18.07
CA HIS A 79 -6.98 -6.82 17.41
C HIS A 79 -6.56 -7.98 18.34
N HIS A 80 -7.50 -8.47 19.17
CA HIS A 80 -7.31 -9.74 19.91
C HIS A 80 -7.47 -10.93 18.95
N HIS A 81 -8.33 -10.74 17.94
CA HIS A 81 -8.64 -11.73 16.88
C HIS A 81 -8.51 -11.08 15.50
N HIS A 82 -8.66 -11.91 14.46
CA HIS A 82 -8.75 -11.46 13.05
C HIS A 82 -9.53 -12.52 12.25
N HIS A 83 -10.49 -12.10 11.42
CA HIS A 83 -11.32 -13.01 10.62
C HIS A 83 -10.81 -13.01 9.16
N MET A 1 9.48 -6.20 15.89
CA MET A 1 9.57 -6.01 14.43
C MET A 1 8.38 -5.16 13.97
N GLY A 2 8.67 -3.96 13.43
CA GLY A 2 7.65 -3.06 12.91
C GLY A 2 8.26 -1.80 12.32
N LEU A 3 9.49 -1.93 11.75
CA LEU A 3 10.21 -0.82 11.12
C LEU A 3 9.54 -0.53 9.76
N THR A 4 9.11 0.73 9.55
CA THR A 4 8.48 1.16 8.30
C THR A 4 9.58 1.41 7.26
N ARG A 5 9.88 0.39 6.47
CA ARG A 5 10.75 0.51 5.28
C ARG A 5 9.94 1.09 4.11
N THR A 6 10.64 1.76 3.17
CA THR A 6 10.02 2.38 2.01
C THR A 6 10.60 1.77 0.72
N ILE A 7 9.71 1.29 -0.14
CA ILE A 7 10.08 0.60 -1.39
C ILE A 7 9.64 1.46 -2.60
N THR A 8 10.61 1.91 -3.42
CA THR A 8 10.33 2.67 -4.65
C THR A 8 10.52 1.74 -5.86
N SER A 9 9.40 1.36 -6.49
CA SER A 9 9.41 0.46 -7.66
C SER A 9 8.44 1.00 -8.73
N GLN A 10 8.72 0.65 -10.00
CA GLN A 10 7.97 1.14 -11.17
C GLN A 10 6.84 0.18 -11.59
N ASN A 11 6.74 -1.00 -10.96
CA ASN A 11 5.68 -1.98 -11.26
C ASN A 11 4.78 -2.16 -10.02
N LYS A 12 3.48 -1.91 -10.22
CA LYS A 12 2.47 -2.04 -9.16
C LYS A 12 2.29 -3.51 -8.70
N GLU A 13 2.51 -4.46 -9.63
CA GLU A 13 2.29 -5.90 -9.39
C GLU A 13 3.31 -6.47 -8.40
N GLU A 14 4.60 -6.18 -8.63
CA GLU A 14 5.70 -6.63 -7.72
C GLU A 14 5.48 -6.06 -6.30
N LEU A 15 4.98 -4.80 -6.26
CA LEU A 15 4.64 -4.09 -5.02
C LEU A 15 3.45 -4.76 -4.30
N LEU A 16 2.54 -5.40 -5.07
CA LEU A 16 1.37 -6.12 -4.51
C LEU A 16 1.81 -7.39 -3.80
N GLU A 17 2.75 -8.10 -4.42
CA GLU A 17 3.32 -9.36 -3.89
C GLU A 17 4.04 -9.10 -2.55
N ILE A 18 4.92 -8.10 -2.55
CA ILE A 18 5.70 -7.71 -1.36
C ILE A 18 4.78 -7.13 -0.27
N ALA A 19 3.79 -6.33 -0.68
CA ALA A 19 2.77 -5.77 0.23
C ALA A 19 2.03 -6.88 1.00
N LEU A 20 1.56 -7.86 0.22
CA LEU A 20 0.73 -8.98 0.70
C LEU A 20 1.39 -9.75 1.86
N LYS A 21 2.73 -9.90 1.79
CA LYS A 21 3.51 -10.64 2.81
C LYS A 21 3.54 -9.87 4.16
N PHE A 22 3.60 -8.51 4.08
CA PHE A 22 3.61 -7.64 5.29
C PHE A 22 2.22 -7.58 5.91
N ILE A 23 1.21 -7.41 5.06
CA ILE A 23 -0.20 -7.23 5.47
C ILE A 23 -0.72 -8.54 6.12
N SER A 24 -0.26 -9.69 5.56
CA SER A 24 -0.50 -11.04 6.11
C SER A 24 -0.09 -11.13 7.59
N GLN A 25 1.08 -10.56 7.92
CA GLN A 25 1.66 -10.61 9.28
C GLN A 25 1.15 -9.47 10.17
N GLY A 26 0.27 -8.59 9.60
CA GLY A 26 -0.25 -7.43 10.33
C GLY A 26 0.78 -6.31 10.48
N LEU A 27 1.82 -6.37 9.64
CA LEU A 27 2.90 -5.38 9.61
C LEU A 27 2.57 -4.29 8.59
N ASP A 28 2.94 -3.05 8.92
CA ASP A 28 2.80 -1.92 7.99
C ASP A 28 4.03 -1.84 7.08
N LEU A 29 3.82 -1.29 5.91
CA LEU A 29 4.83 -1.17 4.85
C LEU A 29 4.57 0.13 4.10
N GLU A 30 5.62 0.84 3.67
CA GLU A 30 5.44 2.01 2.80
C GLU A 30 6.01 1.68 1.41
N VAL A 31 5.19 1.92 0.38
CA VAL A 31 5.55 1.72 -1.02
C VAL A 31 5.23 2.98 -1.82
N GLU A 32 6.26 3.58 -2.44
CA GLU A 32 6.12 4.73 -3.34
C GLU A 32 6.26 4.22 -4.77
N PHE A 33 5.19 4.41 -5.54
CA PHE A 33 5.15 4.03 -6.94
C PHE A 33 5.91 5.07 -7.74
N ASP A 34 7.12 4.70 -8.16
CA ASP A 34 8.03 5.59 -8.87
C ASP A 34 7.57 5.70 -10.33
N SER A 35 6.65 6.66 -10.57
CA SER A 35 6.08 6.92 -11.90
C SER A 35 5.40 8.29 -11.93
N THR A 36 5.34 8.87 -13.13
CA THR A 36 4.60 10.11 -13.42
C THR A 36 3.57 9.85 -14.55
N ASP A 37 3.30 8.56 -14.80
CA ASP A 37 2.33 8.11 -15.82
C ASP A 37 1.02 7.72 -15.13
N ASP A 38 -0.03 8.53 -15.34
CA ASP A 38 -1.32 8.41 -14.63
C ASP A 38 -1.97 7.02 -14.82
N LYS A 39 -1.79 6.43 -16.01
CA LYS A 39 -2.43 5.17 -16.39
C LYS A 39 -2.03 4.03 -15.42
N GLU A 40 -0.71 3.82 -15.26
CA GLU A 40 -0.18 2.78 -14.34
C GLU A 40 -0.30 3.19 -12.86
N ILE A 41 -0.34 4.52 -12.59
CA ILE A 41 -0.59 5.05 -11.23
C ILE A 41 -2.02 4.66 -10.75
N GLU A 42 -3.00 4.72 -11.68
CA GLU A 42 -4.39 4.30 -11.39
C GLU A 42 -4.45 2.81 -11.09
N GLU A 43 -3.61 2.02 -11.79
CA GLU A 43 -3.46 0.59 -11.54
C GLU A 43 -2.89 0.32 -10.13
N PHE A 44 -1.96 1.17 -9.70
CA PHE A 44 -1.36 1.07 -8.36
C PHE A 44 -2.41 1.41 -7.29
N GLU A 45 -3.23 2.45 -7.56
CA GLU A 45 -4.32 2.86 -6.67
C GLU A 45 -5.33 1.73 -6.48
N ARG A 46 -5.98 1.33 -7.58
CA ARG A 46 -7.10 0.37 -7.56
C ARG A 46 -6.69 -0.97 -6.91
N ASP A 47 -5.47 -1.44 -7.23
CA ASP A 47 -4.93 -2.70 -6.69
C ASP A 47 -4.52 -2.63 -5.21
N MET A 48 -3.91 -1.51 -4.78
CA MET A 48 -3.55 -1.30 -3.34
C MET A 48 -4.81 -1.12 -2.48
N GLU A 49 -5.80 -0.42 -3.05
CA GLU A 49 -7.13 -0.27 -2.45
C GLU A 49 -7.83 -1.63 -2.42
N ASP A 50 -7.69 -2.38 -3.51
CA ASP A 50 -8.28 -3.74 -3.66
C ASP A 50 -7.76 -4.65 -2.57
N LEU A 51 -6.44 -4.61 -2.35
CA LEU A 51 -5.75 -5.33 -1.28
C LEU A 51 -6.31 -4.91 0.10
N ALA A 52 -6.51 -3.59 0.26
CA ALA A 52 -7.07 -3.01 1.50
C ALA A 52 -8.50 -3.51 1.79
N LYS A 53 -9.31 -3.71 0.74
CA LYS A 53 -10.65 -4.35 0.87
C LYS A 53 -10.50 -5.84 1.25
N LYS A 54 -9.72 -6.57 0.43
CA LYS A 54 -9.52 -8.03 0.54
C LYS A 54 -9.05 -8.48 1.94
N THR A 55 -8.20 -7.66 2.57
CA THR A 55 -7.64 -7.95 3.89
C THR A 55 -8.32 -7.12 4.99
N GLY A 56 -9.13 -6.13 4.58
CA GLY A 56 -9.83 -5.23 5.51
C GLY A 56 -8.91 -4.23 6.21
N VAL A 57 -7.82 -3.84 5.54
CA VAL A 57 -6.84 -2.87 6.07
C VAL A 57 -7.04 -1.50 5.41
N GLN A 58 -6.24 -0.51 5.86
CA GLN A 58 -6.27 0.85 5.30
C GLN A 58 -4.99 1.20 4.53
N ILE A 59 -5.10 2.23 3.69
CA ILE A 59 -3.97 2.82 2.95
C ILE A 59 -3.86 4.33 3.29
N GLN A 60 -2.75 4.96 2.86
CA GLN A 60 -2.57 6.42 2.97
C GLN A 60 -1.91 6.90 1.68
N LYS A 61 -2.69 7.61 0.84
CA LYS A 61 -2.19 8.19 -0.41
C LYS A 61 -1.55 9.56 -0.11
N GLN A 62 -0.32 9.76 -0.58
CA GLN A 62 0.34 11.06 -0.57
C GLN A 62 0.91 11.29 -1.96
N TRP A 63 0.61 12.44 -2.54
CA TRP A 63 1.17 12.86 -3.82
C TRP A 63 2.46 13.65 -3.55
N GLN A 64 3.60 13.00 -3.81
CA GLN A 64 4.92 13.59 -3.66
C GLN A 64 5.34 14.03 -5.05
N GLY A 65 4.89 15.24 -5.41
CA GLY A 65 4.83 15.66 -6.80
C GLY A 65 3.74 14.86 -7.52
N ASN A 66 4.11 14.16 -8.61
CA ASN A 66 3.22 13.22 -9.32
C ASN A 66 3.55 11.75 -8.92
N LYS A 67 4.62 11.55 -8.11
CA LYS A 67 4.97 10.23 -7.54
C LYS A 67 3.95 9.88 -6.44
N LEU A 68 3.28 8.73 -6.57
CA LEU A 68 2.26 8.31 -5.60
C LEU A 68 2.88 7.47 -4.48
N ARG A 69 3.11 8.12 -3.35
CA ARG A 69 3.62 7.48 -2.14
C ARG A 69 2.44 6.98 -1.29
N ILE A 70 2.24 5.65 -1.21
CA ILE A 70 1.17 5.04 -0.41
C ILE A 70 1.77 4.18 0.71
N ARG A 71 1.36 4.45 1.96
CA ARG A 71 1.68 3.57 3.09
C ARG A 71 0.48 2.64 3.36
N LEU A 72 0.78 1.36 3.46
CA LEU A 72 -0.16 0.28 3.77
C LEU A 72 0.02 -0.09 5.26
N LYS A 73 -1.06 -0.44 5.94
CA LYS A 73 -1.03 -0.82 7.37
C LYS A 73 -1.86 -2.07 7.63
N GLY A 74 -1.91 -2.49 8.89
CA GLY A 74 -2.80 -3.55 9.33
C GLY A 74 -4.12 -3.00 9.87
N SER A 75 -4.35 -3.18 11.19
CA SER A 75 -5.64 -2.87 11.82
C SER A 75 -5.73 -1.40 12.27
N LEU A 76 -6.84 -0.73 11.90
CA LEU A 76 -7.14 0.65 12.35
C LEU A 76 -8.56 0.73 12.96
N GLU A 77 -8.64 1.45 14.09
CA GLU A 77 -9.85 1.98 14.73
C GLU A 77 -11.10 1.06 14.63
N HIS A 78 -10.91 -0.22 14.99
CA HIS A 78 -11.98 -1.17 15.38
C HIS A 78 -13.11 -1.35 14.34
N HIS A 79 -12.80 -1.10 13.05
CA HIS A 79 -13.80 -1.17 11.95
C HIS A 79 -14.17 -2.62 11.55
N HIS A 80 -13.82 -3.59 12.41
CA HIS A 80 -14.37 -4.95 12.38
C HIS A 80 -15.60 -5.05 13.32
N HIS A 81 -16.16 -3.89 13.73
CA HIS A 81 -17.38 -3.83 14.54
C HIS A 81 -18.58 -4.22 13.64
N HIS A 82 -18.91 -5.52 13.65
CA HIS A 82 -20.01 -6.07 12.85
C HIS A 82 -21.35 -5.63 13.46
N HIS A 83 -22.12 -4.85 12.69
CA HIS A 83 -23.43 -4.34 13.10
C HIS A 83 -24.23 -3.97 11.85
N MET A 1 11.50 -6.36 12.36
CA MET A 1 10.44 -6.72 11.40
C MET A 1 9.40 -5.59 11.29
N GLY A 2 9.03 -5.04 12.46
CA GLY A 2 8.00 -4.01 12.55
C GLY A 2 8.57 -2.61 12.46
N LEU A 3 8.89 -2.19 11.24
CA LEU A 3 9.24 -0.80 10.93
C LEU A 3 8.66 -0.43 9.56
N THR A 4 8.29 0.85 9.40
CA THR A 4 7.74 1.35 8.15
C THR A 4 8.88 1.69 7.17
N ARG A 5 9.39 0.64 6.51
CA ARG A 5 10.35 0.76 5.41
C ARG A 5 9.61 1.24 4.15
N THR A 6 10.36 1.80 3.19
CA THR A 6 9.78 2.41 1.99
C THR A 6 10.30 1.69 0.74
N ILE A 7 9.39 0.97 0.07
CA ILE A 7 9.69 0.20 -1.14
C ILE A 7 9.30 1.04 -2.37
N THR A 8 10.30 1.44 -3.15
CA THR A 8 10.12 2.26 -4.35
C THR A 8 10.45 1.40 -5.58
N SER A 9 9.42 1.06 -6.37
CA SER A 9 9.56 0.13 -7.51
C SER A 9 8.88 0.70 -8.76
N GLN A 10 9.41 0.30 -9.92
CA GLN A 10 8.89 0.65 -11.24
C GLN A 10 7.83 -0.37 -11.72
N ASN A 11 7.53 -1.36 -10.86
CA ASN A 11 6.42 -2.31 -11.05
C ASN A 11 5.47 -2.24 -9.83
N LYS A 12 4.19 -1.88 -10.07
CA LYS A 12 3.17 -1.80 -8.99
C LYS A 12 2.64 -3.19 -8.60
N GLU A 13 2.83 -4.20 -9.49
CA GLU A 13 2.31 -5.57 -9.26
C GLU A 13 3.09 -6.27 -8.12
N GLU A 14 4.44 -6.17 -8.17
CA GLU A 14 5.30 -6.69 -7.11
C GLU A 14 5.05 -5.93 -5.80
N LEU A 15 4.65 -4.64 -5.89
CA LEU A 15 4.30 -3.84 -4.72
C LEU A 15 3.08 -4.44 -4.00
N LEU A 16 2.18 -5.10 -4.78
CA LEU A 16 0.98 -5.77 -4.24
C LEU A 16 1.39 -7.03 -3.46
N GLU A 17 2.18 -7.88 -4.14
CA GLU A 17 2.54 -9.22 -3.65
C GLU A 17 3.55 -9.16 -2.48
N ILE A 18 4.55 -8.25 -2.58
CA ILE A 18 5.52 -8.00 -1.51
C ILE A 18 4.81 -7.39 -0.29
N ALA A 19 3.91 -6.40 -0.54
CA ALA A 19 3.12 -5.79 0.56
C ALA A 19 2.25 -6.83 1.27
N LEU A 20 1.66 -7.73 0.46
CA LEU A 20 0.77 -8.80 0.94
C LEU A 20 1.43 -9.68 2.01
N LYS A 21 2.75 -9.94 1.85
CA LYS A 21 3.53 -10.75 2.83
C LYS A 21 3.74 -9.97 4.15
N PHE A 22 3.84 -8.62 4.06
CA PHE A 22 3.99 -7.74 5.24
C PHE A 22 2.65 -7.63 6.01
N ILE A 23 1.55 -7.45 5.25
CA ILE A 23 0.20 -7.28 5.85
C ILE A 23 -0.25 -8.62 6.47
N SER A 24 0.20 -9.74 5.85
CA SER A 24 0.02 -11.10 6.39
C SER A 24 0.67 -11.25 7.78
N GLN A 25 1.81 -10.56 7.98
CA GLN A 25 2.57 -10.56 9.25
C GLN A 25 2.05 -9.48 10.22
N GLY A 26 1.13 -8.61 9.74
CA GLY A 26 0.60 -7.50 10.55
C GLY A 26 1.57 -6.32 10.66
N LEU A 27 2.40 -6.16 9.62
CA LEU A 27 3.44 -5.13 9.55
C LEU A 27 2.94 -3.90 8.78
N ASP A 28 3.33 -2.71 9.26
CA ASP A 28 3.10 -1.45 8.54
C ASP A 28 4.23 -1.28 7.50
N LEU A 29 3.87 -0.78 6.33
CA LEU A 29 4.76 -0.70 5.17
C LEU A 29 4.36 0.49 4.31
N GLU A 30 5.34 1.24 3.82
CA GLU A 30 5.14 2.34 2.89
C GLU A 30 5.66 1.90 1.51
N VAL A 31 4.77 1.85 0.50
CA VAL A 31 5.16 1.56 -0.90
C VAL A 31 4.95 2.81 -1.75
N GLU A 32 5.74 2.92 -2.82
CA GLU A 32 5.67 4.01 -3.78
C GLU A 32 5.85 3.42 -5.18
N PHE A 33 4.96 3.81 -6.09
CA PHE A 33 5.11 3.48 -7.49
C PHE A 33 5.87 4.62 -8.16
N ASP A 34 7.08 4.29 -8.62
CA ASP A 34 7.98 5.22 -9.30
C ASP A 34 7.48 5.46 -10.74
N SER A 35 6.52 6.40 -10.88
CA SER A 35 5.85 6.70 -12.15
C SER A 35 5.17 8.08 -12.09
N THR A 36 5.25 8.82 -13.20
CA THR A 36 4.51 10.07 -13.42
C THR A 36 3.48 9.89 -14.56
N ASP A 37 3.25 8.63 -14.97
CA ASP A 37 2.27 8.28 -16.01
C ASP A 37 0.91 8.13 -15.33
N ASP A 38 -0.06 8.97 -15.75
CA ASP A 38 -1.45 9.01 -15.20
C ASP A 38 -2.06 7.61 -15.02
N LYS A 39 -2.03 6.82 -16.10
CA LYS A 39 -2.73 5.53 -16.19
C LYS A 39 -2.08 4.48 -15.26
N GLU A 40 -0.74 4.52 -15.21
CA GLU A 40 0.07 3.65 -14.33
C GLU A 40 -0.25 3.91 -12.84
N ILE A 41 -0.36 5.21 -12.51
CA ILE A 41 -0.72 5.69 -11.16
C ILE A 41 -2.16 5.23 -10.78
N GLU A 42 -3.07 5.29 -11.77
CA GLU A 42 -4.49 4.91 -11.58
C GLU A 42 -4.63 3.41 -11.26
N GLU A 43 -3.80 2.58 -11.94
CA GLU A 43 -3.76 1.13 -11.69
C GLU A 43 -3.10 0.81 -10.33
N PHE A 44 -2.12 1.63 -9.90
CA PHE A 44 -1.52 1.50 -8.55
C PHE A 44 -2.60 1.74 -7.48
N GLU A 45 -3.45 2.76 -7.71
CA GLU A 45 -4.56 3.12 -6.81
C GLU A 45 -5.54 1.95 -6.64
N ARG A 46 -6.15 1.51 -7.76
CA ARG A 46 -7.22 0.50 -7.75
C ARG A 46 -6.74 -0.81 -7.07
N ASP A 47 -5.50 -1.22 -7.39
CA ASP A 47 -4.88 -2.44 -6.87
C ASP A 47 -4.48 -2.35 -5.38
N MET A 48 -4.04 -1.15 -4.90
CA MET A 48 -3.77 -0.90 -3.45
C MET A 48 -5.09 -0.95 -2.65
N GLU A 49 -6.15 -0.34 -3.23
CA GLU A 49 -7.51 -0.34 -2.66
C GLU A 49 -8.06 -1.77 -2.61
N ASP A 50 -7.85 -2.50 -3.72
CA ASP A 50 -8.29 -3.91 -3.90
C ASP A 50 -7.66 -4.81 -2.82
N LEU A 51 -6.33 -4.66 -2.66
CA LEU A 51 -5.54 -5.36 -1.64
C LEU A 51 -6.04 -5.00 -0.22
N ALA A 52 -6.38 -3.71 -0.02
CA ALA A 52 -6.90 -3.20 1.27
C ALA A 52 -8.26 -3.81 1.64
N LYS A 53 -9.16 -3.95 0.64
CA LYS A 53 -10.47 -4.59 0.85
C LYS A 53 -10.28 -6.06 1.27
N LYS A 54 -9.44 -6.79 0.50
CA LYS A 54 -9.11 -8.22 0.74
C LYS A 54 -8.65 -8.46 2.18
N THR A 55 -7.70 -7.64 2.62
CA THR A 55 -7.05 -7.77 3.91
C THR A 55 -7.85 -7.05 5.02
N GLY A 56 -8.84 -6.23 4.62
CA GLY A 56 -9.67 -5.47 5.56
C GLY A 56 -8.99 -4.21 6.12
N VAL A 57 -7.85 -3.81 5.52
CA VAL A 57 -7.01 -2.70 6.02
C VAL A 57 -7.35 -1.37 5.31
N GLN A 58 -6.75 -0.27 5.79
CA GLN A 58 -6.92 1.07 5.22
C GLN A 58 -5.65 1.49 4.47
N ILE A 59 -5.78 2.39 3.48
CA ILE A 59 -4.62 2.95 2.73
C ILE A 59 -4.48 4.45 3.02
N GLN A 60 -3.31 5.01 2.66
CA GLN A 60 -3.05 6.45 2.76
C GLN A 60 -2.32 6.87 1.48
N LYS A 61 -3.05 7.50 0.53
CA LYS A 61 -2.47 8.00 -0.72
C LYS A 61 -1.76 9.34 -0.45
N GLN A 62 -0.45 9.35 -0.64
CA GLN A 62 0.42 10.52 -0.43
C GLN A 62 1.20 10.79 -1.72
N TRP A 63 1.02 11.97 -2.31
CA TRP A 63 1.82 12.41 -3.44
C TRP A 63 3.18 12.92 -2.92
N GLN A 64 4.26 12.23 -3.30
CA GLN A 64 5.61 12.53 -2.86
C GLN A 64 6.30 13.26 -4.03
N GLY A 65 6.10 14.59 -4.10
CA GLY A 65 6.60 15.43 -5.19
C GLY A 65 5.78 15.26 -6.47
N ASN A 66 6.05 14.18 -7.23
CA ASN A 66 5.40 13.89 -8.53
C ASN A 66 5.03 12.40 -8.65
N LYS A 67 5.32 11.63 -7.59
CA LYS A 67 5.09 10.18 -7.55
C LYS A 67 3.93 9.88 -6.61
N LEU A 68 3.23 8.76 -6.82
CA LEU A 68 2.21 8.32 -5.87
C LEU A 68 2.82 7.28 -4.91
N ARG A 69 2.73 7.60 -3.63
CA ARG A 69 3.27 6.81 -2.53
C ARG A 69 2.13 6.47 -1.57
N ILE A 70 1.74 5.20 -1.53
CA ILE A 70 0.60 4.73 -0.72
C ILE A 70 1.16 3.89 0.44
N ARG A 71 0.84 4.27 1.67
CA ARG A 71 1.27 3.54 2.86
C ARG A 71 0.14 2.59 3.30
N LEU A 72 0.51 1.30 3.45
CA LEU A 72 -0.38 0.22 3.86
C LEU A 72 -0.08 -0.13 5.32
N LYS A 73 -1.12 -0.32 6.09
CA LYS A 73 -1.04 -0.70 7.51
C LYS A 73 -1.57 -2.12 7.71
N GLY A 74 -1.01 -2.86 8.68
CA GLY A 74 -1.27 -4.30 8.82
C GLY A 74 -2.12 -4.61 10.04
N SER A 75 -3.43 -4.80 9.81
CA SER A 75 -4.40 -5.29 10.82
C SER A 75 -4.69 -4.24 11.92
N LEU A 76 -5.77 -3.48 11.69
CA LEU A 76 -6.21 -2.36 12.55
C LEU A 76 -7.62 -2.69 13.04
N GLU A 77 -8.43 -3.13 12.05
CA GLU A 77 -9.85 -3.46 12.17
C GLU A 77 -10.17 -4.49 13.30
N HIS A 78 -10.54 -3.95 14.48
CA HIS A 78 -11.13 -4.73 15.59
C HIS A 78 -12.57 -5.08 15.20
N HIS A 79 -13.26 -4.05 14.73
CA HIS A 79 -14.64 -4.12 14.23
C HIS A 79 -14.60 -4.14 12.69
N HIS A 80 -15.55 -4.82 12.06
CA HIS A 80 -15.71 -4.84 10.60
C HIS A 80 -16.59 -3.66 10.16
N HIS A 81 -15.98 -2.68 9.45
CA HIS A 81 -16.67 -1.44 9.06
C HIS A 81 -17.87 -1.75 8.12
N HIS A 82 -19.07 -1.49 8.65
CA HIS A 82 -20.38 -1.74 7.99
C HIS A 82 -20.72 -0.67 6.92
N HIS A 83 -19.68 0.06 6.44
CA HIS A 83 -19.77 1.06 5.39
C HIS A 83 -18.33 1.35 4.92
N MET A 1 12.75 -7.28 14.44
CA MET A 1 11.70 -8.30 14.21
C MET A 1 10.89 -7.96 12.94
N GLY A 2 10.10 -6.88 13.01
CA GLY A 2 9.23 -6.47 11.92
C GLY A 2 8.89 -4.99 12.02
N LEU A 3 9.52 -4.17 11.17
CA LEU A 3 9.38 -2.69 11.20
C LEU A 3 9.03 -2.19 9.78
N THR A 4 8.48 -0.96 9.72
CA THR A 4 8.19 -0.23 8.46
C THR A 4 9.49 0.00 7.63
N ARG A 5 9.32 0.40 6.36
CA ARG A 5 10.39 0.60 5.39
C ARG A 5 9.74 1.15 4.10
N THR A 6 10.55 1.72 3.21
CA THR A 6 10.08 2.30 1.94
C THR A 6 10.52 1.41 0.77
N ILE A 7 9.56 1.00 -0.08
CA ILE A 7 9.87 0.25 -1.31
C ILE A 7 9.59 1.16 -2.52
N THR A 8 10.64 1.71 -3.12
CA THR A 8 10.52 2.60 -4.29
C THR A 8 10.80 1.79 -5.57
N SER A 9 9.75 1.51 -6.35
CA SER A 9 9.86 0.76 -7.61
C SER A 9 9.00 1.44 -8.69
N GLN A 10 9.46 1.31 -9.95
CA GLN A 10 8.69 1.74 -11.13
C GLN A 10 7.81 0.59 -11.65
N ASN A 11 7.73 -0.52 -10.89
CA ASN A 11 6.83 -1.66 -11.18
C ASN A 11 5.79 -1.79 -10.04
N LYS A 12 4.51 -1.56 -10.34
CA LYS A 12 3.42 -1.58 -9.33
C LYS A 12 3.01 -3.01 -8.96
N GLU A 13 3.31 -3.98 -9.84
CA GLU A 13 2.99 -5.40 -9.61
C GLU A 13 3.68 -5.93 -8.34
N GLU A 14 5.02 -5.80 -8.31
CA GLU A 14 5.85 -6.27 -7.18
C GLU A 14 5.52 -5.52 -5.88
N LEU A 15 5.02 -4.27 -6.02
CA LEU A 15 4.59 -3.46 -4.88
C LEU A 15 3.36 -4.10 -4.23
N LEU A 16 2.44 -4.66 -5.06
CA LEU A 16 1.20 -5.31 -4.57
C LEU A 16 1.53 -6.62 -3.84
N GLU A 17 2.40 -7.43 -4.48
CA GLU A 17 2.79 -8.77 -4.01
C GLU A 17 3.58 -8.72 -2.69
N ILE A 18 4.64 -7.91 -2.68
CA ILE A 18 5.54 -7.79 -1.51
C ILE A 18 4.82 -7.06 -0.36
N ALA A 19 3.88 -6.14 -0.68
CA ALA A 19 3.04 -5.50 0.34
C ALA A 19 2.13 -6.51 1.03
N LEU A 20 1.48 -7.38 0.22
CA LEU A 20 0.59 -8.45 0.71
C LEU A 20 1.31 -9.40 1.70
N LYS A 21 2.63 -9.55 1.51
CA LYS A 21 3.53 -10.30 2.42
C LYS A 21 3.56 -9.64 3.83
N PHE A 22 3.75 -8.30 3.86
CA PHE A 22 3.83 -7.53 5.12
C PHE A 22 2.46 -7.46 5.81
N ILE A 23 1.39 -7.44 4.99
CA ILE A 23 0.00 -7.41 5.47
C ILE A 23 -0.37 -8.75 6.12
N SER A 24 0.09 -9.86 5.49
CA SER A 24 -0.09 -11.22 6.00
C SER A 24 0.64 -11.43 7.34
N GLN A 25 1.70 -10.62 7.57
CA GLN A 25 2.48 -10.62 8.82
C GLN A 25 1.90 -9.64 9.87
N GLY A 26 0.95 -8.77 9.44
CA GLY A 26 0.32 -7.77 10.32
C GLY A 26 1.17 -6.51 10.53
N LEU A 27 2.15 -6.34 9.64
CA LEU A 27 3.12 -5.23 9.72
C LEU A 27 2.65 -4.01 8.93
N ASP A 28 3.15 -2.85 9.34
CA ASP A 28 3.02 -1.59 8.60
C ASP A 28 4.16 -1.48 7.58
N LEU A 29 3.82 -1.07 6.36
CA LEU A 29 4.76 -0.96 5.24
C LEU A 29 4.37 0.27 4.41
N GLU A 30 5.38 0.94 3.82
CA GLU A 30 5.13 2.04 2.89
C GLU A 30 5.83 1.75 1.56
N VAL A 31 5.04 1.65 0.49
CA VAL A 31 5.55 1.54 -0.90
C VAL A 31 5.43 2.91 -1.59
N GLU A 32 6.16 3.05 -2.69
CA GLU A 32 6.10 4.23 -3.56
C GLU A 32 6.29 3.76 -5.00
N PHE A 33 5.30 4.06 -5.83
CA PHE A 33 5.37 3.83 -7.26
C PHE A 33 5.99 5.07 -7.93
N ASP A 34 7.28 4.95 -8.28
CA ASP A 34 8.05 6.03 -8.90
C ASP A 34 7.79 6.01 -10.42
N SER A 35 6.73 6.69 -10.86
CA SER A 35 6.41 6.84 -12.28
C SER A 35 5.51 8.06 -12.48
N THR A 36 5.51 8.54 -13.73
CA THR A 36 4.69 9.68 -14.16
C THR A 36 3.51 9.20 -15.02
N ASP A 37 3.41 7.86 -15.21
CA ASP A 37 2.44 7.26 -16.15
C ASP A 37 1.09 7.08 -15.44
N ASP A 38 0.14 7.98 -15.79
CA ASP A 38 -1.23 8.02 -15.21
C ASP A 38 -1.89 6.64 -15.18
N LYS A 39 -1.77 5.88 -16.29
CA LYS A 39 -2.42 4.56 -16.44
C LYS A 39 -1.97 3.62 -15.31
N GLU A 40 -0.65 3.45 -15.18
CA GLU A 40 -0.04 2.54 -14.20
C GLU A 40 -0.30 2.98 -12.74
N ILE A 41 -0.38 4.32 -12.52
CA ILE A 41 -0.62 4.92 -11.19
C ILE A 41 -2.07 4.69 -10.74
N GLU A 42 -3.02 4.85 -11.67
CA GLU A 42 -4.46 4.64 -11.41
C GLU A 42 -4.75 3.16 -11.13
N GLU A 43 -4.01 2.29 -11.83
CA GLU A 43 -4.03 0.84 -11.59
C GLU A 43 -3.44 0.52 -10.21
N PHE A 44 -2.35 1.22 -9.86
CA PHE A 44 -1.68 1.06 -8.55
C PHE A 44 -2.64 1.46 -7.41
N GLU A 45 -3.43 2.53 -7.66
CA GLU A 45 -4.47 3.02 -6.74
C GLU A 45 -5.55 1.95 -6.52
N ARG A 46 -6.25 1.59 -7.62
CA ARG A 46 -7.44 0.73 -7.56
C ARG A 46 -7.11 -0.64 -6.95
N ASP A 47 -5.95 -1.20 -7.34
CA ASP A 47 -5.44 -2.47 -6.80
C ASP A 47 -5.12 -2.39 -5.30
N MET A 48 -4.47 -1.27 -4.84
CA MET A 48 -4.18 -1.07 -3.39
C MET A 48 -5.47 -0.91 -2.55
N GLU A 49 -6.47 -0.22 -3.13
CA GLU A 49 -7.79 0.00 -2.50
C GLU A 49 -8.54 -1.31 -2.30
N ASP A 50 -8.64 -2.10 -3.40
CA ASP A 50 -9.34 -3.40 -3.40
C ASP A 50 -8.61 -4.42 -2.51
N LEU A 51 -7.26 -4.37 -2.54
CA LEU A 51 -6.40 -5.21 -1.69
C LEU A 51 -6.68 -4.92 -0.20
N ALA A 52 -6.82 -3.63 0.13
CA ALA A 52 -7.10 -3.16 1.49
C ALA A 52 -8.48 -3.65 1.98
N LYS A 53 -9.47 -3.65 1.06
CA LYS A 53 -10.81 -4.16 1.33
C LYS A 53 -10.77 -5.66 1.69
N LYS A 54 -10.11 -6.46 0.80
CA LYS A 54 -9.99 -7.93 0.94
C LYS A 54 -9.34 -8.32 2.27
N THR A 55 -8.28 -7.59 2.63
CA THR A 55 -7.48 -7.86 3.84
C THR A 55 -8.06 -7.15 5.08
N GLY A 56 -9.02 -6.22 4.86
CA GLY A 56 -9.63 -5.46 5.95
C GLY A 56 -8.67 -4.47 6.60
N VAL A 57 -7.69 -3.96 5.81
CA VAL A 57 -6.73 -2.93 6.28
C VAL A 57 -7.07 -1.55 5.67
N GLN A 58 -6.43 -0.50 6.20
CA GLN A 58 -6.61 0.88 5.69
C GLN A 58 -5.47 1.26 4.72
N ILE A 59 -5.65 2.38 4.02
CA ILE A 59 -4.64 2.95 3.08
C ILE A 59 -4.39 4.43 3.41
N GLN A 60 -3.28 4.95 2.90
CA GLN A 60 -3.00 6.39 2.90
C GLN A 60 -2.20 6.72 1.64
N LYS A 61 -2.77 7.57 0.77
CA LYS A 61 -2.10 7.99 -0.46
C LYS A 61 -1.37 9.32 -0.20
N GLN A 62 -0.05 9.26 -0.24
CA GLN A 62 0.84 10.43 -0.18
C GLN A 62 1.40 10.70 -1.59
N TRP A 63 0.80 11.67 -2.29
CA TRP A 63 1.34 12.16 -3.55
C TRP A 63 2.55 13.05 -3.24
N GLN A 64 3.76 12.54 -3.51
CA GLN A 64 5.02 13.13 -3.06
C GLN A 64 5.64 13.89 -4.26
N GLY A 65 5.14 15.13 -4.47
CA GLY A 65 5.57 15.98 -5.59
C GLY A 65 4.87 15.63 -6.92
N ASN A 66 5.11 14.41 -7.41
CA ASN A 66 4.53 13.88 -8.65
C ASN A 66 4.19 12.40 -8.45
N LYS A 67 5.16 11.65 -7.90
CA LYS A 67 5.07 10.18 -7.73
C LYS A 67 4.07 9.82 -6.63
N LEU A 68 3.42 8.65 -6.75
CA LEU A 68 2.43 8.20 -5.75
C LEU A 68 3.05 7.19 -4.77
N ARG A 69 3.09 7.60 -3.51
CA ARG A 69 3.51 6.79 -2.37
C ARG A 69 2.25 6.35 -1.59
N ILE A 70 2.08 5.04 -1.34
CA ILE A 70 0.93 4.51 -0.57
C ILE A 70 1.46 3.67 0.60
N ARG A 71 0.90 3.89 1.81
CA ARG A 71 1.24 3.08 2.99
C ARG A 71 0.10 2.08 3.26
N LEU A 72 0.47 0.79 3.41
CA LEU A 72 -0.45 -0.31 3.72
C LEU A 72 -0.10 -0.83 5.12
N LYS A 73 -1.12 -1.15 5.92
CA LYS A 73 -0.97 -1.39 7.36
C LYS A 73 -1.82 -2.58 7.85
N GLY A 74 -1.12 -3.72 7.97
CA GLY A 74 -1.71 -5.01 8.35
C GLY A 74 -2.59 -4.97 9.60
N SER A 75 -1.99 -4.64 10.75
CA SER A 75 -2.72 -4.53 12.03
C SER A 75 -2.85 -3.04 12.41
N LEU A 76 -4.05 -2.64 12.88
CA LEU A 76 -4.33 -1.25 13.30
C LEU A 76 -5.20 -1.21 14.57
N GLU A 77 -5.09 -0.07 15.27
CA GLU A 77 -6.04 0.37 16.32
C GLU A 77 -6.98 1.40 15.70
N HIS A 78 -8.25 1.04 15.51
CA HIS A 78 -9.28 1.96 14.98
C HIS A 78 -9.69 2.97 16.05
N HIS A 79 -8.97 4.10 16.08
CA HIS A 79 -9.17 5.17 17.08
C HIS A 79 -10.28 6.16 16.63
N HIS A 80 -11.50 5.59 16.48
CA HIS A 80 -12.76 6.35 16.35
C HIS A 80 -13.84 5.65 17.20
N HIS A 81 -13.42 4.65 18.00
CA HIS A 81 -14.29 3.87 18.87
C HIS A 81 -14.09 4.34 20.33
N HIS A 82 -14.88 5.32 20.77
CA HIS A 82 -14.82 5.85 22.14
C HIS A 82 -15.55 4.88 23.08
N HIS A 83 -14.81 4.32 24.05
CA HIS A 83 -15.36 3.38 25.05
C HIS A 83 -14.81 3.76 26.46
N MET A 1 11.32 -8.20 10.99
CA MET A 1 11.06 -7.01 10.14
C MET A 1 9.90 -6.21 10.75
N GLY A 2 10.23 -5.14 11.51
CA GLY A 2 9.22 -4.31 12.19
C GLY A 2 9.32 -2.83 11.81
N LEU A 3 10.40 -2.46 11.13
CA LEU A 3 10.56 -1.12 10.53
C LEU A 3 9.70 -1.05 9.24
N THR A 4 8.81 -0.05 9.16
CA THR A 4 8.01 0.21 7.97
C THR A 4 8.91 0.85 6.88
N ARG A 5 9.50 -0.03 6.08
CA ARG A 5 10.36 0.35 4.94
C ARG A 5 9.53 0.98 3.80
N THR A 6 10.22 1.75 2.95
CA THR A 6 9.61 2.47 1.82
C THR A 6 10.20 1.90 0.52
N ILE A 7 9.36 1.18 -0.24
CA ILE A 7 9.79 0.44 -1.44
C ILE A 7 9.42 1.24 -2.70
N THR A 8 10.45 1.71 -3.43
CA THR A 8 10.26 2.53 -4.64
C THR A 8 10.49 1.66 -5.88
N SER A 9 9.40 1.37 -6.61
CA SER A 9 9.44 0.49 -7.77
C SER A 9 8.66 1.11 -8.93
N GLN A 10 9.22 0.94 -10.15
CA GLN A 10 8.55 1.33 -11.40
C GLN A 10 7.46 0.31 -11.77
N ASN A 11 7.46 -0.86 -11.08
CA ASN A 11 6.49 -1.93 -11.31
C ASN A 11 5.57 -2.00 -10.07
N LYS A 12 4.27 -1.72 -10.28
CA LYS A 12 3.26 -1.77 -9.19
C LYS A 12 2.88 -3.20 -8.80
N GLU A 13 3.12 -4.19 -9.70
CA GLU A 13 2.82 -5.60 -9.43
C GLU A 13 3.65 -6.15 -8.27
N GLU A 14 4.99 -5.92 -8.30
CA GLU A 14 5.89 -6.37 -7.23
C GLU A 14 5.51 -5.70 -5.90
N LEU A 15 5.02 -4.45 -5.98
CA LEU A 15 4.57 -3.68 -4.81
C LEU A 15 3.34 -4.34 -4.15
N LEU A 16 2.48 -4.99 -4.97
CA LEU A 16 1.25 -5.68 -4.50
C LEU A 16 1.60 -6.98 -3.77
N GLU A 17 2.55 -7.72 -4.34
CA GLU A 17 3.02 -9.00 -3.80
C GLU A 17 3.72 -8.80 -2.44
N ILE A 18 4.70 -7.86 -2.40
CA ILE A 18 5.47 -7.56 -1.17
C ILE A 18 4.55 -6.90 -0.10
N ALA A 19 3.52 -6.16 -0.56
CA ALA A 19 2.48 -5.61 0.31
C ALA A 19 1.75 -6.74 1.05
N LEU A 20 1.19 -7.66 0.26
CA LEU A 20 0.34 -8.77 0.75
C LEU A 20 1.08 -9.61 1.81
N LYS A 21 2.38 -9.87 1.59
CA LYS A 21 3.20 -10.68 2.52
C LYS A 21 3.41 -9.94 3.86
N PHE A 22 3.54 -8.59 3.83
CA PHE A 22 3.75 -7.78 5.05
C PHE A 22 2.46 -7.73 5.88
N ILE A 23 1.32 -7.54 5.20
CA ILE A 23 0.00 -7.45 5.85
C ILE A 23 -0.39 -8.84 6.44
N SER A 24 0.06 -9.91 5.74
CA SER A 24 -0.10 -11.31 6.19
C SER A 24 0.69 -11.58 7.50
N GLN A 25 1.83 -10.87 7.66
CA GLN A 25 2.67 -10.96 8.87
C GLN A 25 2.17 -9.97 9.96
N GLY A 26 1.05 -9.28 9.68
CA GLY A 26 0.46 -8.29 10.61
C GLY A 26 1.32 -7.03 10.76
N LEU A 27 2.10 -6.73 9.72
CA LEU A 27 3.06 -5.61 9.70
C LEU A 27 2.50 -4.44 8.88
N ASP A 28 3.12 -3.27 9.05
CA ASP A 28 2.84 -2.08 8.25
C ASP A 28 3.94 -1.93 7.20
N LEU A 29 3.56 -1.52 5.99
CA LEU A 29 4.48 -1.36 4.86
C LEU A 29 4.15 -0.05 4.13
N GLU A 30 5.19 0.63 3.62
CA GLU A 30 5.01 1.80 2.77
C GLU A 30 5.68 1.53 1.42
N VAL A 31 4.96 1.86 0.35
CA VAL A 31 5.44 1.72 -1.03
C VAL A 31 5.19 3.05 -1.77
N GLU A 32 6.18 3.49 -2.53
CA GLU A 32 6.11 4.70 -3.35
C GLU A 32 6.35 4.31 -4.80
N PHE A 33 5.33 4.48 -5.63
CA PHE A 33 5.36 4.06 -7.03
C PHE A 33 6.15 5.07 -7.86
N ASP A 34 7.28 4.61 -8.42
CA ASP A 34 8.16 5.46 -9.24
C ASP A 34 7.65 5.45 -10.69
N SER A 35 6.62 6.28 -10.94
CA SER A 35 6.05 6.50 -12.26
C SER A 35 5.14 7.74 -12.23
N THR A 36 5.13 8.48 -13.35
CA THR A 36 4.21 9.60 -13.59
C THR A 36 3.34 9.31 -14.84
N ASP A 37 3.24 8.02 -15.20
CA ASP A 37 2.33 7.55 -16.26
C ASP A 37 0.95 7.33 -15.64
N ASP A 38 -0.03 8.14 -16.08
CA ASP A 38 -1.43 8.14 -15.57
C ASP A 38 -2.03 6.73 -15.46
N LYS A 39 -1.86 5.90 -16.53
CA LYS A 39 -2.47 4.55 -16.62
C LYS A 39 -1.91 3.64 -15.51
N GLU A 40 -0.58 3.71 -15.34
CA GLU A 40 0.17 2.93 -14.34
C GLU A 40 -0.28 3.30 -12.90
N ILE A 41 -0.42 4.62 -12.66
CA ILE A 41 -0.82 5.17 -11.34
C ILE A 41 -2.27 4.78 -11.00
N GLU A 42 -3.16 4.80 -12.03
CA GLU A 42 -4.58 4.36 -11.90
C GLU A 42 -4.64 2.92 -11.39
N GLU A 43 -3.81 2.04 -12.02
CA GLU A 43 -3.71 0.63 -11.63
C GLU A 43 -3.17 0.49 -10.20
N PHE A 44 -2.10 1.24 -9.86
CA PHE A 44 -1.43 1.16 -8.54
C PHE A 44 -2.43 1.48 -7.41
N GLU A 45 -3.25 2.52 -7.63
CA GLU A 45 -4.30 2.94 -6.71
C GLU A 45 -5.34 1.84 -6.51
N ARG A 46 -6.04 1.46 -7.60
CA ARG A 46 -7.19 0.53 -7.54
C ARG A 46 -6.79 -0.84 -6.97
N ASP A 47 -5.55 -1.27 -7.28
CA ASP A 47 -4.95 -2.51 -6.76
C ASP A 47 -4.67 -2.44 -5.25
N MET A 48 -4.08 -1.32 -4.77
CA MET A 48 -3.80 -1.11 -3.32
C MET A 48 -5.11 -0.97 -2.52
N GLU A 49 -6.13 -0.37 -3.16
CA GLU A 49 -7.49 -0.28 -2.61
C GLU A 49 -8.12 -1.66 -2.52
N ASP A 50 -8.06 -2.41 -3.63
CA ASP A 50 -8.63 -3.77 -3.75
C ASP A 50 -8.07 -4.66 -2.63
N LEU A 51 -6.74 -4.64 -2.52
CA LEU A 51 -5.99 -5.38 -1.52
C LEU A 51 -6.39 -4.96 -0.09
N ALA A 52 -6.49 -3.63 0.15
CA ALA A 52 -6.83 -3.06 1.47
C ALA A 52 -8.21 -3.53 1.97
N LYS A 53 -9.22 -3.55 1.06
CA LYS A 53 -10.57 -4.07 1.36
C LYS A 53 -10.48 -5.57 1.76
N LYS A 54 -9.78 -6.34 0.92
CA LYS A 54 -9.65 -7.81 1.07
C LYS A 54 -8.80 -8.22 2.29
N THR A 55 -7.97 -7.29 2.80
CA THR A 55 -7.16 -7.51 4.01
C THR A 55 -7.78 -6.82 5.24
N GLY A 56 -8.80 -5.96 5.01
CA GLY A 56 -9.48 -5.26 6.10
C GLY A 56 -8.63 -4.15 6.72
N VAL A 57 -7.69 -3.60 5.92
CA VAL A 57 -6.81 -2.49 6.35
C VAL A 57 -7.19 -1.21 5.58
N GLN A 58 -6.56 -0.09 5.97
CA GLN A 58 -6.75 1.22 5.32
C GLN A 58 -5.52 1.57 4.47
N ILE A 59 -5.70 2.50 3.52
CA ILE A 59 -4.61 3.04 2.68
C ILE A 59 -4.31 4.49 3.07
N GLN A 60 -3.18 5.02 2.59
CA GLN A 60 -2.92 6.46 2.63
C GLN A 60 -2.17 6.85 1.36
N LYS A 61 -2.90 7.43 0.40
CA LYS A 61 -2.32 8.01 -0.82
C LYS A 61 -1.74 9.38 -0.46
N GLN A 62 -0.45 9.58 -0.72
CA GLN A 62 0.28 10.81 -0.38
C GLN A 62 1.22 11.17 -1.54
N TRP A 63 0.89 12.22 -2.28
CA TRP A 63 1.77 12.74 -3.35
C TRP A 63 2.89 13.59 -2.72
N GLN A 64 4.12 13.15 -2.94
CA GLN A 64 5.33 13.84 -2.47
C GLN A 64 6.11 14.29 -3.71
N GLY A 65 6.08 15.62 -3.98
CA GLY A 65 6.69 16.20 -5.17
C GLY A 65 5.89 15.87 -6.43
N ASN A 66 6.10 14.64 -6.96
CA ASN A 66 5.35 14.13 -8.13
C ASN A 66 5.41 12.58 -8.13
N LYS A 67 5.55 11.99 -6.94
CA LYS A 67 5.46 10.52 -6.72
C LYS A 67 4.23 10.20 -5.87
N LEU A 68 3.53 9.11 -6.20
CA LEU A 68 2.42 8.62 -5.37
C LEU A 68 2.94 7.59 -4.37
N ARG A 69 3.00 8.02 -3.11
CA ARG A 69 3.39 7.20 -1.97
C ARG A 69 2.13 6.70 -1.25
N ILE A 70 1.85 5.38 -1.38
CA ILE A 70 0.71 4.75 -0.67
C ILE A 70 1.28 3.89 0.46
N ARG A 71 0.92 4.23 1.70
CA ARG A 71 1.27 3.39 2.86
C ARG A 71 0.07 2.48 3.19
N LEU A 72 0.37 1.19 3.34
CA LEU A 72 -0.59 0.17 3.77
C LEU A 72 -0.30 -0.12 5.24
N LYS A 73 -1.31 0.09 6.07
CA LYS A 73 -1.19 -0.01 7.53
C LYS A 73 -1.91 -1.29 7.98
N GLY A 74 -1.11 -2.27 8.41
CA GLY A 74 -1.56 -3.66 8.54
C GLY A 74 -1.88 -4.09 9.96
N SER A 75 -2.03 -3.12 10.89
CA SER A 75 -2.35 -3.40 12.30
C SER A 75 -2.93 -2.14 13.02
N LEU A 76 -4.27 -1.97 12.93
CA LEU A 76 -5.03 -0.90 13.63
C LEU A 76 -6.10 -1.55 14.52
N GLU A 77 -7.02 -0.73 15.03
CA GLU A 77 -8.28 -1.18 15.64
C GLU A 77 -9.33 -1.45 14.52
N HIS A 78 -8.91 -2.24 13.51
CA HIS A 78 -9.76 -2.66 12.38
C HIS A 78 -10.86 -3.59 12.94
N HIS A 79 -12.12 -3.37 12.51
CA HIS A 79 -13.31 -4.01 13.12
C HIS A 79 -13.22 -5.54 13.03
N HIS A 80 -12.97 -6.19 14.19
CA HIS A 80 -12.91 -7.66 14.29
C HIS A 80 -14.29 -8.24 13.93
N HIS A 81 -14.27 -9.36 13.17
CA HIS A 81 -15.49 -9.98 12.62
C HIS A 81 -16.52 -10.34 13.73
N HIS A 82 -17.68 -9.66 13.68
CA HIS A 82 -18.85 -9.91 14.54
C HIS A 82 -19.81 -10.88 13.83
N HIS A 83 -19.22 -11.81 13.06
CA HIS A 83 -19.90 -12.79 12.23
C HIS A 83 -18.96 -14.02 12.08
N MET A 1 9.45 -6.15 16.64
CA MET A 1 10.62 -6.06 15.73
C MET A 1 10.19 -6.35 14.29
N GLY A 2 10.74 -5.57 13.34
CA GLY A 2 10.27 -5.59 11.95
C GLY A 2 9.27 -4.46 11.73
N LEU A 3 9.73 -3.33 11.15
CA LEU A 3 8.94 -2.09 11.07
C LEU A 3 8.60 -1.72 9.60
N THR A 4 8.10 -0.50 9.40
CA THR A 4 7.65 0.00 8.09
C THR A 4 8.84 0.49 7.23
N ARG A 5 9.43 -0.41 6.43
CA ARG A 5 10.37 -0.03 5.34
C ARG A 5 9.60 0.65 4.19
N THR A 6 10.34 1.38 3.34
CA THR A 6 9.77 2.15 2.24
C THR A 6 10.42 1.69 0.92
N ILE A 7 9.64 0.92 0.14
CA ILE A 7 10.08 0.32 -1.12
C ILE A 7 9.75 1.25 -2.29
N THR A 8 10.73 1.61 -3.13
CA THR A 8 10.50 2.41 -4.34
C THR A 8 10.70 1.51 -5.58
N SER A 9 9.59 1.25 -6.30
CA SER A 9 9.58 0.43 -7.52
C SER A 9 8.73 1.10 -8.61
N GLN A 10 8.96 0.68 -9.86
CA GLN A 10 8.24 1.16 -11.05
C GLN A 10 7.31 0.05 -11.60
N ASN A 11 7.16 -1.04 -10.82
CA ASN A 11 6.18 -2.10 -11.06
C ASN A 11 5.23 -2.19 -9.85
N LYS A 12 3.94 -1.89 -10.09
CA LYS A 12 2.90 -1.90 -9.05
C LYS A 12 2.60 -3.33 -8.55
N GLU A 13 2.81 -4.34 -9.43
CA GLU A 13 2.48 -5.75 -9.15
C GLU A 13 3.28 -6.27 -7.93
N GLU A 14 4.63 -6.19 -8.02
CA GLU A 14 5.54 -6.66 -6.97
C GLU A 14 5.32 -5.89 -5.65
N LEU A 15 4.92 -4.60 -5.77
CA LEU A 15 4.57 -3.76 -4.61
C LEU A 15 3.34 -4.33 -3.87
N LEU A 16 2.39 -4.91 -4.63
CA LEU A 16 1.16 -5.52 -4.08
C LEU A 16 1.48 -6.82 -3.32
N GLU A 17 2.33 -7.64 -3.94
CA GLU A 17 2.69 -8.97 -3.44
C GLU A 17 3.53 -8.89 -2.15
N ILE A 18 4.51 -7.96 -2.14
CA ILE A 18 5.36 -7.71 -0.97
C ILE A 18 4.56 -6.97 0.13
N ALA A 19 3.58 -6.15 -0.28
CA ALA A 19 2.62 -5.54 0.66
C ALA A 19 1.82 -6.62 1.39
N LEU A 20 1.24 -7.53 0.59
CA LEU A 20 0.36 -8.60 1.04
C LEU A 20 1.03 -9.51 2.09
N LYS A 21 2.33 -9.81 1.89
CA LYS A 21 3.10 -10.65 2.81
C LYS A 21 3.40 -9.92 4.13
N PHE A 22 3.53 -8.57 4.10
CA PHE A 22 3.72 -7.75 5.31
C PHE A 22 2.40 -7.68 6.10
N ILE A 23 1.27 -7.52 5.39
CA ILE A 23 -0.06 -7.42 6.02
C ILE A 23 -0.43 -8.79 6.66
N SER A 24 0.01 -9.89 5.99
CA SER A 24 -0.13 -11.29 6.48
C SER A 24 0.62 -11.51 7.81
N GLN A 25 1.71 -10.75 8.02
CA GLN A 25 2.48 -10.75 9.28
C GLN A 25 1.86 -9.80 10.32
N GLY A 26 0.99 -8.88 9.84
CA GLY A 26 0.38 -7.84 10.69
C GLY A 26 1.30 -6.64 10.83
N LEU A 27 2.12 -6.41 9.80
CA LEU A 27 3.07 -5.30 9.72
C LEU A 27 2.56 -4.25 8.73
N ASP A 28 2.88 -2.99 9.00
CA ASP A 28 2.68 -1.89 8.03
C ASP A 28 3.83 -1.94 7.00
N LEU A 29 3.55 -1.49 5.79
CA LEU A 29 4.54 -1.39 4.72
C LEU A 29 4.23 -0.15 3.90
N GLU A 30 5.26 0.68 3.66
CA GLU A 30 5.14 1.84 2.78
C GLU A 30 5.83 1.50 1.45
N VAL A 31 5.12 1.75 0.35
CA VAL A 31 5.61 1.49 -1.01
C VAL A 31 5.37 2.73 -1.88
N GLU A 32 6.17 2.89 -2.93
CA GLU A 32 6.14 4.07 -3.80
C GLU A 32 6.25 3.61 -5.24
N PHE A 33 5.27 4.00 -6.05
CA PHE A 33 5.26 3.76 -7.48
C PHE A 33 5.83 5.00 -8.18
N ASP A 34 7.10 4.92 -8.58
CA ASP A 34 7.83 6.03 -9.20
C ASP A 34 7.47 6.11 -10.70
N SER A 35 6.41 6.89 -11.00
CA SER A 35 5.91 7.09 -12.38
C SER A 35 5.12 8.39 -12.43
N THR A 36 5.07 9.00 -13.63
CA THR A 36 4.28 10.20 -13.91
C THR A 36 3.15 9.90 -14.91
N ASP A 37 2.99 8.62 -15.33
CA ASP A 37 1.97 8.22 -16.31
C ASP A 37 0.68 7.92 -15.57
N ASP A 38 -0.34 8.77 -15.80
CA ASP A 38 -1.66 8.73 -15.11
C ASP A 38 -2.27 7.33 -15.08
N LYS A 39 -2.21 6.61 -16.22
CA LYS A 39 -2.83 5.28 -16.37
C LYS A 39 -2.19 4.26 -15.41
N GLU A 40 -0.85 4.25 -15.36
CA GLU A 40 -0.06 3.31 -14.52
C GLU A 40 -0.22 3.62 -13.03
N ILE A 41 -0.26 4.93 -12.71
CA ILE A 41 -0.52 5.44 -11.37
C ILE A 41 -1.92 4.98 -10.89
N GLU A 42 -2.91 5.03 -11.80
CA GLU A 42 -4.31 4.63 -11.53
C GLU A 42 -4.45 3.12 -11.35
N GLU A 43 -3.57 2.35 -12.04
CA GLU A 43 -3.43 0.89 -11.80
C GLU A 43 -2.97 0.63 -10.36
N PHE A 44 -1.94 1.38 -9.90
CA PHE A 44 -1.40 1.23 -8.53
C PHE A 44 -2.43 1.68 -7.48
N GLU A 45 -3.21 2.71 -7.83
CA GLU A 45 -4.32 3.21 -7.00
C GLU A 45 -5.35 2.09 -6.74
N ARG A 46 -6.00 1.62 -7.82
CA ARG A 46 -7.12 0.68 -7.76
C ARG A 46 -6.71 -0.69 -7.19
N ASP A 47 -5.49 -1.14 -7.53
CA ASP A 47 -4.91 -2.40 -7.01
C ASP A 47 -4.59 -2.32 -5.50
N MET A 48 -4.03 -1.19 -5.02
CA MET A 48 -3.72 -0.99 -3.56
C MET A 48 -4.99 -0.86 -2.73
N GLU A 49 -5.99 -0.18 -3.31
CA GLU A 49 -7.35 -0.11 -2.75
C GLU A 49 -7.93 -1.51 -2.65
N ASP A 50 -7.86 -2.24 -3.77
CA ASP A 50 -8.41 -3.61 -3.91
C ASP A 50 -7.82 -4.52 -2.85
N LEU A 51 -6.48 -4.49 -2.75
CA LEU A 51 -5.68 -5.29 -1.81
C LEU A 51 -6.04 -4.97 -0.35
N ALA A 52 -6.16 -3.66 -0.03
CA ALA A 52 -6.48 -3.19 1.33
C ALA A 52 -7.88 -3.68 1.78
N LYS A 53 -8.84 -3.70 0.85
CA LYS A 53 -10.20 -4.21 1.09
C LYS A 53 -10.14 -5.72 1.41
N LYS A 54 -9.40 -6.47 0.54
CA LYS A 54 -9.18 -7.93 0.65
C LYS A 54 -8.59 -8.31 2.03
N THR A 55 -7.73 -7.43 2.56
CA THR A 55 -7.00 -7.67 3.81
C THR A 55 -7.67 -7.01 5.03
N GLY A 56 -8.69 -6.14 4.78
CA GLY A 56 -9.40 -5.45 5.86
C GLY A 56 -8.58 -4.34 6.53
N VAL A 57 -7.65 -3.75 5.78
CA VAL A 57 -6.82 -2.61 6.25
C VAL A 57 -7.11 -1.37 5.38
N GLN A 58 -6.62 -0.20 5.82
CA GLN A 58 -6.77 1.06 5.05
C GLN A 58 -5.51 1.33 4.22
N ILE A 59 -5.60 2.34 3.34
CA ILE A 59 -4.47 2.84 2.54
C ILE A 59 -4.09 4.25 3.03
N GLN A 60 -2.95 4.76 2.58
CA GLN A 60 -2.55 6.16 2.80
C GLN A 60 -1.88 6.63 1.50
N LYS A 61 -2.62 7.39 0.67
CA LYS A 61 -2.08 7.92 -0.59
C LYS A 61 -1.27 9.19 -0.26
N GLN A 62 0.05 9.13 -0.46
CA GLN A 62 0.93 10.30 -0.32
C GLN A 62 1.45 10.69 -1.70
N TRP A 63 0.91 11.78 -2.22
CA TRP A 63 1.31 12.34 -3.51
C TRP A 63 2.42 13.37 -3.27
N GLN A 64 3.54 13.23 -3.98
CA GLN A 64 4.69 14.14 -3.82
C GLN A 64 5.29 14.43 -5.21
N GLY A 65 4.69 15.40 -5.91
CA GLY A 65 5.13 15.79 -7.28
C GLY A 65 4.81 14.71 -8.31
N ASN A 66 3.54 14.25 -8.30
CA ASN A 66 2.99 13.18 -9.17
C ASN A 66 3.62 11.81 -8.86
N LYS A 67 4.31 11.69 -7.70
CA LYS A 67 4.94 10.43 -7.26
C LYS A 67 4.11 9.86 -6.13
N LEU A 68 3.46 8.72 -6.39
CA LEU A 68 2.43 8.17 -5.50
C LEU A 68 3.04 7.10 -4.57
N ARG A 69 3.18 7.45 -3.29
CA ARG A 69 3.67 6.56 -2.25
C ARG A 69 2.49 6.17 -1.34
N ILE A 70 2.07 4.89 -1.41
CA ILE A 70 0.92 4.38 -0.63
C ILE A 70 1.43 3.52 0.53
N ARG A 71 1.02 3.87 1.76
CA ARG A 71 1.29 3.07 2.96
C ARG A 71 0.06 2.23 3.29
N LEU A 72 0.26 0.93 3.56
CA LEU A 72 -0.79 0.01 3.99
C LEU A 72 -0.55 -0.31 5.46
N LYS A 73 -1.62 -0.26 6.27
CA LYS A 73 -1.53 -0.43 7.73
C LYS A 73 -2.01 -1.82 8.16
N GLY A 74 -1.08 -2.78 8.03
CA GLY A 74 -1.31 -4.19 8.39
C GLY A 74 -1.81 -4.38 9.80
N SER A 75 -1.18 -3.64 10.73
CA SER A 75 -1.68 -3.50 12.09
C SER A 75 -2.46 -2.18 12.18
N LEU A 76 -3.70 -2.21 11.64
CA LEU A 76 -4.62 -1.05 11.67
C LEU A 76 -5.05 -0.82 13.12
N GLU A 77 -5.67 -1.86 13.71
CA GLU A 77 -6.21 -1.80 15.07
C GLU A 77 -5.19 -2.34 16.08
N HIS A 78 -4.53 -1.43 16.82
CA HIS A 78 -3.75 -1.79 18.02
C HIS A 78 -4.68 -1.68 19.24
N HIS A 79 -5.81 -2.43 19.17
CA HIS A 79 -6.94 -2.48 20.16
C HIS A 79 -7.13 -1.16 20.95
N HIS A 80 -6.37 -1.02 22.06
CA HIS A 80 -6.36 0.19 22.89
C HIS A 80 -4.92 0.70 22.99
N HIS A 81 -4.49 1.43 21.94
CA HIS A 81 -3.20 2.11 21.93
C HIS A 81 -3.34 3.47 22.62
N HIS A 82 -2.20 4.17 22.78
CA HIS A 82 -2.16 5.50 23.41
C HIS A 82 -2.78 6.55 22.46
N HIS A 83 -3.94 7.07 22.86
CA HIS A 83 -4.73 8.03 22.06
C HIS A 83 -5.56 8.92 23.02
N MET A 1 7.55 -5.62 16.27
CA MET A 1 8.94 -5.34 15.82
C MET A 1 9.07 -5.71 14.33
N GLY A 2 9.84 -4.89 13.60
CA GLY A 2 10.05 -5.06 12.17
C GLY A 2 10.63 -3.79 11.57
N LEU A 3 10.07 -3.35 10.43
CA LEU A 3 10.45 -2.08 9.80
C LEU A 3 9.39 -1.68 8.75
N THR A 4 8.91 -0.43 8.85
CA THR A 4 7.99 0.17 7.85
C THR A 4 8.84 0.85 6.75
N ARG A 5 9.63 0.02 6.03
CA ARG A 5 10.54 0.49 4.97
C ARG A 5 9.77 1.11 3.79
N THR A 6 10.50 1.85 2.93
CA THR A 6 9.94 2.50 1.74
C THR A 6 10.46 1.77 0.49
N ILE A 7 9.56 1.07 -0.20
CA ILE A 7 9.90 0.27 -1.39
C ILE A 7 9.60 1.13 -2.62
N THR A 8 10.65 1.65 -3.25
CA THR A 8 10.55 2.57 -4.40
C THR A 8 10.83 1.79 -5.69
N SER A 9 9.77 1.57 -6.49
CA SER A 9 9.86 0.82 -7.74
C SER A 9 9.10 1.55 -8.86
N GLN A 10 9.57 1.36 -10.08
CA GLN A 10 8.92 1.86 -11.31
C GLN A 10 7.95 0.80 -11.86
N ASN A 11 8.00 -0.41 -11.28
CA ASN A 11 7.13 -1.55 -11.59
C ASN A 11 6.15 -1.75 -10.42
N LYS A 12 4.86 -1.43 -10.62
CA LYS A 12 3.85 -1.50 -9.56
C LYS A 12 3.49 -2.93 -9.16
N GLU A 13 3.70 -3.90 -10.08
CA GLU A 13 3.25 -5.29 -9.89
C GLU A 13 3.91 -5.91 -8.64
N GLU A 14 5.26 -5.80 -8.57
CA GLU A 14 6.06 -6.31 -7.45
C GLU A 14 5.65 -5.61 -6.13
N LEU A 15 5.22 -4.33 -6.23
CA LEU A 15 4.78 -3.54 -5.06
C LEU A 15 3.49 -4.13 -4.46
N LEU A 16 2.60 -4.67 -5.35
CA LEU A 16 1.30 -5.26 -4.94
C LEU A 16 1.55 -6.61 -4.23
N GLU A 17 2.45 -7.38 -4.85
CA GLU A 17 2.85 -8.72 -4.43
C GLU A 17 3.48 -8.72 -3.03
N ILE A 18 4.51 -7.85 -2.87
CA ILE A 18 5.29 -7.70 -1.62
C ILE A 18 4.41 -7.02 -0.53
N ALA A 19 3.46 -6.18 -0.97
CA ALA A 19 2.46 -5.57 -0.07
C ALA A 19 1.69 -6.65 0.70
N LEU A 20 1.08 -7.56 -0.08
CA LEU A 20 0.22 -8.65 0.42
C LEU A 20 0.90 -9.45 1.55
N LYS A 21 2.21 -9.77 1.37
CA LYS A 21 2.95 -10.61 2.33
C LYS A 21 3.23 -9.87 3.66
N PHE A 22 3.34 -8.52 3.62
CA PHE A 22 3.51 -7.68 4.84
C PHE A 22 2.19 -7.58 5.62
N ILE A 23 1.08 -7.33 4.89
CA ILE A 23 -0.25 -7.13 5.50
C ILE A 23 -0.76 -8.46 6.08
N SER A 24 -0.40 -9.58 5.40
CA SER A 24 -0.66 -10.95 5.87
C SER A 24 -0.03 -11.22 7.26
N GLN A 25 1.20 -10.70 7.44
CA GLN A 25 1.92 -10.78 8.72
C GLN A 25 1.32 -9.81 9.77
N GLY A 26 0.61 -8.77 9.30
CA GLY A 26 0.06 -7.71 10.17
C GLY A 26 1.05 -6.57 10.39
N LEU A 27 2.05 -6.48 9.51
CA LEU A 27 3.10 -5.45 9.55
C LEU A 27 2.72 -4.26 8.66
N ASP A 28 3.02 -3.04 9.14
CA ASP A 28 2.95 -1.82 8.33
C ASP A 28 4.11 -1.78 7.32
N LEU A 29 3.85 -1.20 6.17
CA LEU A 29 4.79 -1.08 5.06
C LEU A 29 4.54 0.27 4.38
N GLU A 30 5.53 0.79 3.66
CA GLU A 30 5.35 1.95 2.78
C GLU A 30 5.92 1.60 1.40
N VAL A 31 5.10 1.75 0.37
CA VAL A 31 5.50 1.57 -1.03
C VAL A 31 5.30 2.92 -1.78
N GLU A 32 6.42 3.50 -2.25
CA GLU A 32 6.39 4.76 -3.01
C GLU A 32 6.62 4.43 -4.48
N PHE A 33 5.55 4.58 -5.28
CA PHE A 33 5.55 4.20 -6.68
C PHE A 33 6.07 5.36 -7.53
N ASP A 34 7.23 5.13 -8.14
CA ASP A 34 7.85 6.06 -9.09
C ASP A 34 7.20 5.84 -10.46
N SER A 35 6.21 6.69 -10.79
CA SER A 35 5.61 6.73 -12.14
C SER A 35 4.91 8.06 -12.39
N THR A 36 4.87 8.40 -13.67
CA THR A 36 4.13 9.55 -14.21
C THR A 36 3.09 9.07 -15.26
N ASP A 37 2.98 7.75 -15.42
CA ASP A 37 2.08 7.11 -16.40
C ASP A 37 0.71 6.95 -15.75
N ASP A 38 -0.30 7.65 -16.32
CA ASP A 38 -1.71 7.63 -15.87
C ASP A 38 -2.21 6.23 -15.51
N LYS A 39 -2.07 5.27 -16.46
CA LYS A 39 -2.53 3.87 -16.27
C LYS A 39 -1.89 3.25 -15.04
N GLU A 40 -0.54 3.33 -14.95
CA GLU A 40 0.22 2.59 -13.93
C GLU A 40 -0.12 3.07 -12.52
N ILE A 41 -0.28 4.41 -12.39
CA ILE A 41 -0.72 5.06 -11.15
C ILE A 41 -2.11 4.51 -10.72
N GLU A 42 -3.07 4.51 -11.67
CA GLU A 42 -4.47 4.09 -11.44
C GLU A 42 -4.56 2.61 -11.06
N GLU A 43 -3.77 1.77 -11.77
CA GLU A 43 -3.74 0.32 -11.55
C GLU A 43 -3.16 -0.02 -10.18
N PHE A 44 -2.16 0.78 -9.76
CA PHE A 44 -1.51 0.65 -8.46
C PHE A 44 -2.51 1.05 -7.34
N GLU A 45 -3.26 2.14 -7.59
CA GLU A 45 -4.27 2.67 -6.65
C GLU A 45 -5.37 1.65 -6.40
N ARG A 46 -6.05 1.22 -7.48
CA ARG A 46 -7.23 0.35 -7.40
C ARG A 46 -6.88 -1.00 -6.77
N ASP A 47 -5.67 -1.53 -7.09
CA ASP A 47 -5.18 -2.78 -6.51
C ASP A 47 -4.89 -2.64 -4.99
N MET A 48 -4.27 -1.51 -4.58
CA MET A 48 -3.98 -1.23 -3.15
C MET A 48 -5.27 -1.02 -2.34
N GLU A 49 -6.25 -0.35 -2.98
CA GLU A 49 -7.60 -0.13 -2.42
C GLU A 49 -8.34 -1.46 -2.25
N ASP A 50 -8.17 -2.36 -3.25
CA ASP A 50 -8.79 -3.69 -3.27
C ASP A 50 -8.13 -4.60 -2.23
N LEU A 51 -6.80 -4.42 -2.07
CA LEU A 51 -6.00 -5.11 -1.04
C LEU A 51 -6.51 -4.72 0.36
N ALA A 52 -6.76 -3.42 0.56
CA ALA A 52 -7.30 -2.87 1.81
C ALA A 52 -8.70 -3.46 2.14
N LYS A 53 -9.53 -3.66 1.09
CA LYS A 53 -10.82 -4.36 1.20
C LYS A 53 -10.62 -5.82 1.69
N LYS A 54 -9.84 -6.59 0.89
CA LYS A 54 -9.61 -8.04 1.10
C LYS A 54 -9.04 -8.36 2.50
N THR A 55 -8.15 -7.50 2.99
CA THR A 55 -7.46 -7.71 4.28
C THR A 55 -8.17 -6.98 5.43
N GLY A 56 -9.15 -6.10 5.09
CA GLY A 56 -9.91 -5.37 6.10
C GLY A 56 -9.15 -4.20 6.72
N VAL A 57 -8.12 -3.71 5.98
CA VAL A 57 -7.26 -2.58 6.42
C VAL A 57 -7.60 -1.30 5.63
N GLN A 58 -6.83 -0.23 5.87
CA GLN A 58 -6.92 1.03 5.08
C GLN A 58 -5.59 1.28 4.33
N ILE A 59 -5.55 2.29 3.45
CA ILE A 59 -4.30 2.77 2.83
C ILE A 59 -4.13 4.28 3.07
N GLN A 60 -2.94 4.81 2.76
CA GLN A 60 -2.62 6.23 2.90
C GLN A 60 -1.94 6.70 1.61
N LYS A 61 -2.71 7.38 0.73
CA LYS A 61 -2.17 7.97 -0.50
C LYS A 61 -1.60 9.35 -0.16
N GLN A 62 -0.31 9.52 -0.41
CA GLN A 62 0.44 10.74 -0.13
C GLN A 62 1.28 11.07 -1.37
N TRP A 63 0.88 12.10 -2.12
CA TRP A 63 1.65 12.55 -3.29
C TRP A 63 2.87 13.35 -2.83
N GLN A 64 4.06 12.74 -3.02
CA GLN A 64 5.35 13.34 -2.69
C GLN A 64 5.92 13.81 -4.04
N GLY A 65 5.61 15.06 -4.42
CA GLY A 65 5.77 15.54 -5.80
C GLY A 65 4.73 14.88 -6.70
N ASN A 66 5.19 14.26 -7.81
CA ASN A 66 4.35 13.41 -8.66
C ASN A 66 4.67 11.90 -8.41
N LYS A 67 5.16 11.60 -7.20
CA LYS A 67 5.40 10.21 -6.76
C LYS A 67 4.22 9.79 -5.90
N LEU A 68 3.55 8.69 -6.25
CA LEU A 68 2.41 8.19 -5.49
C LEU A 68 2.92 7.32 -4.33
N ARG A 69 3.21 7.98 -3.21
CA ARG A 69 3.70 7.32 -2.00
C ARG A 69 2.51 6.83 -1.17
N ILE A 70 2.31 5.50 -1.14
CA ILE A 70 1.21 4.89 -0.40
C ILE A 70 1.78 4.10 0.78
N ARG A 71 1.33 4.44 2.00
CA ARG A 71 1.64 3.65 3.19
C ARG A 71 0.47 2.68 3.45
N LEU A 72 0.83 1.41 3.53
CA LEU A 72 -0.08 0.30 3.76
C LEU A 72 0.03 -0.09 5.24
N LYS A 73 -1.10 -0.14 5.93
CA LYS A 73 -1.15 -0.43 7.36
C LYS A 73 -1.71 -1.84 7.55
N GLY A 74 -1.02 -2.67 8.37
CA GLY A 74 -1.33 -4.09 8.49
C GLY A 74 -2.20 -4.38 9.71
N SER A 75 -1.82 -3.79 10.86
CA SER A 75 -2.52 -3.98 12.14
C SER A 75 -3.25 -2.70 12.54
N LEU A 76 -4.60 -2.74 12.55
CA LEU A 76 -5.48 -1.59 12.89
C LEU A 76 -6.45 -1.96 14.01
N GLU A 77 -7.09 -0.92 14.54
CA GLU A 77 -8.21 -1.02 15.48
C GLU A 77 -9.51 -0.97 14.64
N HIS A 78 -9.67 -1.99 13.77
CA HIS A 78 -10.84 -2.10 12.87
C HIS A 78 -12.08 -2.50 13.71
N HIS A 79 -12.76 -1.46 14.24
CA HIS A 79 -13.74 -1.56 15.35
C HIS A 79 -14.90 -2.56 15.10
N HIS A 80 -14.66 -3.80 15.52
CA HIS A 80 -15.64 -4.91 15.58
C HIS A 80 -14.95 -6.12 16.24
N HIS A 81 -15.73 -6.93 16.97
CA HIS A 81 -15.23 -8.14 17.67
C HIS A 81 -14.84 -9.20 16.60
N HIS A 82 -13.54 -9.22 16.25
CA HIS A 82 -13.00 -10.01 15.13
C HIS A 82 -11.63 -10.58 15.53
N HIS A 83 -11.51 -11.92 15.50
CA HIS A 83 -10.28 -12.64 15.84
C HIS A 83 -10.32 -14.05 15.18
N MET A 1 9.46 -4.43 17.65
CA MET A 1 9.95 -4.33 16.26
C MET A 1 9.03 -3.40 15.44
N GLY A 2 9.27 -2.07 15.56
CA GLY A 2 8.45 -1.04 14.92
C GLY A 2 9.21 -0.31 13.82
N LEU A 3 8.83 -0.57 12.56
CA LEU A 3 9.46 0.04 11.38
C LEU A 3 8.45 0.12 10.23
N THR A 4 8.61 1.14 9.38
CA THR A 4 7.85 1.33 8.16
C THR A 4 8.83 1.77 7.05
N ARG A 5 9.36 0.76 6.33
CA ARG A 5 10.32 0.97 5.23
C ARG A 5 9.60 1.47 3.97
N THR A 6 10.39 1.86 2.96
CA THR A 6 9.87 2.37 1.69
C THR A 6 10.39 1.50 0.54
N ILE A 7 9.45 0.91 -0.20
CA ILE A 7 9.74 0.12 -1.40
C ILE A 7 9.37 0.98 -2.61
N THR A 8 10.38 1.52 -3.30
CA THR A 8 10.19 2.41 -4.45
C THR A 8 10.40 1.59 -5.73
N SER A 9 9.30 1.30 -6.43
CA SER A 9 9.34 0.49 -7.65
C SER A 9 8.50 1.12 -8.74
N GLN A 10 8.98 0.97 -9.98
CA GLN A 10 8.31 1.43 -11.20
C GLN A 10 7.27 0.38 -11.69
N ASN A 11 7.13 -0.72 -10.91
CA ASN A 11 6.16 -1.79 -11.16
C ASN A 11 5.23 -1.95 -9.93
N LYS A 12 3.92 -1.69 -10.12
CA LYS A 12 2.92 -1.77 -9.04
C LYS A 12 2.51 -3.23 -8.71
N GLU A 13 2.81 -4.19 -9.61
CA GLU A 13 2.43 -5.61 -9.44
C GLU A 13 3.18 -6.21 -8.23
N GLU A 14 4.52 -6.09 -8.27
CA GLU A 14 5.41 -6.57 -7.19
C GLU A 14 5.15 -5.82 -5.89
N LEU A 15 4.74 -4.54 -6.00
CA LEU A 15 4.37 -3.73 -4.84
C LEU A 15 3.17 -4.37 -4.09
N LEU A 16 2.24 -5.00 -4.87
CA LEU A 16 1.04 -5.69 -4.31
C LEU A 16 1.42 -7.01 -3.62
N GLU A 17 2.31 -7.76 -4.28
CA GLU A 17 2.74 -9.11 -3.85
C GLU A 17 3.56 -9.06 -2.54
N ILE A 18 4.51 -8.11 -2.49
CA ILE A 18 5.37 -7.88 -1.31
C ILE A 18 4.54 -7.20 -0.19
N ALA A 19 3.58 -6.35 -0.60
CA ALA A 19 2.60 -5.72 0.32
C ALA A 19 1.85 -6.78 1.13
N LEU A 20 1.19 -7.69 0.39
CA LEU A 20 0.36 -8.79 0.91
C LEU A 20 1.12 -9.58 2.00
N LYS A 21 2.44 -9.73 1.78
CA LYS A 21 3.37 -10.40 2.69
C LYS A 21 3.55 -9.64 4.02
N PHE A 22 3.74 -8.30 3.94
CA PHE A 22 3.93 -7.44 5.13
C PHE A 22 2.62 -7.35 5.93
N ILE A 23 1.50 -7.16 5.22
CA ILE A 23 0.17 -6.99 5.82
C ILE A 23 -0.27 -8.32 6.47
N SER A 24 0.15 -9.46 5.88
CA SER A 24 -0.07 -10.82 6.43
C SER A 24 0.54 -10.98 7.85
N GLN A 25 1.64 -10.25 8.09
CA GLN A 25 2.36 -10.25 9.39
C GLN A 25 1.89 -9.06 10.28
N GLY A 26 0.94 -8.26 9.76
CA GLY A 26 0.41 -7.08 10.47
C GLY A 26 1.35 -5.88 10.43
N LEU A 27 2.30 -5.90 9.49
CA LEU A 27 3.37 -4.88 9.38
C LEU A 27 2.89 -3.68 8.56
N ASP A 28 3.10 -2.48 9.13
CA ASP A 28 2.85 -1.21 8.45
C ASP A 28 4.02 -0.92 7.49
N LEU A 29 3.70 -0.46 6.28
CA LEU A 29 4.64 -0.45 5.14
C LEU A 29 4.37 0.79 4.27
N GLU A 30 5.41 1.32 3.62
CA GLU A 30 5.30 2.35 2.57
C GLU A 30 5.79 1.75 1.25
N VAL A 31 4.92 1.74 0.24
CA VAL A 31 5.27 1.39 -1.15
C VAL A 31 5.02 2.64 -2.01
N GLU A 32 6.08 3.15 -2.62
CA GLU A 32 6.00 4.31 -3.50
C GLU A 32 6.17 3.84 -4.94
N PHE A 33 5.12 4.06 -5.74
CA PHE A 33 5.14 3.77 -7.16
C PHE A 33 5.87 4.90 -7.89
N ASP A 34 7.13 4.63 -8.24
CA ASP A 34 8.01 5.58 -8.90
C ASP A 34 7.67 5.61 -10.40
N SER A 35 6.71 6.47 -10.77
CA SER A 35 6.28 6.65 -12.17
C SER A 35 5.68 8.05 -12.37
N THR A 36 5.70 8.50 -13.63
CA THR A 36 5.08 9.75 -14.07
C THR A 36 3.89 9.46 -15.03
N ASP A 37 3.60 8.16 -15.27
CA ASP A 37 2.51 7.74 -16.17
C ASP A 37 1.23 7.62 -15.34
N ASP A 38 0.29 8.56 -15.59
CA ASP A 38 -0.99 8.65 -14.88
C ASP A 38 -1.72 7.31 -14.82
N LYS A 39 -1.83 6.65 -15.98
CA LYS A 39 -2.65 5.42 -16.14
C LYS A 39 -2.17 4.31 -15.19
N GLU A 40 -0.83 4.16 -15.11
CA GLU A 40 -0.18 3.17 -14.23
C GLU A 40 -0.37 3.53 -12.74
N ILE A 41 -0.40 4.85 -12.44
CA ILE A 41 -0.62 5.36 -11.07
C ILE A 41 -2.09 5.13 -10.63
N GLU A 42 -3.05 5.31 -11.57
CA GLU A 42 -4.50 5.03 -11.33
C GLU A 42 -4.70 3.54 -11.01
N GLU A 43 -3.92 2.68 -11.72
CA GLU A 43 -3.87 1.25 -11.45
C GLU A 43 -3.38 0.99 -10.02
N PHE A 44 -2.24 1.62 -9.64
CA PHE A 44 -1.62 1.44 -8.29
C PHE A 44 -2.63 1.75 -7.17
N GLU A 45 -3.48 2.77 -7.41
CA GLU A 45 -4.57 3.14 -6.50
C GLU A 45 -5.60 2.00 -6.36
N ARG A 46 -6.23 1.63 -7.49
CA ARG A 46 -7.38 0.69 -7.50
C ARG A 46 -6.96 -0.73 -7.04
N ASP A 47 -5.75 -1.14 -7.46
CA ASP A 47 -5.09 -2.38 -7.00
C ASP A 47 -4.85 -2.41 -5.48
N MET A 48 -4.27 -1.31 -4.92
CA MET A 48 -4.01 -1.20 -3.46
C MET A 48 -5.32 -1.10 -2.64
N GLU A 49 -6.35 -0.47 -3.21
CA GLU A 49 -7.69 -0.37 -2.58
C GLU A 49 -8.37 -1.76 -2.54
N ASP A 50 -8.25 -2.50 -3.66
CA ASP A 50 -8.81 -3.86 -3.80
C ASP A 50 -8.10 -4.81 -2.83
N LEU A 51 -6.76 -4.65 -2.74
CA LEU A 51 -5.89 -5.36 -1.81
C LEU A 51 -6.31 -5.06 -0.36
N ALA A 52 -6.58 -3.77 -0.07
CA ALA A 52 -7.00 -3.29 1.27
C ALA A 52 -8.31 -3.95 1.72
N LYS A 53 -9.26 -4.10 0.78
CA LYS A 53 -10.50 -4.85 1.04
C LYS A 53 -10.18 -6.33 1.39
N LYS A 54 -9.43 -6.97 0.48
CA LYS A 54 -9.08 -8.42 0.56
C LYS A 54 -8.24 -8.76 1.83
N THR A 55 -7.52 -7.76 2.37
CA THR A 55 -6.65 -7.94 3.55
C THR A 55 -7.32 -7.40 4.84
N GLY A 56 -8.38 -6.60 4.68
CA GLY A 56 -9.09 -6.00 5.82
C GLY A 56 -8.35 -4.80 6.44
N VAL A 57 -7.56 -4.10 5.61
CA VAL A 57 -6.85 -2.86 6.00
C VAL A 57 -7.33 -1.68 5.14
N GLN A 58 -6.77 -0.48 5.41
CA GLN A 58 -7.03 0.73 4.60
C GLN A 58 -5.69 1.21 4.01
N ILE A 59 -5.72 2.14 3.03
CA ILE A 59 -4.49 2.66 2.39
C ILE A 59 -4.39 4.19 2.53
N GLN A 60 -3.17 4.68 2.80
CA GLN A 60 -2.88 6.13 2.90
C GLN A 60 -2.20 6.62 1.61
N LYS A 61 -2.97 7.28 0.73
CA LYS A 61 -2.42 7.85 -0.52
C LYS A 61 -1.71 9.17 -0.20
N GLN A 62 -0.40 9.20 -0.46
CA GLN A 62 0.46 10.38 -0.23
C GLN A 62 1.28 10.62 -1.52
N TRP A 63 1.10 11.78 -2.12
CA TRP A 63 1.83 12.18 -3.33
C TRP A 63 3.17 12.80 -2.92
N GLN A 64 4.27 12.35 -3.54
CA GLN A 64 5.62 12.82 -3.24
C GLN A 64 6.40 13.01 -4.56
N GLY A 65 6.36 14.26 -5.09
CA GLY A 65 6.98 14.61 -6.37
C GLY A 65 6.41 13.81 -7.54
N ASN A 66 5.05 13.75 -7.60
CA ASN A 66 4.24 12.97 -8.58
C ASN A 66 4.20 11.46 -8.24
N LYS A 67 5.29 10.94 -7.65
CA LYS A 67 5.41 9.51 -7.28
C LYS A 67 4.45 9.21 -6.13
N LEU A 68 3.49 8.31 -6.37
CA LEU A 68 2.41 8.03 -5.42
C LEU A 68 2.90 7.03 -4.37
N ARG A 69 3.22 7.58 -3.21
CA ARG A 69 3.57 6.81 -2.02
C ARG A 69 2.30 6.43 -1.25
N ILE A 70 1.94 5.14 -1.30
CA ILE A 70 0.80 4.61 -0.55
C ILE A 70 1.35 3.85 0.65
N ARG A 71 0.98 4.29 1.87
CA ARG A 71 1.38 3.64 3.11
C ARG A 71 0.27 2.64 3.49
N LEU A 72 0.65 1.38 3.39
CA LEU A 72 -0.20 0.23 3.65
C LEU A 72 -0.08 -0.11 5.12
N LYS A 73 -1.13 0.19 5.86
CA LYS A 73 -1.16 0.07 7.30
C LYS A 73 -1.64 -1.35 7.66
N GLY A 74 -0.74 -2.14 8.24
CA GLY A 74 -0.99 -3.56 8.56
C GLY A 74 -1.87 -3.75 9.79
N SER A 75 -2.25 -2.63 10.42
CA SER A 75 -3.07 -2.60 11.62
C SER A 75 -3.80 -1.25 11.70
N LEU A 76 -5.12 -1.29 11.96
CA LEU A 76 -5.96 -0.07 12.10
C LEU A 76 -6.41 0.14 13.55
N GLU A 77 -6.97 1.34 13.80
CA GLU A 77 -7.72 1.65 15.03
C GLU A 77 -9.19 1.23 14.84
N HIS A 78 -10.03 1.38 15.88
CA HIS A 78 -11.48 1.08 15.77
C HIS A 78 -12.12 1.95 14.66
N HIS A 79 -12.79 1.31 13.69
CA HIS A 79 -13.34 2.00 12.50
C HIS A 79 -14.67 1.37 12.09
N HIS A 80 -15.48 2.17 11.37
CA HIS A 80 -16.80 1.73 10.90
C HIS A 80 -16.65 0.71 9.73
N HIS A 81 -17.52 -0.32 9.70
CA HIS A 81 -17.50 -1.35 8.64
C HIS A 81 -18.27 -0.86 7.39
N HIS A 82 -19.59 -1.12 7.32
CA HIS A 82 -20.46 -0.74 6.17
C HIS A 82 -21.34 0.47 6.54
N HIS A 83 -21.69 0.56 7.84
CA HIS A 83 -22.44 1.69 8.39
C HIS A 83 -21.46 2.85 8.70
N MET A 1 8.50 0.90 17.61
CA MET A 1 8.38 0.01 16.43
C MET A 1 7.61 0.71 15.29
N GLY A 2 7.44 -0.02 14.17
CA GLY A 2 6.68 0.45 13.02
C GLY A 2 6.97 -0.43 11.82
N LEU A 3 8.30 -0.55 11.51
CA LEU A 3 8.84 -1.35 10.39
C LEU A 3 8.26 -0.91 9.03
N THR A 4 7.84 0.36 8.98
CA THR A 4 7.20 0.95 7.80
C THR A 4 8.29 1.51 6.86
N ARG A 5 9.00 0.59 6.19
CA ARG A 5 10.00 0.93 5.16
C ARG A 5 9.31 1.52 3.91
N THR A 6 10.09 2.17 3.03
CA THR A 6 9.56 2.83 1.82
C THR A 6 10.19 2.17 0.58
N ILE A 7 9.38 1.38 -0.14
CA ILE A 7 9.83 0.65 -1.33
C ILE A 7 9.49 1.48 -2.58
N THR A 8 10.51 1.85 -3.37
CA THR A 8 10.35 2.58 -4.63
C THR A 8 10.63 1.60 -5.78
N SER A 9 9.57 1.20 -6.50
CA SER A 9 9.69 0.21 -7.59
C SER A 9 9.02 0.71 -8.87
N GLN A 10 9.47 0.10 -9.98
CA GLN A 10 8.98 0.37 -11.33
C GLN A 10 7.64 -0.34 -11.58
N ASN A 11 7.44 -1.47 -10.88
CA ASN A 11 6.30 -2.38 -11.12
C ASN A 11 5.34 -2.37 -9.91
N LYS A 12 4.07 -1.99 -10.15
CA LYS A 12 3.01 -1.92 -9.12
C LYS A 12 2.51 -3.30 -8.68
N GLU A 13 2.63 -4.32 -9.54
CA GLU A 13 2.13 -5.68 -9.27
C GLU A 13 2.89 -6.32 -8.11
N GLU A 14 4.24 -6.26 -8.20
CA GLU A 14 5.13 -6.81 -7.16
C GLU A 14 4.95 -6.03 -5.84
N LEU A 15 4.58 -4.72 -5.94
CA LEU A 15 4.28 -3.90 -4.76
C LEU A 15 3.02 -4.40 -4.03
N LEU A 16 2.09 -5.01 -4.79
CA LEU A 16 0.86 -5.62 -4.24
C LEU A 16 1.19 -6.94 -3.52
N GLU A 17 2.11 -7.72 -4.12
CA GLU A 17 2.56 -9.03 -3.59
C GLU A 17 3.39 -8.87 -2.29
N ILE A 18 4.39 -7.97 -2.34
CA ILE A 18 5.25 -7.65 -1.19
C ILE A 18 4.43 -6.97 -0.08
N ALA A 19 3.40 -6.21 -0.48
CA ALA A 19 2.40 -5.67 0.46
C ALA A 19 1.69 -6.78 1.22
N LEU A 20 1.06 -7.70 0.46
CA LEU A 20 0.23 -8.81 1.02
C LEU A 20 1.03 -9.66 2.04
N LYS A 21 2.34 -9.86 1.76
CA LYS A 21 3.20 -10.65 2.66
C LYS A 21 3.55 -9.89 3.95
N PHE A 22 3.68 -8.53 3.87
CA PHE A 22 3.92 -7.69 5.08
C PHE A 22 2.68 -7.62 5.96
N ILE A 23 1.50 -7.52 5.32
CA ILE A 23 0.21 -7.51 6.01
C ILE A 23 -0.05 -8.88 6.66
N SER A 24 0.44 -9.95 5.99
CA SER A 24 0.39 -11.35 6.49
C SER A 24 1.28 -11.53 7.74
N GLN A 25 2.36 -10.72 7.83
CA GLN A 25 3.27 -10.70 9.00
C GLN A 25 2.76 -9.72 10.09
N GLY A 26 1.68 -8.97 9.77
CA GLY A 26 1.13 -7.94 10.67
C GLY A 26 2.10 -6.77 10.86
N LEU A 27 2.75 -6.41 9.75
CA LEU A 27 3.72 -5.31 9.68
C LEU A 27 3.15 -4.21 8.77
N ASP A 28 3.46 -2.95 9.10
CA ASP A 28 3.13 -1.81 8.26
C ASP A 28 4.15 -1.73 7.10
N LEU A 29 3.67 -1.35 5.91
CA LEU A 29 4.53 -1.25 4.72
C LEU A 29 4.12 -0.01 3.94
N GLU A 30 5.09 0.86 3.63
CA GLU A 30 4.88 2.02 2.77
C GLU A 30 5.55 1.75 1.42
N VAL A 31 4.78 1.90 0.34
CA VAL A 31 5.27 1.71 -1.02
C VAL A 31 5.03 2.98 -1.84
N GLU A 32 6.12 3.57 -2.34
CA GLU A 32 6.06 4.72 -3.25
C GLU A 32 6.32 4.22 -4.66
N PHE A 33 5.28 4.27 -5.49
CA PHE A 33 5.35 3.81 -6.86
C PHE A 33 6.06 4.87 -7.70
N ASP A 34 7.27 4.52 -8.17
CA ASP A 34 8.12 5.46 -8.91
C ASP A 34 7.72 5.46 -10.39
N SER A 35 6.63 6.19 -10.67
CA SER A 35 6.08 6.39 -12.01
C SER A 35 5.26 7.68 -12.04
N THR A 36 5.52 8.51 -13.05
CA THR A 36 4.76 9.73 -13.33
C THR A 36 3.66 9.47 -14.36
N ASP A 37 3.55 8.21 -14.85
CA ASP A 37 2.65 7.87 -15.96
C ASP A 37 1.22 7.65 -15.42
N ASP A 38 0.28 8.48 -15.92
CA ASP A 38 -1.15 8.52 -15.48
C ASP A 38 -1.77 7.11 -15.39
N LYS A 39 -1.61 6.34 -16.48
CA LYS A 39 -2.20 5.01 -16.66
C LYS A 39 -1.74 4.04 -15.55
N GLU A 40 -0.43 4.01 -15.31
CA GLU A 40 0.20 3.16 -14.27
C GLU A 40 -0.22 3.57 -12.84
N ILE A 41 -0.44 4.87 -12.62
CA ILE A 41 -0.89 5.42 -11.34
C ILE A 41 -2.37 5.02 -11.10
N GLU A 42 -3.18 4.99 -12.18
CA GLU A 42 -4.58 4.51 -12.13
C GLU A 42 -4.62 3.04 -11.66
N GLU A 43 -3.69 2.23 -12.24
CA GLU A 43 -3.48 0.84 -11.86
C GLU A 43 -3.16 0.69 -10.36
N PHE A 44 -2.15 1.45 -9.90
CA PHE A 44 -1.62 1.34 -8.52
C PHE A 44 -2.70 1.71 -7.47
N GLU A 45 -3.49 2.74 -7.78
CA GLU A 45 -4.61 3.19 -6.91
C GLU A 45 -5.70 2.13 -6.79
N ARG A 46 -6.26 1.68 -7.95
CA ARG A 46 -7.39 0.74 -7.99
C ARG A 46 -7.04 -0.57 -7.28
N ASP A 47 -5.82 -1.06 -7.55
CA ASP A 47 -5.28 -2.30 -6.99
C ASP A 47 -5.01 -2.18 -5.47
N MET A 48 -4.55 -1.01 -4.99
CA MET A 48 -4.32 -0.76 -3.55
C MET A 48 -5.65 -0.59 -2.80
N GLU A 49 -6.67 -0.09 -3.50
CA GLU A 49 -8.07 -0.05 -3.00
C GLU A 49 -8.58 -1.48 -2.74
N ASP A 50 -8.51 -2.33 -3.78
CA ASP A 50 -8.96 -3.73 -3.71
C ASP A 50 -8.13 -4.54 -2.69
N LEU A 51 -6.81 -4.31 -2.69
CA LEU A 51 -5.86 -5.01 -1.80
C LEU A 51 -6.20 -4.70 -0.32
N ALA A 52 -6.48 -3.41 -0.04
CA ALA A 52 -6.90 -2.94 1.28
C ALA A 52 -8.16 -3.66 1.79
N LYS A 53 -9.18 -3.74 0.91
CA LYS A 53 -10.45 -4.43 1.22
C LYS A 53 -10.21 -5.93 1.52
N LYS A 54 -9.50 -6.61 0.60
CA LYS A 54 -9.24 -8.07 0.65
C LYS A 54 -8.41 -8.48 1.89
N THR A 55 -7.56 -7.57 2.39
CA THR A 55 -6.73 -7.82 3.58
C THR A 55 -7.43 -7.35 4.87
N GLY A 56 -8.39 -6.42 4.75
CA GLY A 56 -9.01 -5.77 5.90
C GLY A 56 -8.14 -4.68 6.52
N VAL A 57 -7.39 -3.96 5.66
CA VAL A 57 -6.58 -2.79 6.06
C VAL A 57 -7.07 -1.51 5.36
N GLN A 58 -6.56 -0.36 5.82
CA GLN A 58 -6.82 0.95 5.19
C GLN A 58 -5.52 1.47 4.54
N ILE A 59 -5.65 2.37 3.55
CA ILE A 59 -4.49 2.95 2.84
C ILE A 59 -4.33 4.43 3.21
N GLN A 60 -3.24 5.04 2.71
CA GLN A 60 -3.05 6.49 2.75
C GLN A 60 -2.30 6.92 1.48
N LYS A 61 -3.04 7.50 0.51
CA LYS A 61 -2.44 8.10 -0.69
C LYS A 61 -1.78 9.42 -0.31
N GLN A 62 -0.51 9.59 -0.66
CA GLN A 62 0.27 10.79 -0.38
C GLN A 62 1.14 11.10 -1.60
N TRP A 63 0.77 12.15 -2.36
CA TRP A 63 1.61 12.63 -3.45
C TRP A 63 2.86 13.32 -2.89
N GLN A 64 4.00 12.65 -3.09
CA GLN A 64 5.29 13.09 -2.58
C GLN A 64 6.04 13.71 -3.76
N GLY A 65 5.76 15.01 -3.99
CA GLY A 65 6.29 15.74 -5.12
C GLY A 65 5.57 15.41 -6.42
N ASN A 66 5.98 14.31 -7.07
CA ASN A 66 5.48 13.90 -8.40
C ASN A 66 5.31 12.35 -8.47
N LYS A 67 5.54 11.68 -7.33
CA LYS A 67 5.40 10.20 -7.19
C LYS A 67 4.32 9.88 -6.17
N LEU A 68 3.47 8.87 -6.48
CA LEU A 68 2.36 8.48 -5.60
C LEU A 68 2.85 7.48 -4.54
N ARG A 69 2.91 7.94 -3.28
CA ARG A 69 3.31 7.14 -2.12
C ARG A 69 2.06 6.70 -1.35
N ILE A 70 1.74 5.39 -1.39
CA ILE A 70 0.62 4.82 -0.63
C ILE A 70 1.18 3.95 0.51
N ARG A 71 0.80 4.28 1.77
CA ARG A 71 1.14 3.44 2.92
C ARG A 71 -0.05 2.51 3.21
N LEU A 72 0.28 1.26 3.53
CA LEU A 72 -0.65 0.25 4.03
C LEU A 72 -0.31 -0.01 5.49
N LYS A 73 -1.33 -0.07 6.33
CA LYS A 73 -1.19 -0.41 7.77
C LYS A 73 -1.52 -1.89 7.97
N GLY A 74 -1.02 -2.49 9.07
CA GLY A 74 -1.06 -3.96 9.26
C GLY A 74 -2.47 -4.53 9.46
N SER A 75 -3.25 -3.89 10.34
CA SER A 75 -4.62 -4.33 10.72
C SER A 75 -5.27 -3.28 11.67
N LEU A 76 -6.60 -3.10 11.59
CA LEU A 76 -7.33 -2.08 12.39
C LEU A 76 -8.28 -2.79 13.39
N GLU A 77 -9.36 -3.37 12.82
CA GLU A 77 -10.41 -4.14 13.55
C GLU A 77 -9.85 -5.37 14.29
N HIS A 78 -8.63 -5.81 13.91
CA HIS A 78 -7.97 -7.01 14.48
C HIS A 78 -7.28 -6.70 15.85
N HIS A 79 -7.90 -5.83 16.65
CA HIS A 79 -7.48 -5.51 18.03
C HIS A 79 -8.72 -5.55 18.93
N HIS A 80 -8.66 -6.40 19.97
CA HIS A 80 -9.71 -6.53 20.98
C HIS A 80 -9.70 -5.28 21.89
N HIS A 81 -10.37 -4.21 21.42
CA HIS A 81 -10.38 -2.89 22.07
C HIS A 81 -11.11 -2.93 23.42
N HIS A 82 -10.36 -3.28 24.46
CA HIS A 82 -10.82 -3.35 25.85
C HIS A 82 -9.68 -2.95 26.80
N HIS A 83 -10.02 -2.77 28.08
CA HIS A 83 -9.05 -2.48 29.14
C HIS A 83 -9.53 -3.13 30.45
N MET A 1 10.54 -4.70 13.29
CA MET A 1 9.12 -5.09 13.09
C MET A 1 8.26 -3.85 12.82
N GLY A 2 8.20 -2.92 13.81
CA GLY A 2 7.33 -1.74 13.74
C GLY A 2 8.00 -0.54 13.05
N LEU A 3 8.83 -0.80 12.03
CA LEU A 3 9.47 0.23 11.22
C LEU A 3 8.84 0.21 9.80
N THR A 4 7.95 1.19 9.55
CA THR A 4 7.24 1.35 8.27
C THR A 4 8.20 1.86 7.18
N ARG A 5 8.86 0.90 6.52
CA ARG A 5 9.85 1.15 5.45
C ARG A 5 9.16 1.56 4.13
N THR A 6 9.96 2.13 3.20
CA THR A 6 9.45 2.68 1.92
C THR A 6 10.10 1.92 0.74
N ILE A 7 9.25 1.26 -0.07
CA ILE A 7 9.69 0.48 -1.25
C ILE A 7 9.32 1.26 -2.53
N THR A 8 10.35 1.73 -3.25
CA THR A 8 10.20 2.52 -4.48
C THR A 8 10.42 1.59 -5.70
N SER A 9 9.35 1.29 -6.44
CA SER A 9 9.41 0.37 -7.60
C SER A 9 8.62 0.92 -8.79
N GLN A 10 9.17 0.67 -9.99
CA GLN A 10 8.57 1.08 -11.28
C GLN A 10 7.43 0.14 -11.71
N ASN A 11 7.29 -1.00 -11.01
CA ASN A 11 6.25 -2.01 -11.27
C ASN A 11 5.30 -2.10 -10.05
N LYS A 12 3.99 -1.84 -10.28
CA LYS A 12 2.96 -1.90 -9.24
C LYS A 12 2.61 -3.35 -8.86
N GLU A 13 2.85 -4.32 -9.77
CA GLU A 13 2.56 -5.75 -9.52
C GLU A 13 3.41 -6.30 -8.37
N GLU A 14 4.75 -6.12 -8.46
CA GLU A 14 5.67 -6.58 -7.41
C GLU A 14 5.41 -5.81 -6.11
N LEU A 15 4.94 -4.55 -6.21
CA LEU A 15 4.53 -3.77 -5.04
C LEU A 15 3.31 -4.41 -4.33
N LEU A 16 2.41 -5.07 -5.11
CA LEU A 16 1.21 -5.76 -4.56
C LEU A 16 1.60 -7.07 -3.83
N GLU A 17 2.51 -7.83 -4.45
CA GLU A 17 2.95 -9.14 -3.94
C GLU A 17 3.82 -8.99 -2.68
N ILE A 18 4.81 -8.08 -2.75
CA ILE A 18 5.71 -7.75 -1.63
C ILE A 18 4.90 -7.08 -0.49
N ALA A 19 3.86 -6.29 -0.87
CA ALA A 19 2.89 -5.76 0.11
C ALA A 19 2.24 -6.90 0.91
N LEU A 20 1.65 -7.86 0.17
CA LEU A 20 0.91 -9.01 0.75
C LEU A 20 1.78 -9.82 1.74
N LYS A 21 3.12 -9.81 1.51
CA LYS A 21 4.12 -10.40 2.45
C LYS A 21 4.03 -9.72 3.84
N PHE A 22 4.12 -8.38 3.85
CA PHE A 22 4.14 -7.58 5.11
C PHE A 22 2.76 -7.57 5.78
N ILE A 23 1.70 -7.53 4.95
CA ILE A 23 0.32 -7.46 5.44
C ILE A 23 -0.05 -8.81 6.11
N SER A 24 0.45 -9.93 5.53
CA SER A 24 0.29 -11.29 6.09
C SER A 24 0.97 -11.43 7.47
N GLN A 25 2.07 -10.68 7.67
CA GLN A 25 2.83 -10.68 8.94
C GLN A 25 2.20 -9.73 9.98
N GLY A 26 1.23 -8.89 9.54
CA GLY A 26 0.59 -7.90 10.41
C GLY A 26 1.43 -6.64 10.58
N LEU A 27 2.32 -6.41 9.60
CA LEU A 27 3.27 -5.28 9.59
C LEU A 27 2.73 -4.13 8.74
N ASP A 28 3.05 -2.90 9.17
CA ASP A 28 2.79 -1.68 8.39
C ASP A 28 3.91 -1.51 7.35
N LEU A 29 3.51 -1.16 6.14
CA LEU A 29 4.42 -0.98 5.00
C LEU A 29 4.11 0.34 4.33
N GLU A 30 5.06 0.89 3.59
CA GLU A 30 4.87 2.09 2.79
C GLU A 30 5.49 1.82 1.41
N VAL A 31 4.69 1.89 0.35
CA VAL A 31 5.14 1.62 -1.02
C VAL A 31 4.93 2.87 -1.88
N GLU A 32 6.03 3.38 -2.45
CA GLU A 32 6.02 4.53 -3.36
C GLU A 32 6.21 4.03 -4.79
N PHE A 33 5.21 4.31 -5.63
CA PHE A 33 5.22 3.89 -7.03
C PHE A 33 6.08 4.87 -7.84
N ASP A 34 7.25 4.37 -8.28
CA ASP A 34 8.23 5.15 -9.03
C ASP A 34 7.86 5.14 -10.52
N SER A 35 6.90 5.99 -10.90
CA SER A 35 6.45 6.16 -12.30
C SER A 35 5.80 7.53 -12.51
N THR A 36 6.02 8.08 -13.71
CA THR A 36 5.42 9.36 -14.16
C THR A 36 4.18 9.11 -15.06
N ASP A 37 3.80 7.83 -15.22
CA ASP A 37 2.66 7.43 -16.07
C ASP A 37 1.39 7.38 -15.21
N ASP A 38 0.46 8.31 -15.49
CA ASP A 38 -0.81 8.49 -14.74
C ASP A 38 -1.69 7.22 -14.69
N LYS A 39 -1.80 6.54 -15.83
CA LYS A 39 -2.63 5.32 -15.97
C LYS A 39 -2.11 4.19 -15.08
N GLU A 40 -0.77 4.05 -15.03
CA GLU A 40 -0.08 3.07 -14.17
C GLU A 40 -0.33 3.39 -12.68
N ILE A 41 -0.32 4.70 -12.36
CA ILE A 41 -0.57 5.22 -11.00
C ILE A 41 -2.01 4.90 -10.54
N GLU A 42 -2.98 5.04 -11.47
CA GLU A 42 -4.41 4.76 -11.20
C GLU A 42 -4.63 3.26 -10.96
N GLU A 43 -3.86 2.43 -11.71
CA GLU A 43 -3.82 0.97 -11.48
C GLU A 43 -3.37 0.69 -10.04
N PHE A 44 -2.28 1.35 -9.63
CA PHE A 44 -1.65 1.18 -8.31
C PHE A 44 -2.62 1.60 -7.18
N GLU A 45 -3.41 2.67 -7.43
CA GLU A 45 -4.45 3.15 -6.49
C GLU A 45 -5.50 2.07 -6.25
N ARG A 46 -6.22 1.70 -7.32
CA ARG A 46 -7.37 0.77 -7.23
C ARG A 46 -6.94 -0.63 -6.75
N ASP A 47 -5.77 -1.12 -7.22
CA ASP A 47 -5.20 -2.40 -6.77
C ASP A 47 -4.88 -2.42 -5.26
N MET A 48 -4.24 -1.35 -4.75
CA MET A 48 -3.92 -1.22 -3.29
C MET A 48 -5.19 -1.07 -2.43
N GLU A 49 -6.22 -0.42 -2.98
CA GLU A 49 -7.53 -0.29 -2.34
C GLU A 49 -8.25 -1.64 -2.28
N ASP A 50 -8.26 -2.37 -3.39
CA ASP A 50 -8.88 -3.71 -3.47
C ASP A 50 -8.14 -4.70 -2.55
N LEU A 51 -6.81 -4.52 -2.43
CA LEU A 51 -5.94 -5.27 -1.48
C LEU A 51 -6.36 -4.95 -0.03
N ALA A 52 -6.66 -3.66 0.23
CA ALA A 52 -7.14 -3.19 1.54
C ALA A 52 -8.52 -3.77 1.88
N LYS A 53 -9.39 -3.90 0.86
CA LYS A 53 -10.72 -4.55 1.01
C LYS A 53 -10.55 -6.04 1.36
N LYS A 54 -9.70 -6.74 0.58
CA LYS A 54 -9.39 -8.19 0.75
C LYS A 54 -8.97 -8.53 2.19
N THR A 55 -8.13 -7.66 2.78
CA THR A 55 -7.54 -7.87 4.11
C THR A 55 -8.36 -7.14 5.20
N GLY A 56 -9.33 -6.29 4.79
CA GLY A 56 -10.15 -5.51 5.72
C GLY A 56 -9.40 -4.39 6.44
N VAL A 57 -8.30 -3.92 5.80
CA VAL A 57 -7.45 -2.80 6.30
C VAL A 57 -7.71 -1.53 5.47
N GLN A 58 -6.99 -0.43 5.80
CA GLN A 58 -7.15 0.88 5.11
C GLN A 58 -5.79 1.38 4.58
N ILE A 59 -5.80 2.39 3.69
CA ILE A 59 -4.55 2.96 3.12
C ILE A 59 -4.54 4.50 3.22
N GLN A 60 -3.38 5.09 2.90
CA GLN A 60 -3.17 6.56 2.84
C GLN A 60 -2.45 6.88 1.53
N LYS A 61 -2.95 7.86 0.76
CA LYS A 61 -2.32 8.29 -0.51
C LYS A 61 -1.67 9.67 -0.32
N GLN A 62 -0.39 9.78 -0.68
CA GLN A 62 0.38 11.03 -0.58
C GLN A 62 1.29 11.18 -1.81
N TRP A 63 1.12 12.27 -2.56
CA TRP A 63 1.97 12.61 -3.71
C TRP A 63 3.16 13.48 -3.24
N GLN A 64 4.34 13.27 -3.86
CA GLN A 64 5.56 14.06 -3.60
C GLN A 64 6.39 14.09 -4.89
N GLY A 65 6.38 15.24 -5.58
CA GLY A 65 7.13 15.43 -6.83
C GLY A 65 6.68 14.48 -7.94
N ASN A 66 5.34 14.37 -8.10
CA ASN A 66 4.68 13.55 -9.15
C ASN A 66 4.97 12.04 -8.94
N LYS A 67 5.14 11.66 -7.66
CA LYS A 67 5.25 10.24 -7.23
C LYS A 67 4.14 9.95 -6.24
N LEU A 68 3.36 8.90 -6.50
CA LEU A 68 2.29 8.48 -5.58
C LEU A 68 2.85 7.45 -4.59
N ARG A 69 2.94 7.86 -3.35
CA ARG A 69 3.32 7.01 -2.22
C ARG A 69 2.06 6.60 -1.44
N ILE A 70 1.72 5.32 -1.48
CA ILE A 70 0.60 4.75 -0.71
C ILE A 70 1.17 3.98 0.49
N ARG A 71 0.72 4.35 1.69
CA ARG A 71 1.09 3.67 2.93
C ARG A 71 0.02 2.63 3.26
N LEU A 72 0.49 1.40 3.47
CA LEU A 72 -0.35 0.25 3.81
C LEU A 72 -0.18 -0.09 5.30
N LYS A 73 -1.22 -0.68 5.88
CA LYS A 73 -1.16 -1.30 7.22
C LYS A 73 -1.53 -2.77 7.12
N GLY A 74 -0.85 -3.62 7.93
CA GLY A 74 -1.11 -5.05 7.94
C GLY A 74 -2.40 -5.39 8.68
N SER A 75 -2.78 -4.49 9.60
CA SER A 75 -3.98 -4.62 10.43
C SER A 75 -4.35 -3.25 11.06
N LEU A 76 -5.57 -3.19 11.59
CA LEU A 76 -6.10 -2.10 12.43
C LEU A 76 -6.85 -2.74 13.59
N GLU A 77 -7.17 -1.95 14.63
CA GLU A 77 -8.11 -2.37 15.67
C GLU A 77 -9.53 -2.34 15.07
N HIS A 78 -10.39 -3.28 15.48
CA HIS A 78 -11.76 -3.41 14.97
C HIS A 78 -12.56 -2.13 15.27
N HIS A 79 -12.78 -1.32 14.21
CA HIS A 79 -13.47 -0.01 14.29
C HIS A 79 -14.88 -0.15 14.88
N HIS A 80 -15.11 0.46 16.07
CA HIS A 80 -16.44 0.46 16.71
C HIS A 80 -17.37 1.44 15.97
N HIS A 81 -17.89 0.94 14.84
CA HIS A 81 -18.83 1.63 13.96
C HIS A 81 -19.66 0.57 13.25
N HIS A 82 -20.99 0.73 13.24
CA HIS A 82 -21.90 -0.21 12.56
C HIS A 82 -21.89 0.07 11.05
N HIS A 83 -20.85 -0.46 10.36
CA HIS A 83 -20.63 -0.25 8.92
C HIS A 83 -21.45 -1.29 8.09
N MET A 1 10.43 -3.15 15.11
CA MET A 1 10.81 -4.51 14.67
C MET A 1 10.58 -4.64 13.15
N GLY A 2 9.31 -4.79 12.75
CA GLY A 2 8.92 -4.87 11.34
C GLY A 2 8.73 -3.48 10.75
N LEU A 3 9.85 -2.82 10.41
CA LEU A 3 9.90 -1.40 10.01
C LEU A 3 9.04 -1.13 8.77
N THR A 4 8.32 0.01 8.82
CA THR A 4 7.49 0.48 7.70
C THR A 4 8.40 1.17 6.67
N ARG A 5 9.20 0.31 6.00
CA ARG A 5 10.16 0.71 4.97
C ARG A 5 9.43 1.36 3.77
N THR A 6 10.15 2.20 3.01
CA THR A 6 9.59 2.95 1.88
C THR A 6 10.17 2.33 0.61
N ILE A 7 9.37 1.54 -0.11
CA ILE A 7 9.84 0.81 -1.28
C ILE A 7 9.57 1.64 -2.54
N THR A 8 10.66 2.14 -3.15
CA THR A 8 10.59 2.96 -4.35
C THR A 8 10.94 2.08 -5.56
N SER A 9 9.90 1.74 -6.34
CA SER A 9 10.05 0.90 -7.55
C SER A 9 9.22 1.50 -8.69
N GLN A 10 9.62 1.16 -9.92
CA GLN A 10 8.98 1.65 -11.16
C GLN A 10 8.02 0.60 -11.76
N ASN A 11 7.96 -0.59 -11.12
CA ASN A 11 7.02 -1.66 -11.48
C ASN A 11 6.02 -1.83 -10.33
N LYS A 12 4.74 -1.53 -10.59
CA LYS A 12 3.69 -1.62 -9.56
C LYS A 12 3.32 -3.07 -9.22
N GLU A 13 3.43 -3.99 -10.20
CA GLU A 13 3.01 -5.40 -10.03
C GLU A 13 3.72 -6.07 -8.84
N GLU A 14 5.06 -5.98 -8.86
CA GLU A 14 5.91 -6.53 -7.79
C GLU A 14 5.65 -5.83 -6.45
N LEU A 15 5.24 -4.53 -6.51
CA LEU A 15 4.87 -3.76 -5.31
C LEU A 15 3.55 -4.28 -4.70
N LEU A 16 2.65 -4.81 -5.58
CA LEU A 16 1.33 -5.36 -5.16
C LEU A 16 1.55 -6.71 -4.45
N GLU A 17 2.52 -7.48 -4.98
CA GLU A 17 2.94 -8.78 -4.43
C GLU A 17 3.70 -8.64 -3.08
N ILE A 18 4.68 -7.70 -3.01
CA ILE A 18 5.44 -7.42 -1.77
C ILE A 18 4.50 -6.83 -0.69
N ALA A 19 3.51 -6.04 -1.15
CA ALA A 19 2.46 -5.50 -0.28
C ALA A 19 1.69 -6.64 0.40
N LEU A 20 1.12 -7.50 -0.46
CA LEU A 20 0.34 -8.70 -0.08
C LEU A 20 1.10 -9.58 0.95
N LYS A 21 2.43 -9.66 0.75
CA LYS A 21 3.35 -10.38 1.66
C LYS A 21 3.36 -9.75 3.08
N PHE A 22 3.58 -8.42 3.14
CA PHE A 22 3.74 -7.69 4.43
C PHE A 22 2.40 -7.61 5.17
N ILE A 23 1.30 -7.42 4.42
CA ILE A 23 -0.05 -7.29 4.96
C ILE A 23 -0.48 -8.62 5.58
N SER A 24 -0.18 -9.73 4.88
CA SER A 24 -0.48 -11.11 5.34
C SER A 24 0.26 -11.45 6.64
N GLN A 25 1.48 -10.89 6.81
CA GLN A 25 2.29 -11.06 8.03
C GLN A 25 1.79 -10.15 9.17
N GLY A 26 1.04 -9.09 8.82
CA GLY A 26 0.57 -8.08 9.79
C GLY A 26 1.59 -6.97 10.02
N LEU A 27 2.55 -6.84 9.10
CA LEU A 27 3.57 -5.78 9.09
C LEU A 27 3.05 -4.57 8.31
N ASP A 28 3.28 -3.36 8.86
CA ASP A 28 2.98 -2.10 8.16
C ASP A 28 4.06 -1.89 7.08
N LEU A 29 3.63 -1.44 5.89
CA LEU A 29 4.52 -1.25 4.74
C LEU A 29 4.20 0.06 4.05
N GLU A 30 5.22 0.84 3.67
CA GLU A 30 5.01 2.06 2.88
C GLU A 30 5.62 1.85 1.49
N VAL A 31 4.83 1.97 0.43
CA VAL A 31 5.29 1.81 -0.96
C VAL A 31 5.11 3.12 -1.72
N GLU A 32 6.24 3.70 -2.17
CA GLU A 32 6.28 4.94 -2.94
C GLU A 32 6.57 4.58 -4.40
N PHE A 33 5.53 4.64 -5.23
CA PHE A 33 5.61 4.23 -6.63
C PHE A 33 6.27 5.35 -7.45
N ASP A 34 7.54 5.09 -7.82
CA ASP A 34 8.39 6.06 -8.51
C ASP A 34 8.14 5.99 -10.03
N SER A 35 7.05 6.63 -10.45
CA SER A 35 6.64 6.72 -11.87
C SER A 35 5.77 7.96 -12.08
N THR A 36 5.67 8.38 -13.34
CA THR A 36 4.78 9.49 -13.78
C THR A 36 3.82 9.01 -14.87
N ASP A 37 3.69 7.69 -15.02
CA ASP A 37 2.77 7.07 -15.99
C ASP A 37 1.43 6.84 -15.29
N ASP A 38 0.43 7.67 -15.64
CA ASP A 38 -0.90 7.66 -15.00
C ASP A 38 -1.57 6.26 -15.03
N LYS A 39 -1.37 5.49 -16.12
CA LYS A 39 -2.07 4.20 -16.33
C LYS A 39 -1.71 3.19 -15.23
N GLU A 40 -0.40 2.92 -15.09
CA GLU A 40 0.11 1.94 -14.11
C GLU A 40 -0.05 2.47 -12.66
N ILE A 41 -0.04 3.81 -12.50
CA ILE A 41 -0.37 4.48 -11.21
C ILE A 41 -1.82 4.15 -10.78
N GLU A 42 -2.77 4.21 -11.72
CA GLU A 42 -4.20 3.92 -11.48
C GLU A 42 -4.42 2.47 -11.06
N GLU A 43 -3.69 1.56 -11.72
CA GLU A 43 -3.74 0.11 -11.43
C GLU A 43 -3.13 -0.20 -10.06
N PHE A 44 -2.12 0.59 -9.67
CA PHE A 44 -1.47 0.51 -8.35
C PHE A 44 -2.48 0.95 -7.27
N GLU A 45 -3.20 2.07 -7.55
CA GLU A 45 -4.25 2.63 -6.66
C GLU A 45 -5.30 1.58 -6.34
N ARG A 46 -6.01 1.13 -7.39
CA ARG A 46 -7.18 0.26 -7.28
C ARG A 46 -6.84 -1.08 -6.57
N ASP A 47 -5.69 -1.70 -6.92
CA ASP A 47 -5.28 -2.99 -6.33
C ASP A 47 -4.86 -2.85 -4.85
N MET A 48 -4.29 -1.67 -4.47
CA MET A 48 -3.95 -1.37 -3.04
C MET A 48 -5.22 -1.11 -2.21
N GLU A 49 -6.18 -0.37 -2.81
CA GLU A 49 -7.48 -0.05 -2.19
C GLU A 49 -8.29 -1.33 -1.92
N ASP A 50 -8.31 -2.23 -2.93
CA ASP A 50 -8.97 -3.54 -2.81
C ASP A 50 -8.23 -4.41 -1.78
N LEU A 51 -6.87 -4.40 -1.82
CA LEU A 51 -6.02 -5.17 -0.88
C LEU A 51 -6.41 -4.87 0.57
N ALA A 52 -6.49 -3.56 0.87
CA ALA A 52 -6.81 -3.04 2.20
C ALA A 52 -8.22 -3.44 2.65
N LYS A 53 -9.23 -3.19 1.78
CA LYS A 53 -10.64 -3.42 2.11
C LYS A 53 -10.93 -4.94 2.34
N LYS A 54 -10.35 -5.78 1.46
CA LYS A 54 -10.45 -7.26 1.54
C LYS A 54 -9.84 -7.80 2.85
N THR A 55 -8.78 -7.14 3.34
CA THR A 55 -8.11 -7.52 4.61
C THR A 55 -8.64 -6.71 5.81
N GLY A 56 -9.58 -5.78 5.55
CA GLY A 56 -10.25 -5.01 6.60
C GLY A 56 -9.42 -3.89 7.21
N VAL A 57 -8.31 -3.53 6.54
CA VAL A 57 -7.41 -2.43 6.99
C VAL A 57 -7.61 -1.19 6.09
N GLN A 58 -6.85 -0.12 6.39
CA GLN A 58 -6.93 1.15 5.64
C GLN A 58 -5.60 1.44 4.92
N ILE A 59 -5.62 2.41 4.00
CA ILE A 59 -4.40 2.95 3.36
C ILE A 59 -4.48 4.48 3.30
N GLN A 60 -3.33 5.12 2.98
CA GLN A 60 -3.23 6.58 2.84
C GLN A 60 -2.44 6.94 1.58
N LYS A 61 -3.13 7.56 0.61
CA LYS A 61 -2.50 8.07 -0.62
C LYS A 61 -1.89 9.45 -0.34
N GLN A 62 -0.58 9.55 -0.47
CA GLN A 62 0.18 10.77 -0.25
C GLN A 62 1.06 10.99 -1.49
N TRP A 63 0.59 11.86 -2.38
CA TRP A 63 1.32 12.24 -3.59
C TRP A 63 2.49 13.15 -3.19
N GLN A 64 3.70 12.81 -3.63
CA GLN A 64 4.94 13.50 -3.32
C GLN A 64 5.68 13.77 -4.64
N GLY A 65 5.50 14.98 -5.21
CA GLY A 65 6.18 15.41 -6.44
C GLY A 65 5.89 14.51 -7.63
N ASN A 66 4.59 14.35 -7.96
CA ASN A 66 4.09 13.54 -9.11
C ASN A 66 4.29 12.02 -8.93
N LYS A 67 4.72 11.59 -7.71
CA LYS A 67 4.96 10.17 -7.38
C LYS A 67 3.93 9.75 -6.32
N LEU A 68 3.18 8.67 -6.60
CA LEU A 68 2.10 8.22 -5.70
C LEU A 68 2.69 7.31 -4.59
N ARG A 69 2.74 7.82 -3.35
CA ARG A 69 3.13 7.01 -2.19
C ARG A 69 1.88 6.55 -1.44
N ILE A 70 1.61 5.25 -1.45
CA ILE A 70 0.51 4.67 -0.67
C ILE A 70 1.10 3.98 0.57
N ARG A 71 0.67 4.41 1.77
CA ARG A 71 1.07 3.78 3.02
C ARG A 71 0.01 2.73 3.40
N LEU A 72 0.51 1.51 3.54
CA LEU A 72 -0.28 0.31 3.87
C LEU A 72 -0.08 0.04 5.37
N LYS A 73 -1.13 -0.39 6.07
CA LYS A 73 -1.02 -0.83 7.48
C LYS A 73 -1.46 -2.30 7.61
N GLY A 74 -0.87 -3.01 8.59
CA GLY A 74 -1.17 -4.42 8.83
C GLY A 74 -2.42 -4.60 9.69
N SER A 75 -2.72 -3.55 10.48
CA SER A 75 -3.89 -3.51 11.37
C SER A 75 -4.19 -2.05 11.77
N LEU A 76 -5.25 -1.86 12.57
CA LEU A 76 -5.72 -0.56 13.08
C LEU A 76 -5.80 -0.60 14.62
N GLU A 77 -6.33 0.49 15.24
CA GLU A 77 -6.71 0.48 16.68
C GLU A 77 -7.86 -0.52 16.86
N HIS A 78 -8.77 -0.44 15.90
CA HIS A 78 -9.90 -1.34 15.70
C HIS A 78 -10.37 -1.16 14.24
N HIS A 79 -10.80 -2.24 13.59
CA HIS A 79 -11.21 -2.20 12.16
C HIS A 79 -12.43 -1.27 12.00
N HIS A 80 -12.17 -0.08 11.40
CA HIS A 80 -13.11 1.07 11.35
C HIS A 80 -14.34 0.76 10.46
N HIS A 81 -15.28 0.01 11.07
CA HIS A 81 -16.59 -0.43 10.48
C HIS A 81 -17.28 -1.47 11.39
N HIS A 82 -16.64 -1.81 12.54
CA HIS A 82 -17.11 -2.86 13.47
C HIS A 82 -18.18 -2.29 14.44
N HIS A 83 -19.40 -2.08 13.90
CA HIS A 83 -20.61 -1.67 14.63
C HIS A 83 -21.76 -1.57 13.58
#